data_8DIU
#
_entry.id   8DIU
#
_cell.length_a   1.00
_cell.length_b   1.00
_cell.length_c   1.00
_cell.angle_alpha   90.00
_cell.angle_beta   90.00
_cell.angle_gamma   90.00
#
_symmetry.space_group_name_H-M   'P 1'
#
loop_
_entity.id
_entity.type
_entity.pdbx_description
1 polymer hemagglutinin
2 polymer 'CR6261 Fab heavy chain'
3 polymer 'CR6261 Fab light chain'
4 branched beta-D-mannopyranose-(1-4)-2-acetamido-2-deoxy-beta-D-glucopyranose-(1-4)-2-acetamido-2-deoxy-beta-D-glucopyranose
5 branched 2-acetamido-2-deoxy-beta-D-glucopyranose-(1-4)-2-acetamido-2-deoxy-beta-D-glucopyranose
6 non-polymer 2-acetamido-2-deoxy-beta-D-glucopyranose
7 water water
#
loop_
_entity_poly.entity_id
_entity_poly.type
_entity_poly.pdbx_seq_one_letter_code
_entity_poly.pdbx_strand_id
1 'polypeptide(L)'
;MVLVNQSHQGFNKEHTSKMVSAIVLYVLLAAAAHSAFAGSDTICIGYHANNSTDTVDTVLEKNVTVTHSVNLLEDSHNGK
LCRLKGTAPLQLGNCSVAGWILGNPECESLFSKESWSYIAETPKPENGTCYPGYFADYEELREQLSSVSSFERFEIFPKE
SSWPNHTVTKGVTAACSHNGKSSFYKNLLWLTEKNGLYPNLSKSYVNNKEKEVLVLWGVHHPSNIGDQRAIYHTENAYVS
VVSSHYSRRFTPEIAKRPKVRGQEGRINYYWTLLEPGDTIIFEANGNLIAPWYAFALSRGFGSGIITSNASMGECDAKCQ
TPQGAINSSLPFQNVHPVTIGECPKYVRSTKLRMVTGLRNIPSIQSRGLFGAIAGFIEGGWTGMIDGWYGYHHQNEQGSG
YAADQKSTQNAINGITNKVNSVIEKMNTQFTAVGKEFNKLERRMENLNKKVDDGFLDIWTYNAELLVLLENERTLDFHDS
NVKNLYEKVKNQLKNNAKEIGNGCFEFYHKCNNECMESVKNGTYDYPKYSEEFLVPRGSPGSGYIPEAPRDGQAYVRKDG
EWVLLSTFLGHHHHHH
;
D,A,B
2 'polypeptide(L)'
;MEWSWVFLFFLSVTTGVHSEVQLVESGAEVKKPGSSVKVSCKASGGPFRSYAISWVRQAPGQGPEWMGGIIPIFGTTKYA
PKFQGRVTITADDFAGTVYMELSSLRSEDTAMYYCAKHMGYQVRETMDVWGKGTTVTVSSASTKGPSVFPLAPSSKSTSG
GTAALGCLVKDYFPEPVTVSWNSGALTSGVHTFPAVLQSSGLYSLSSVVTVPSSSLGTQTYICNVNHKPSNTKVDKRVEP
KSCDKHHHHHH
;
G,E,H
3 'polypeptide(L)'
;MEWSWVFLFFLSVTTGVHSQSVLTQPPSVSAAPGQKVTISCSGSSSNIGNDYVSWYQQLPGTAPKLLIYDNNKRPSGIPD
RFSGSKSGTSATLGITGLQTGDEANYYCATWDRRPTAYVVFGGGTKLTVLGAAAGQPKAAPSVTLFPPSSEELQANKATL
VCLISDFYPGAVTVAWKADSSPVKAGVETTTPSKQSNNKYAASSYLSLTPEQWKSHRSYSCQVTHEGSTVEKTVAPTECS
;
C,F,I
#
# COMPACT_ATOMS: atom_id res chain seq x y z
N SER A 40 11.40 -29.87 -51.22
CA SER A 40 11.92 -28.61 -50.69
C SER A 40 12.25 -28.73 -49.21
N ASP A 41 13.37 -28.14 -48.81
CA ASP A 41 13.81 -28.15 -47.42
C ASP A 41 13.16 -27.00 -46.65
N THR A 42 12.80 -27.26 -45.40
CA THR A 42 12.00 -26.31 -44.62
C THR A 42 12.55 -26.16 -43.22
N ILE A 43 12.37 -24.97 -42.65
CA ILE A 43 12.66 -24.72 -41.24
C ILE A 43 11.52 -23.89 -40.64
N CYS A 44 11.08 -24.28 -39.43
CA CYS A 44 9.99 -23.59 -38.75
C CYS A 44 10.40 -23.24 -37.32
N ILE A 45 9.76 -22.18 -36.79
CA ILE A 45 10.00 -21.67 -35.44
C ILE A 45 8.76 -21.91 -34.60
N GLY A 46 8.96 -22.36 -33.36
CA GLY A 46 7.81 -22.63 -32.51
C GLY A 46 8.16 -22.68 -31.03
N TYR A 47 7.16 -23.04 -30.23
CA TYR A 47 7.27 -23.01 -28.78
C TYR A 47 6.68 -24.30 -28.18
N HIS A 48 6.74 -24.37 -26.85
CA HIS A 48 6.59 -25.60 -26.08
C HIS A 48 5.16 -25.78 -25.58
N ALA A 49 4.77 -27.04 -25.36
CA ALA A 49 3.47 -27.40 -24.79
C ALA A 49 3.59 -28.70 -24.03
N ASN A 50 2.68 -28.91 -23.09
CA ASN A 50 2.62 -30.17 -22.31
C ASN A 50 1.16 -30.44 -21.96
N ASN A 51 0.94 -31.28 -20.93
CA ASN A 51 -0.41 -31.67 -20.55
C ASN A 51 -0.86 -31.08 -19.21
N SER A 52 -0.24 -29.99 -18.76
CA SER A 52 -0.61 -29.44 -17.46
C SER A 52 -2.01 -28.85 -17.50
N THR A 53 -2.61 -28.72 -16.32
CA THR A 53 -3.97 -28.23 -16.18
C THR A 53 -4.06 -27.14 -15.12
N ASP A 54 -2.99 -26.39 -14.92
CA ASP A 54 -2.97 -25.33 -13.93
C ASP A 54 -3.38 -24.00 -14.56
N THR A 55 -4.06 -23.17 -13.77
CA THR A 55 -4.62 -21.92 -14.25
C THR A 55 -4.20 -20.77 -13.33
N VAL A 56 -4.06 -19.58 -13.89
CA VAL A 56 -3.68 -18.38 -13.14
C VAL A 56 -4.59 -17.24 -13.55
N ASP A 57 -4.75 -16.26 -12.65
CA ASP A 57 -5.61 -15.12 -12.90
C ASP A 57 -4.82 -13.96 -13.47
N THR A 58 -5.40 -13.28 -14.44
CA THR A 58 -4.82 -12.13 -15.13
C THR A 58 -5.83 -10.99 -15.06
N VAL A 59 -5.33 -9.76 -15.10
CA VAL A 59 -6.25 -8.61 -14.99
C VAL A 59 -7.16 -8.51 -16.23
N LEU A 60 -6.71 -9.01 -17.38
CA LEU A 60 -7.54 -9.01 -18.59
C LEU A 60 -8.27 -10.31 -18.84
N GLU A 61 -7.97 -11.38 -18.12
CA GLU A 61 -8.63 -12.66 -18.36
C GLU A 61 -8.49 -13.56 -17.14
N LYS A 62 -9.45 -14.48 -17.00
CA LYS A 62 -9.49 -15.41 -15.90
C LYS A 62 -9.27 -16.83 -16.42
N ASN A 63 -8.98 -17.73 -15.47
CA ASN A 63 -8.60 -19.13 -15.74
C ASN A 63 -7.24 -19.21 -16.43
N VAL A 64 -7.21 -19.39 -17.76
CA VAL A 64 -5.97 -19.41 -18.54
C VAL A 64 -5.03 -20.54 -18.11
N THR A 65 -4.98 -21.60 -18.91
CA THR A 65 -4.07 -22.71 -18.67
C THR A 65 -2.65 -22.34 -19.10
N VAL A 66 -1.67 -22.74 -18.28
CA VAL A 66 -0.27 -22.41 -18.50
C VAL A 66 0.56 -23.68 -18.37
N THR A 67 1.83 -23.58 -18.79
CA THR A 67 2.73 -24.73 -18.78
C THR A 67 3.44 -24.94 -17.45
N HIS A 68 3.81 -23.86 -16.76
CA HIS A 68 4.53 -23.95 -15.50
C HIS A 68 4.05 -22.83 -14.57
N SER A 69 4.00 -23.11 -13.28
CA SER A 69 3.60 -22.13 -12.27
C SER A 69 4.08 -22.59 -10.90
N VAL A 70 4.00 -21.66 -9.93
CA VAL A 70 4.31 -21.95 -8.54
C VAL A 70 3.19 -21.44 -7.66
N ASN A 71 3.04 -22.07 -6.48
CA ASN A 71 2.05 -21.69 -5.49
C ASN A 71 2.72 -20.96 -4.34
N LEU A 72 2.11 -19.85 -3.92
CA LEU A 72 2.69 -18.97 -2.92
C LEU A 72 1.96 -18.99 -1.58
N LEU A 73 0.89 -19.76 -1.44
CA LEU A 73 0.04 -19.72 -0.27
C LEU A 73 0.02 -21.08 0.42
N GLU A 74 0.12 -21.07 1.75
CA GLU A 74 0.11 -22.26 2.57
C GLU A 74 -1.22 -22.38 3.32
N ASP A 75 -1.79 -23.58 3.34
CA ASP A 75 -3.12 -23.75 3.90
C ASP A 75 -3.29 -25.01 4.75
N SER A 76 -2.21 -25.57 5.30
CA SER A 76 -2.31 -26.82 6.05
C SER A 76 -1.52 -26.73 7.35
N HIS A 77 -2.00 -27.43 8.36
CA HIS A 77 -1.32 -27.56 9.65
C HIS A 77 -1.50 -28.98 10.15
N ASN A 78 -0.79 -29.33 11.24
CA ASN A 78 -0.81 -30.69 11.74
C ASN A 78 -1.78 -30.91 12.90
N GLY A 79 -2.26 -29.85 13.54
CA GLY A 79 -3.32 -29.97 14.52
C GLY A 79 -2.91 -30.28 15.94
N LYS A 80 -1.65 -30.08 16.31
CA LYS A 80 -1.15 -30.37 17.64
C LYS A 80 -0.37 -29.18 18.17
N LEU A 81 -0.08 -29.22 19.47
CA LEU A 81 0.88 -28.31 20.09
C LEU A 81 2.22 -29.03 20.18
N CYS A 82 3.22 -28.48 19.51
CA CYS A 82 4.51 -29.13 19.37
C CYS A 82 5.62 -28.20 19.86
N ARG A 83 6.84 -28.72 19.91
CA ARG A 83 7.96 -28.04 20.56
C ARG A 83 8.60 -27.01 19.63
N LEU A 84 9.04 -25.89 20.22
CA LEU A 84 9.74 -24.83 19.51
C LEU A 84 11.16 -24.75 20.04
N LYS A 85 12.14 -24.92 19.15
CA LYS A 85 13.57 -24.87 19.50
C LYS A 85 13.91 -25.88 20.60
N GLY A 86 13.26 -27.04 20.55
CA GLY A 86 13.58 -28.13 21.46
C GLY A 86 13.02 -28.02 22.86
N THR A 87 12.19 -27.01 23.14
CA THR A 87 11.61 -26.82 24.46
C THR A 87 10.09 -26.92 24.37
N ALA A 88 9.50 -27.66 25.30
CA ALA A 88 8.07 -27.85 25.35
C ALA A 88 7.39 -26.63 25.99
N PRO A 89 6.14 -26.36 25.63
CA PRO A 89 5.41 -25.25 26.25
C PRO A 89 4.91 -25.60 27.64
N LEU A 90 4.37 -24.59 28.32
CA LEU A 90 3.71 -24.75 29.61
C LEU A 90 2.20 -24.75 29.36
N GLN A 91 1.57 -25.88 29.69
CA GLN A 91 0.13 -26.04 29.50
C GLN A 91 -0.57 -25.88 30.84
N LEU A 92 -1.46 -24.89 30.93
CA LEU A 92 -2.15 -24.61 32.18
C LEU A 92 -3.27 -25.60 32.47
N GLY A 93 -3.88 -26.17 31.45
CA GLY A 93 -4.97 -27.10 31.65
C GLY A 93 -6.25 -26.44 32.10
N ASN A 94 -6.71 -26.75 33.31
CA ASN A 94 -7.89 -26.13 33.87
C ASN A 94 -7.63 -24.80 34.58
N CYS A 95 -6.37 -24.41 34.74
CA CYS A 95 -6.04 -23.20 35.49
C CYS A 95 -5.83 -22.02 34.54
N SER A 96 -6.04 -20.83 35.07
CA SER A 96 -5.77 -19.59 34.35
C SER A 96 -4.46 -18.99 34.86
N VAL A 97 -4.12 -17.80 34.36
CA VAL A 97 -2.91 -17.14 34.81
C VAL A 97 -3.04 -16.77 36.29
N ALA A 98 -4.24 -16.36 36.71
CA ALA A 98 -4.46 -16.01 38.11
C ALA A 98 -4.32 -17.22 39.03
N GLY A 99 -4.94 -18.34 38.66
CA GLY A 99 -4.83 -19.54 39.47
C GLY A 99 -3.43 -20.11 39.49
N TRP A 100 -2.71 -20.00 38.37
CA TRP A 100 -1.34 -20.48 38.31
C TRP A 100 -0.41 -19.63 39.17
N ILE A 101 -0.57 -18.31 39.10
CA ILE A 101 0.36 -17.42 39.79
C ILE A 101 0.00 -17.22 41.27
N LEU A 102 -1.25 -17.46 41.65
CA LEU A 102 -1.65 -17.33 43.05
C LEU A 102 -1.44 -18.60 43.86
N GLY A 103 -1.43 -19.75 43.20
CA GLY A 103 -1.23 -21.02 43.88
C GLY A 103 -2.52 -21.72 44.22
N ASN A 104 -3.43 -21.80 43.26
CA ASN A 104 -4.68 -22.51 43.46
C ASN A 104 -4.39 -23.96 43.85
N PRO A 105 -5.11 -24.51 44.84
CA PRO A 105 -4.77 -25.86 45.31
C PRO A 105 -4.90 -26.93 44.25
N GLU A 106 -5.62 -26.67 43.16
CA GLU A 106 -5.81 -27.65 42.09
C GLU A 106 -4.79 -27.50 40.97
N CYS A 107 -3.87 -26.55 41.05
CA CYS A 107 -2.82 -26.36 40.05
C CYS A 107 -1.45 -26.78 40.55
N GLU A 108 -1.39 -27.52 41.66
CA GLU A 108 -0.13 -27.81 42.32
C GLU A 108 0.82 -28.62 41.45
N SER A 109 0.33 -29.26 40.40
CA SER A 109 1.19 -30.02 39.50
C SER A 109 1.99 -29.14 38.55
N LEU A 110 1.70 -27.85 38.46
CA LEU A 110 2.41 -26.96 37.56
C LEU A 110 3.65 -26.34 38.20
N PHE A 111 3.92 -26.61 39.47
CA PHE A 111 5.05 -25.96 40.15
C PHE A 111 6.38 -26.54 39.72
N SER A 112 6.40 -27.74 39.13
CA SER A 112 7.67 -28.36 38.76
C SER A 112 8.28 -27.69 37.53
N LYS A 113 7.44 -27.29 36.57
CA LYS A 113 7.94 -26.71 35.33
C LYS A 113 8.33 -25.26 35.57
N GLU A 114 9.60 -24.93 35.32
CA GLU A 114 10.12 -23.61 35.56
C GLU A 114 10.72 -22.95 34.32
N SER A 115 10.64 -23.60 33.16
CA SER A 115 11.07 -23.00 31.90
C SER A 115 10.18 -23.50 30.78
N TRP A 116 9.96 -22.66 29.78
CA TRP A 116 9.01 -22.95 28.72
C TRP A 116 9.38 -22.15 27.48
N SER A 117 8.78 -22.51 26.35
CA SER A 117 8.91 -21.75 25.12
C SER A 117 7.72 -20.86 24.84
N TYR A 118 6.53 -21.25 25.30
CA TYR A 118 5.34 -20.40 25.26
C TYR A 118 4.32 -20.99 26.22
N ILE A 119 3.22 -20.26 26.42
CA ILE A 119 2.18 -20.65 27.36
C ILE A 119 0.88 -20.87 26.58
N ALA A 120 0.22 -22.00 26.84
CA ALA A 120 -1.04 -22.35 26.20
C ALA A 120 -2.15 -22.40 27.25
N GLU A 121 -3.30 -21.82 26.93
CA GLU A 121 -4.43 -21.72 27.84
C GLU A 121 -5.70 -22.16 27.12
N THR A 122 -6.64 -22.71 27.88
CA THR A 122 -7.90 -23.16 27.31
C THR A 122 -8.89 -22.01 27.19
N PRO A 123 -9.85 -22.10 26.27
CA PRO A 123 -10.78 -20.98 26.05
C PRO A 123 -11.58 -20.56 27.28
N LYS A 124 -12.01 -21.51 28.11
CA LYS A 124 -12.83 -21.22 29.29
C LYS A 124 -12.25 -21.92 30.50
N PRO A 125 -11.17 -21.39 31.08
CA PRO A 125 -10.58 -22.04 32.25
C PRO A 125 -11.52 -21.99 33.44
N GLU A 126 -11.40 -23.01 34.29
CA GLU A 126 -12.36 -23.21 35.36
C GLU A 126 -11.87 -22.76 36.73
N ASN A 127 -10.57 -22.84 37.01
CA ASN A 127 -10.06 -22.39 38.30
C ASN A 127 -8.95 -21.35 38.22
N GLY A 128 -9.31 -20.15 38.64
CA GLY A 128 -8.42 -19.08 39.00
C GLY A 128 -8.54 -18.78 40.48
N THR A 129 -9.13 -17.64 40.83
CA THR A 129 -9.34 -17.25 42.23
C THR A 129 -10.52 -18.01 42.81
N CYS A 130 -10.24 -18.91 43.76
CA CYS A 130 -11.30 -19.68 44.39
C CYS A 130 -12.06 -18.88 45.46
N TYR A 131 -11.48 -17.80 45.96
CA TYR A 131 -12.16 -16.92 46.90
C TYR A 131 -12.56 -15.63 46.19
N PRO A 132 -13.82 -15.22 46.26
CA PRO A 132 -14.27 -14.05 45.50
C PRO A 132 -13.53 -12.78 45.90
N GLY A 133 -13.30 -11.93 44.92
CA GLY A 133 -12.62 -10.67 45.17
C GLY A 133 -12.16 -10.06 43.85
N TYR A 134 -11.42 -8.96 44.00
CA TYR A 134 -10.96 -8.16 42.87
C TYR A 134 -9.45 -8.28 42.72
N PHE A 135 -8.99 -8.53 41.50
CA PHE A 135 -7.57 -8.62 41.16
C PHE A 135 -7.16 -7.34 40.43
N ALA A 136 -6.23 -6.61 41.02
CA ALA A 136 -5.86 -5.28 40.52
C ALA A 136 -4.76 -5.38 39.46
N ASP A 137 -4.99 -4.71 38.33
CA ASP A 137 -4.03 -4.66 37.22
C ASP A 137 -3.70 -6.07 36.70
N TYR A 138 -4.75 -6.85 36.48
CA TYR A 138 -4.58 -8.24 36.06
C TYR A 138 -4.06 -8.34 34.62
N GLU A 139 -4.60 -7.51 33.73
CA GLU A 139 -4.18 -7.54 32.33
C GLU A 139 -2.76 -7.01 32.17
N GLU A 140 -2.36 -6.03 32.97
CA GLU A 140 -0.97 -5.58 32.97
C GLU A 140 -0.04 -6.69 33.46
N LEU A 141 -0.49 -7.47 34.44
CA LEU A 141 0.31 -8.61 34.89
C LEU A 141 0.45 -9.66 33.80
N ARG A 142 -0.62 -9.92 33.04
CA ARG A 142 -0.51 -10.84 31.91
C ARG A 142 0.46 -10.32 30.86
N GLU A 143 0.40 -9.01 30.58
CA GLU A 143 1.34 -8.41 29.63
C GLU A 143 2.78 -8.53 30.11
N GLN A 144 3.01 -8.34 31.41
CA GLN A 144 4.36 -8.51 31.97
C GLN A 144 4.82 -9.96 31.87
N LEU A 145 3.92 -10.91 32.16
CA LEU A 145 4.31 -12.32 32.16
C LEU A 145 4.49 -12.88 30.76
N SER A 146 3.93 -12.21 29.73
CA SER A 146 4.08 -12.72 28.37
C SER A 146 5.48 -12.56 27.81
N SER A 147 6.42 -11.95 28.54
CA SER A 147 7.80 -11.81 28.08
C SER A 147 8.78 -12.43 29.06
N VAL A 148 8.35 -13.43 29.82
CA VAL A 148 9.17 -14.12 30.80
C VAL A 148 9.41 -15.54 30.28
N SER A 149 10.66 -15.99 30.32
CA SER A 149 11.00 -17.33 29.83
C SER A 149 11.21 -18.33 30.95
N SER A 150 11.58 -17.89 32.14
CA SER A 150 11.74 -18.78 33.29
C SER A 150 11.71 -17.94 34.56
N PHE A 151 11.43 -18.62 35.68
CA PHE A 151 11.55 -17.96 36.97
C PHE A 151 11.95 -19.00 38.02
N GLU A 152 12.18 -18.51 39.24
CA GLU A 152 12.49 -19.35 40.39
C GLU A 152 11.50 -19.05 41.50
N ARG A 153 10.83 -20.09 42.00
CA ARG A 153 9.90 -19.96 43.12
C ARG A 153 10.65 -20.18 44.42
N PHE A 154 10.74 -19.15 45.26
CA PHE A 154 11.46 -19.22 46.52
C PHE A 154 10.61 -18.64 47.64
N GLU A 155 10.90 -19.09 48.86
CA GLU A 155 10.16 -18.70 50.06
C GLU A 155 10.68 -17.36 50.55
N ILE A 156 9.92 -16.28 50.28
CA ILE A 156 10.34 -14.96 50.71
C ILE A 156 10.20 -14.82 52.23
N PHE A 157 9.10 -15.31 52.80
CA PHE A 157 8.89 -15.34 54.25
C PHE A 157 8.58 -16.77 54.66
N PRO A 158 9.54 -17.49 55.24
CA PRO A 158 9.27 -18.86 55.68
C PRO A 158 8.14 -18.92 56.71
N LYS A 159 7.30 -19.94 56.58
CA LYS A 159 6.06 -20.00 57.36
C LYS A 159 6.34 -20.27 58.83
N GLU A 160 7.32 -21.10 59.13
CA GLU A 160 7.52 -21.59 60.50
C GLU A 160 8.51 -20.75 61.30
N SER A 161 9.01 -19.64 60.76
CA SER A 161 9.96 -18.83 61.50
C SER A 161 9.72 -17.32 61.39
N SER A 162 8.71 -16.88 60.65
CA SER A 162 8.54 -15.46 60.38
C SER A 162 7.51 -14.78 61.28
N TRP A 163 6.60 -15.54 61.88
CA TRP A 163 5.50 -14.98 62.67
C TRP A 163 5.43 -15.69 64.01
N PRO A 164 6.36 -15.40 64.94
CA PRO A 164 6.30 -16.02 66.27
C PRO A 164 5.01 -15.74 67.01
N ASN A 165 4.49 -14.53 66.90
CA ASN A 165 3.17 -14.16 67.39
C ASN A 165 2.25 -14.08 66.18
N HIS A 166 1.04 -14.66 66.32
CA HIS A 166 0.03 -14.92 65.29
C HIS A 166 0.04 -16.40 64.96
N THR A 167 -1.13 -16.99 64.74
CA THR A 167 -1.24 -18.39 64.36
C THR A 167 -1.26 -18.52 62.84
N VAL A 168 -0.61 -19.57 62.34
CA VAL A 168 -0.42 -19.77 60.91
C VAL A 168 -1.07 -21.05 60.42
N THR A 169 -1.92 -21.68 61.24
CA THR A 169 -2.46 -23.01 60.92
C THR A 169 -3.97 -23.05 60.81
N LYS A 170 -4.66 -21.91 60.74
CA LYS A 170 -6.12 -21.91 60.76
C LYS A 170 -6.73 -21.13 59.60
N GLY A 171 -5.95 -20.70 58.62
CA GLY A 171 -6.48 -19.90 57.53
C GLY A 171 -6.94 -20.72 56.34
N VAL A 172 -8.04 -21.47 56.50
CA VAL A 172 -8.57 -22.33 55.46
C VAL A 172 -10.05 -22.02 55.27
N THR A 173 -10.56 -22.37 54.10
CA THR A 173 -11.95 -22.09 53.75
C THR A 173 -12.48 -23.19 52.86
N ALA A 174 -13.81 -23.29 52.81
CA ALA A 174 -14.48 -24.28 51.98
C ALA A 174 -14.59 -23.88 50.52
N ALA A 175 -14.34 -22.61 50.20
CA ALA A 175 -14.35 -22.17 48.81
C ALA A 175 -13.11 -22.61 48.05
N CYS A 176 -12.03 -22.91 48.75
CA CYS A 176 -10.78 -23.36 48.15
C CYS A 176 -10.45 -24.78 48.59
N SER A 177 -11.47 -25.62 48.69
CA SER A 177 -11.28 -26.97 49.20
C SER A 177 -10.57 -27.86 48.19
N HIS A 178 -9.74 -28.78 48.69
CA HIS A 178 -8.98 -29.70 47.88
C HIS A 178 -9.06 -31.09 48.49
N ASN A 179 -9.47 -32.06 47.68
CA ASN A 179 -9.63 -33.45 48.11
C ASN A 179 -10.67 -33.58 49.23
N GLY A 180 -11.69 -32.72 49.20
CA GLY A 180 -12.75 -32.78 50.18
C GLY A 180 -12.46 -32.09 51.50
N LYS A 181 -11.28 -31.49 51.66
CA LYS A 181 -10.92 -30.77 52.87
C LYS A 181 -10.67 -29.31 52.54
N SER A 182 -10.94 -28.44 53.51
CA SER A 182 -10.70 -27.01 53.35
C SER A 182 -9.22 -26.73 53.22
N SER A 183 -8.87 -25.80 52.33
CA SER A 183 -7.48 -25.41 52.14
C SER A 183 -7.45 -23.94 51.70
N PHE A 184 -6.32 -23.52 51.15
CA PHE A 184 -6.10 -22.14 50.77
C PHE A 184 -5.05 -22.12 49.67
N TYR A 185 -4.74 -20.92 49.16
CA TYR A 185 -3.68 -20.77 48.18
C TYR A 185 -2.34 -21.22 48.78
N LYS A 186 -1.42 -21.59 47.89
CA LYS A 186 -0.13 -22.13 48.30
C LYS A 186 1.00 -21.12 48.22
N ASN A 187 0.76 -19.92 47.71
CA ASN A 187 1.77 -18.86 47.69
C ASN A 187 1.43 -17.74 48.66
N LEU A 188 0.37 -17.88 49.45
CA LEU A 188 -0.10 -16.85 50.37
C LEU A 188 -0.43 -17.49 51.71
N LEU A 189 -0.40 -16.67 52.76
CA LEU A 189 -0.64 -17.14 54.12
C LEU A 189 -1.67 -16.27 54.82
N TRP A 190 -2.63 -16.90 55.48
CA TRP A 190 -3.68 -16.20 56.22
C TRP A 190 -3.35 -16.23 57.70
N LEU A 191 -3.01 -15.07 58.26
CA LEU A 191 -2.67 -14.95 59.67
C LEU A 191 -3.90 -14.64 60.51
N THR A 192 -3.89 -15.15 61.75
CA THR A 192 -5.02 -15.02 62.65
C THR A 192 -4.54 -14.68 64.04
N GLU A 193 -5.49 -14.44 64.94
CA GLU A 193 -5.17 -14.03 66.30
C GLU A 193 -4.66 -15.21 67.12
N LYS A 194 -3.67 -14.95 67.97
CA LYS A 194 -3.09 -15.94 68.85
C LYS A 194 -3.26 -15.49 70.30
N ASN A 195 -3.80 -16.37 71.14
CA ASN A 195 -4.03 -16.10 72.56
C ASN A 195 -4.95 -14.89 72.77
N GLY A 196 -5.85 -14.65 71.83
CA GLY A 196 -6.79 -13.55 71.96
C GLY A 196 -6.25 -12.19 71.60
N LEU A 197 -5.12 -12.11 70.89
CA LEU A 197 -4.54 -10.85 70.50
C LEU A 197 -4.09 -10.91 69.04
N TYR A 198 -4.08 -9.75 68.39
CA TYR A 198 -3.53 -9.57 67.06
C TYR A 198 -2.57 -8.38 67.13
N PRO A 199 -1.35 -8.60 67.59
CA PRO A 199 -0.41 -7.48 67.77
C PRO A 199 0.07 -6.91 66.44
N ASN A 200 0.71 -5.76 66.53
CA ASN A 200 1.28 -5.11 65.36
C ASN A 200 2.36 -5.99 64.74
N LEU A 201 2.46 -5.92 63.41
CA LEU A 201 3.50 -6.65 62.69
C LEU A 201 4.25 -5.71 61.77
N SER A 202 5.52 -6.03 61.52
CA SER A 202 6.37 -5.29 60.60
C SER A 202 7.34 -6.26 59.97
N LYS A 203 7.45 -6.24 58.64
CA LYS A 203 8.33 -7.18 57.95
C LYS A 203 9.00 -6.51 56.77
N SER A 204 10.32 -6.72 56.63
CA SER A 204 11.08 -6.15 55.54
C SER A 204 11.79 -7.25 54.77
N TYR A 205 11.98 -7.01 53.47
CA TYR A 205 12.75 -7.92 52.63
C TYR A 205 13.63 -7.12 51.69
N VAL A 206 14.90 -7.53 51.57
CA VAL A 206 15.88 -6.88 50.72
C VAL A 206 16.20 -7.81 49.54
N ASN A 207 16.17 -7.26 48.34
CA ASN A 207 16.40 -8.04 47.12
C ASN A 207 17.89 -8.20 46.88
N ASN A 208 18.36 -9.45 46.88
CA ASN A 208 19.77 -9.76 46.65
C ASN A 208 19.94 -10.86 45.61
N LYS A 209 18.96 -11.01 44.71
CA LYS A 209 18.98 -12.05 43.70
C LYS A 209 19.42 -11.57 42.33
N GLU A 210 19.78 -10.29 42.20
CA GLU A 210 20.23 -9.70 40.95
C GLU A 210 19.19 -9.79 39.83
N LYS A 211 17.93 -9.96 40.20
CA LYS A 211 16.83 -10.02 39.25
C LYS A 211 15.63 -9.30 39.85
N GLU A 212 14.67 -8.97 38.99
CA GLU A 212 13.39 -8.46 39.49
C GLU A 212 12.65 -9.56 40.23
N VAL A 213 11.96 -9.18 41.30
CA VAL A 213 11.18 -10.12 42.10
C VAL A 213 9.72 -9.70 42.08
N LEU A 214 8.84 -10.66 41.78
CA LEU A 214 7.40 -10.40 41.75
C LEU A 214 6.80 -10.78 43.11
N VAL A 215 6.18 -9.82 43.78
CA VAL A 215 5.59 -10.02 45.10
C VAL A 215 4.08 -9.82 45.00
N LEU A 216 3.33 -10.68 45.68
CA LEU A 216 1.87 -10.63 45.70
C LEU A 216 1.36 -10.73 47.13
N TRP A 217 0.26 -10.02 47.41
CA TRP A 217 -0.38 -10.06 48.72
C TRP A 217 -1.88 -9.80 48.54
N GLY A 218 -2.60 -9.79 49.66
CA GLY A 218 -4.03 -9.57 49.62
C GLY A 218 -4.57 -8.93 50.89
N VAL A 219 -5.78 -8.42 50.79
CA VAL A 219 -6.49 -7.76 51.89
C VAL A 219 -7.89 -8.33 52.00
N HIS A 220 -8.31 -8.66 53.22
CA HIS A 220 -9.60 -9.30 53.48
C HIS A 220 -10.66 -8.29 53.90
N HIS A 221 -11.85 -8.40 53.31
CA HIS A 221 -13.01 -7.57 53.64
C HIS A 221 -14.13 -8.47 54.15
N PRO A 222 -14.37 -8.53 55.46
CA PRO A 222 -15.44 -9.38 55.98
C PRO A 222 -16.83 -8.75 55.76
N SER A 223 -17.85 -9.52 56.13
CA SER A 223 -19.23 -9.16 55.84
C SER A 223 -19.95 -8.49 57.00
N ASN A 224 -19.57 -8.78 58.25
CA ASN A 224 -20.20 -8.11 59.39
C ASN A 224 -19.14 -7.77 60.42
N ILE A 225 -19.48 -6.81 61.29
CA ILE A 225 -18.55 -6.33 62.30
C ILE A 225 -18.25 -7.40 63.35
N GLY A 226 -19.17 -8.33 63.59
CA GLY A 226 -18.90 -9.41 64.52
C GLY A 226 -17.75 -10.29 64.09
N ASP A 227 -17.67 -10.63 62.80
CA ASP A 227 -16.54 -11.39 62.29
C ASP A 227 -15.24 -10.60 62.40
N GLN A 228 -15.28 -9.31 62.10
CA GLN A 228 -14.08 -8.47 62.22
C GLN A 228 -13.56 -8.50 63.66
N ARG A 229 -14.46 -8.31 64.63
CA ARG A 229 -14.05 -8.32 66.03
C ARG A 229 -13.59 -9.70 66.49
N ALA A 230 -14.20 -10.77 65.96
CA ALA A 230 -13.83 -12.11 66.40
C ALA A 230 -12.48 -12.55 65.86
N ILE A 231 -12.16 -12.19 64.61
CA ILE A 231 -10.90 -12.63 64.03
C ILE A 231 -9.74 -11.69 64.31
N TYR A 232 -9.95 -10.38 64.35
CA TYR A 232 -8.84 -9.45 64.47
C TYR A 232 -8.84 -8.60 65.73
N HIS A 233 -9.92 -8.62 66.52
CA HIS A 233 -10.00 -7.89 67.78
C HIS A 233 -9.72 -6.40 67.58
N THR A 234 -10.15 -5.87 66.44
CA THR A 234 -9.99 -4.45 66.15
C THR A 234 -11.14 -4.02 65.24
N GLU A 235 -11.38 -2.71 65.22
CA GLU A 235 -12.43 -2.15 64.38
C GLU A 235 -11.89 -1.27 63.26
N ASN A 236 -10.80 -0.55 63.48
CA ASN A 236 -10.20 0.31 62.48
C ASN A 236 -8.80 -0.23 62.17
N ALA A 237 -8.73 -1.14 61.20
CA ALA A 237 -7.48 -1.75 60.79
C ALA A 237 -6.94 -1.07 59.54
N TYR A 238 -5.64 -1.26 59.31
CA TYR A 238 -4.97 -0.70 58.14
C TYR A 238 -3.88 -1.65 57.69
N VAL A 239 -3.55 -1.58 56.40
CA VAL A 239 -2.41 -2.29 55.84
C VAL A 239 -1.58 -1.28 55.06
N SER A 240 -0.27 -1.29 55.27
CA SER A 240 0.64 -0.38 54.58
C SER A 240 1.72 -1.18 53.89
N VAL A 241 1.96 -0.89 52.61
CA VAL A 241 3.03 -1.52 51.84
C VAL A 241 3.85 -0.43 51.17
N VAL A 242 5.16 -0.39 51.45
CA VAL A 242 6.02 0.64 50.88
C VAL A 242 7.31 0.04 50.35
N SER A 243 7.90 0.75 49.38
CA SER A 243 9.23 0.46 48.86
C SER A 243 9.86 1.78 48.44
N SER A 244 10.91 1.72 47.63
CA SER A 244 11.61 2.94 47.22
C SER A 244 10.75 3.82 46.32
N HIS A 245 9.97 3.21 45.42
CA HIS A 245 9.14 3.96 44.49
C HIS A 245 7.69 3.49 44.51
N TYR A 246 7.27 2.79 45.56
CA TYR A 246 5.90 2.32 45.70
C TYR A 246 5.42 2.64 47.10
N SER A 247 4.15 2.99 47.22
CA SER A 247 3.56 3.34 48.50
C SER A 247 2.06 3.19 48.43
N ARG A 248 1.47 2.43 49.34
CA ARG A 248 0.02 2.33 49.36
C ARG A 248 -0.48 1.94 50.75
N ARG A 249 -1.72 2.36 51.01
CA ARG A 249 -2.44 2.10 52.26
C ARG A 249 -3.81 1.54 51.91
N PHE A 250 -4.26 0.56 52.70
CA PHE A 250 -5.52 -0.13 52.48
C PHE A 250 -6.31 -0.18 53.78
N THR A 251 -7.63 -0.02 53.68
CA THR A 251 -8.54 -0.15 54.80
C THR A 251 -9.67 -1.10 54.43
N PRO A 252 -10.01 -2.06 55.29
CA PRO A 252 -11.12 -2.96 54.99
C PRO A 252 -12.48 -2.27 55.02
N GLU A 253 -13.42 -2.84 54.27
CA GLU A 253 -14.78 -2.35 54.17
C GLU A 253 -15.74 -3.47 54.53
N ILE A 254 -16.64 -3.21 55.48
CA ILE A 254 -17.57 -4.21 55.98
C ILE A 254 -18.94 -3.94 55.37
N ALA A 255 -19.47 -4.93 54.65
CA ALA A 255 -20.77 -4.80 54.00
C ALA A 255 -21.31 -6.19 53.72
N LYS A 256 -22.63 -6.26 53.50
CA LYS A 256 -23.28 -7.51 53.13
C LYS A 256 -23.37 -7.60 51.61
N ARG A 257 -22.90 -8.71 51.07
CA ARG A 257 -22.77 -8.89 49.63
C ARG A 257 -23.40 -10.19 49.19
N PRO A 258 -23.84 -10.27 47.94
CA PRO A 258 -24.33 -11.55 47.41
C PRO A 258 -23.24 -12.60 47.41
N LYS A 259 -23.63 -13.85 47.72
CA LYS A 259 -22.68 -14.94 47.75
C LYS A 259 -22.22 -15.30 46.34
N VAL A 260 -20.94 -15.65 46.21
CA VAL A 260 -20.45 -16.08 44.90
C VAL A 260 -20.13 -17.57 44.94
N ARG A 261 -19.11 -17.96 45.69
CA ARG A 261 -18.91 -19.38 46.00
C ARG A 261 -19.33 -19.68 47.43
N GLY A 262 -20.57 -19.31 47.79
CA GLY A 262 -21.04 -19.46 49.15
C GLY A 262 -20.46 -18.48 50.14
N GLN A 263 -19.78 -17.43 49.69
CA GLN A 263 -19.07 -16.50 50.56
C GLN A 263 -19.60 -15.09 50.38
N GLU A 264 -19.82 -14.39 51.51
CA GLU A 264 -20.24 -12.99 51.49
C GLU A 264 -19.09 -12.02 51.72
N GLY A 265 -17.91 -12.50 52.10
CA GLY A 265 -16.73 -11.67 52.21
C GLY A 265 -15.94 -11.64 50.92
N ARG A 266 -14.91 -10.79 50.90
CA ARG A 266 -14.09 -10.64 49.70
C ARG A 266 -12.62 -10.57 50.09
N ILE A 267 -11.75 -10.82 49.11
CA ILE A 267 -10.32 -10.59 49.25
C ILE A 267 -9.81 -9.93 47.99
N ASN A 268 -9.08 -8.83 48.15
CA ASN A 268 -8.49 -8.10 47.03
C ASN A 268 -7.01 -8.44 46.93
N TYR A 269 -6.53 -8.62 45.69
CA TYR A 269 -5.19 -9.12 45.42
C TYR A 269 -4.35 -8.03 44.75
N TYR A 270 -3.12 -7.86 45.22
CA TYR A 270 -2.21 -6.84 44.73
C TYR A 270 -0.83 -7.44 44.47
N TRP A 271 -0.09 -6.81 43.57
CA TRP A 271 1.24 -7.28 43.18
C TRP A 271 2.15 -6.09 42.90
N THR A 272 3.45 -6.35 42.93
CA THR A 272 4.45 -5.35 42.57
C THR A 272 5.73 -6.04 42.14
N LEU A 273 6.59 -5.28 41.44
CA LEU A 273 7.89 -5.74 40.99
C LEU A 273 8.99 -4.99 41.75
N LEU A 274 9.93 -5.73 42.31
CA LEU A 274 11.00 -5.20 43.12
C LEU A 274 12.32 -5.29 42.35
N GLU A 275 12.99 -4.16 42.18
CA GLU A 275 14.23 -4.09 41.42
C GLU A 275 15.39 -4.57 42.27
N PRO A 276 16.48 -5.00 41.63
CA PRO A 276 17.63 -5.53 42.39
C PRO A 276 18.20 -4.50 43.35
N GLY A 277 18.51 -4.96 44.56
CA GLY A 277 19.06 -4.12 45.60
C GLY A 277 18.04 -3.30 46.38
N ASP A 278 16.76 -3.44 46.10
CA ASP A 278 15.72 -2.66 46.75
C ASP A 278 15.10 -3.47 47.91
N THR A 279 14.37 -2.76 48.76
CA THR A 279 13.74 -3.36 49.93
C THR A 279 12.27 -2.97 49.98
N ILE A 280 11.46 -3.86 50.55
CA ILE A 280 10.02 -3.69 50.66
C ILE A 280 9.60 -3.93 52.10
N ILE A 281 8.66 -3.11 52.59
CA ILE A 281 8.22 -3.15 53.98
C ILE A 281 6.70 -3.31 54.03
N PHE A 282 6.25 -4.23 54.89
CA PHE A 282 4.84 -4.49 55.18
C PHE A 282 4.55 -4.14 56.62
N GLU A 283 3.46 -3.40 56.86
CA GLU A 283 2.98 -3.12 58.20
C GLU A 283 1.48 -3.35 58.23
N ALA A 284 0.97 -3.87 59.35
CA ALA A 284 -0.45 -4.20 59.38
C ALA A 284 -0.98 -4.17 60.81
N ASN A 285 -2.24 -3.73 60.92
CA ASN A 285 -3.03 -3.85 62.14
C ASN A 285 -3.92 -5.09 62.13
N GLY A 286 -4.28 -5.56 60.95
CA GLY A 286 -5.09 -6.74 60.78
C GLY A 286 -5.42 -6.91 59.31
N ASN A 287 -6.16 -7.97 59.01
CA ASN A 287 -6.74 -8.21 57.69
C ASN A 287 -5.69 -8.47 56.61
N LEU A 288 -4.47 -8.87 56.96
CA LEU A 288 -3.42 -9.07 55.99
C LEU A 288 -3.32 -10.54 55.59
N ILE A 289 -3.27 -10.79 54.28
CA ILE A 289 -2.92 -12.10 53.74
C ILE A 289 -1.49 -11.95 53.20
N ALA A 290 -0.54 -12.50 53.94
CA ALA A 290 0.88 -12.26 53.77
C ALA A 290 1.44 -13.06 52.60
N PRO A 291 2.51 -12.56 51.97
CA PRO A 291 3.21 -13.35 50.97
C PRO A 291 3.91 -14.56 51.59
N TRP A 292 3.98 -15.63 50.82
CA TRP A 292 4.69 -16.83 51.20
C TRP A 292 5.75 -17.24 50.18
N TYR A 293 5.45 -17.12 48.89
CA TYR A 293 6.40 -17.44 47.82
C TYR A 293 6.43 -16.30 46.83
N ALA A 294 7.62 -16.07 46.26
CA ALA A 294 7.82 -15.04 45.25
C ALA A 294 8.56 -15.64 44.06
N PHE A 295 8.73 -14.84 43.01
CA PHE A 295 9.31 -15.29 41.76
C PHE A 295 10.41 -14.33 41.33
N ALA A 296 11.57 -14.86 40.96
CA ALA A 296 12.65 -14.10 40.34
C ALA A 296 12.64 -14.38 38.85
N LEU A 297 12.43 -13.33 38.04
CA LEU A 297 12.06 -13.48 36.64
C LEU A 297 13.26 -13.32 35.71
N SER A 298 13.24 -14.08 34.61
CA SER A 298 14.20 -13.95 33.53
C SER A 298 13.45 -13.66 32.24
N ARG A 299 13.91 -12.64 31.51
CA ARG A 299 13.24 -12.16 30.31
C ARG A 299 13.83 -12.79 29.05
N GLY A 300 13.03 -12.80 27.99
CA GLY A 300 13.44 -13.35 26.72
C GLY A 300 12.76 -12.73 25.52
N PHE A 301 12.93 -13.33 24.35
CA PHE A 301 12.33 -12.84 23.12
C PHE A 301 11.56 -13.96 22.43
N GLY A 302 10.50 -13.58 21.73
CA GLY A 302 9.71 -14.55 20.99
C GLY A 302 8.93 -15.51 21.88
N SER A 303 7.96 -14.98 22.62
CA SER A 303 7.16 -15.78 23.53
C SER A 303 5.79 -15.12 23.66
N GLY A 304 4.85 -15.84 24.25
CA GLY A 304 3.54 -15.28 24.44
C GLY A 304 2.60 -16.32 25.03
N ILE A 305 1.35 -15.89 25.19
CA ILE A 305 0.28 -16.71 25.72
C ILE A 305 -0.78 -16.86 24.63
N ILE A 306 -1.08 -18.09 24.25
CA ILE A 306 -2.07 -18.36 23.22
C ILE A 306 -3.23 -19.13 23.84
N THR A 307 -4.39 -19.02 23.21
CA THR A 307 -5.61 -19.69 23.65
C THR A 307 -5.95 -20.78 22.64
N SER A 308 -5.92 -22.03 23.08
CA SER A 308 -6.19 -23.15 22.19
C SER A 308 -6.67 -24.35 23.00
N ASN A 309 -7.31 -25.29 22.29
CA ASN A 309 -7.66 -26.59 22.86
C ASN A 309 -7.07 -27.75 22.06
N ALA A 310 -6.05 -27.48 21.24
CA ALA A 310 -5.32 -28.56 20.58
C ALA A 310 -4.52 -29.36 21.60
N SER A 311 -4.32 -30.65 21.31
CA SER A 311 -3.56 -31.51 22.21
C SER A 311 -2.07 -31.39 21.95
N MET A 312 -1.28 -31.87 22.91
CA MET A 312 0.16 -31.87 22.79
C MET A 312 0.64 -33.06 21.98
N GLY A 313 1.64 -32.83 21.12
CA GLY A 313 2.20 -33.88 20.31
C GLY A 313 3.71 -33.95 20.46
N GLU A 314 4.28 -35.01 19.90
CA GLU A 314 5.73 -35.24 19.98
C GLU A 314 6.43 -34.72 18.72
N CYS A 315 6.44 -33.40 18.57
CA CYS A 315 6.91 -32.77 17.35
C CYS A 315 8.09 -31.87 17.63
N ASP A 316 8.61 -31.30 16.55
CA ASP A 316 9.32 -30.04 16.56
C ASP A 316 8.80 -29.23 15.38
N ALA A 317 8.86 -27.90 15.49
CA ALA A 317 8.33 -27.05 14.44
C ALA A 317 9.03 -25.71 14.47
N LYS A 318 8.81 -24.92 13.43
CA LYS A 318 9.32 -23.55 13.37
C LYS A 318 8.24 -22.51 13.66
N CYS A 319 6.97 -22.86 13.47
CA CYS A 319 5.86 -21.95 13.69
C CYS A 319 4.76 -22.68 14.47
N GLN A 320 4.07 -21.94 15.32
CA GLN A 320 2.97 -22.50 16.10
C GLN A 320 1.78 -21.55 16.03
N THR A 321 0.60 -22.10 15.73
CA THR A 321 -0.66 -21.37 15.70
C THR A 321 -1.61 -22.00 16.71
N PRO A 322 -2.70 -21.33 17.07
CA PRO A 322 -3.69 -21.97 17.96
C PRO A 322 -4.31 -23.23 17.38
N GLN A 323 -4.23 -23.44 16.07
CA GLN A 323 -4.79 -24.64 15.43
C GLN A 323 -3.78 -25.77 15.29
N GLY A 324 -2.54 -25.45 14.94
CA GLY A 324 -1.53 -26.47 14.75
C GLY A 324 -0.22 -25.85 14.31
N ALA A 325 0.79 -26.70 14.19
CA ALA A 325 2.14 -26.28 13.83
C ALA A 325 2.34 -26.31 12.32
N ILE A 326 3.36 -25.57 11.87
CA ILE A 326 3.63 -25.43 10.44
C ILE A 326 5.13 -25.55 10.15
N ASN A 327 5.49 -26.43 9.22
CA ASN A 327 6.65 -26.24 8.35
C ASN A 327 6.23 -25.80 6.96
N SER A 328 6.76 -24.64 6.55
CA SER A 328 6.57 -24.10 5.21
C SER A 328 7.61 -23.02 4.99
N SER A 329 8.15 -22.96 3.77
CA SER A 329 8.99 -21.86 3.33
C SER A 329 8.24 -20.90 2.42
N LEU A 330 6.93 -21.07 2.27
CA LEU A 330 6.14 -20.20 1.43
C LEU A 330 6.01 -18.82 2.07
N PRO A 331 5.82 -17.77 1.27
CA PRO A 331 5.73 -16.41 1.83
C PRO A 331 4.38 -16.04 2.44
N PHE A 332 3.33 -16.83 2.24
CA PHE A 332 2.00 -16.47 2.72
C PHE A 332 1.31 -17.68 3.33
N GLN A 333 0.37 -17.41 4.22
CA GLN A 333 -0.50 -18.44 4.80
C GLN A 333 -1.85 -17.82 5.12
N ASN A 334 -2.87 -18.67 5.24
CA ASN A 334 -4.20 -18.22 5.62
C ASN A 334 -4.80 -19.16 6.68
N VAL A 335 -3.99 -19.57 7.65
CA VAL A 335 -4.44 -20.48 8.69
C VAL A 335 -4.95 -19.71 9.89
N HIS A 336 -4.10 -18.87 10.50
CA HIS A 336 -4.50 -18.10 11.67
C HIS A 336 -3.65 -16.84 11.78
N PRO A 337 -4.25 -15.71 12.15
CA PRO A 337 -3.46 -14.48 12.32
C PRO A 337 -2.54 -14.48 13.53
N VAL A 338 -2.75 -15.34 14.51
CA VAL A 338 -1.92 -15.40 15.71
C VAL A 338 -0.89 -16.49 15.53
N THR A 339 0.39 -16.15 15.62
CA THR A 339 1.48 -17.08 15.37
C THR A 339 2.62 -16.82 16.36
N ILE A 340 3.41 -17.87 16.61
CA ILE A 340 4.62 -17.77 17.41
C ILE A 340 5.74 -18.50 16.69
N GLY A 341 6.87 -17.83 16.50
CA GLY A 341 8.02 -18.42 15.84
C GLY A 341 8.33 -17.71 14.52
N GLU A 342 8.93 -18.46 13.61
CA GLU A 342 9.24 -17.98 12.26
C GLU A 342 8.13 -18.45 11.33
N CYS A 343 7.28 -17.54 10.91
CA CYS A 343 6.03 -17.86 10.22
C CYS A 343 5.87 -17.02 8.96
N PRO A 344 5.09 -17.49 7.99
CA PRO A 344 4.73 -16.65 6.84
C PRO A 344 3.77 -15.52 7.22
N LYS A 345 3.38 -14.72 6.23
CA LYS A 345 2.47 -13.60 6.45
C LYS A 345 1.03 -14.05 6.25
N TYR A 346 0.12 -13.48 7.03
CA TYR A 346 -1.27 -13.88 7.01
C TYR A 346 -2.10 -12.98 6.10
N VAL A 347 -2.92 -13.60 5.25
CA VAL A 347 -3.79 -12.90 4.32
C VAL A 347 -5.14 -13.59 4.30
N ARG A 348 -6.16 -12.88 3.81
CA ARG A 348 -7.50 -13.45 3.67
C ARG A 348 -7.71 -14.17 2.34
N SER A 349 -6.67 -14.29 1.52
CA SER A 349 -6.82 -14.83 0.18
C SER A 349 -7.07 -16.35 0.22
N THR A 350 -7.65 -16.85 -0.87
CA THR A 350 -7.85 -18.28 -1.05
C THR A 350 -7.00 -18.88 -2.15
N LYS A 351 -6.39 -18.07 -3.01
CA LYS A 351 -5.56 -18.57 -4.10
C LYS A 351 -4.54 -17.50 -4.49
N LEU A 352 -3.27 -17.90 -4.60
CA LEU A 352 -2.21 -17.00 -5.06
C LEU A 352 -1.19 -17.85 -5.83
N ARG A 353 -1.36 -17.91 -7.15
CA ARG A 353 -0.51 -18.70 -8.01
C ARG A 353 0.19 -17.81 -9.02
N MET A 354 1.48 -18.04 -9.22
CA MET A 354 2.32 -17.20 -10.06
C MET A 354 2.80 -18.03 -11.26
N VAL A 355 2.56 -17.51 -12.46
CA VAL A 355 2.93 -18.23 -13.68
C VAL A 355 4.42 -18.03 -13.96
N THR A 356 5.08 -19.10 -14.40
CA THR A 356 6.47 -19.03 -14.83
C THR A 356 6.67 -19.43 -16.29
N GLY A 357 5.76 -20.20 -16.88
CA GLY A 357 5.83 -20.64 -18.25
C GLY A 357 4.94 -19.83 -19.17
N LEU A 358 4.51 -20.45 -20.26
CA LEU A 358 3.72 -19.80 -21.29
C LEU A 358 2.30 -20.35 -21.30
N ARG A 359 1.48 -19.80 -22.20
CA ARG A 359 0.14 -20.32 -22.44
C ARG A 359 0.23 -21.73 -23.01
N ASN A 360 -0.64 -22.61 -22.53
CA ASN A 360 -0.66 -24.00 -22.98
C ASN A 360 -1.68 -24.15 -24.10
N ILE A 361 -1.19 -24.35 -25.32
CA ILE A 361 -2.03 -24.63 -26.48
C ILE A 361 -1.53 -25.92 -27.11
N PRO A 362 -1.91 -27.09 -26.58
CA PRO A 362 -1.34 -28.35 -27.09
C PRO A 362 -1.95 -28.78 -28.42
N SER A 363 -2.72 -27.89 -29.05
CA SER A 363 -3.29 -28.18 -30.36
C SER A 363 -2.23 -28.10 -31.45
N GLY A 368 -2.31 -11.43 -27.53
CA GLY A 368 -0.99 -11.01 -27.10
C GLY A 368 -0.61 -9.65 -27.65
N LEU A 369 0.21 -8.92 -26.89
CA LEU A 369 0.62 -7.59 -27.31
C LEU A 369 1.48 -7.61 -28.57
N PHE A 370 2.14 -8.73 -28.87
CA PHE A 370 3.09 -8.80 -29.96
C PHE A 370 2.64 -9.70 -31.10
N GLY A 371 1.52 -10.41 -30.95
CA GLY A 371 0.88 -11.08 -32.06
C GLY A 371 1.52 -12.37 -32.54
N ALA A 372 2.44 -12.95 -31.78
CA ALA A 372 3.13 -14.17 -32.20
C ALA A 372 2.50 -15.43 -31.60
N ILE A 373 2.42 -15.51 -30.28
CA ILE A 373 1.83 -16.66 -29.62
C ILE A 373 0.31 -16.57 -29.73
N ALA A 374 -0.31 -17.63 -30.24
CA ALA A 374 -1.74 -17.62 -30.59
C ALA A 374 -2.04 -16.52 -31.61
N GLY A 375 -1.06 -16.24 -32.45
CA GLY A 375 -1.17 -15.24 -33.49
C GLY A 375 -0.88 -15.85 -34.85
N PHE A 376 0.16 -15.37 -35.53
CA PHE A 376 0.55 -16.00 -36.78
C PHE A 376 1.24 -17.34 -36.58
N ILE A 377 1.61 -17.68 -35.36
CA ILE A 377 1.99 -19.05 -34.99
C ILE A 377 0.88 -19.60 -34.10
N GLU A 378 0.17 -20.61 -34.61
CA GLU A 378 -1.16 -20.94 -34.09
C GLU A 378 -1.11 -21.76 -32.80
N GLY A 379 -0.16 -22.68 -32.68
CA GLY A 379 -0.13 -23.56 -31.52
C GLY A 379 1.26 -23.97 -31.12
N GLY A 380 1.34 -24.70 -30.01
CA GLY A 380 2.60 -25.15 -29.46
C GLY A 380 2.95 -26.58 -29.86
N TRP A 381 4.15 -26.99 -29.47
CA TRP A 381 4.70 -28.29 -29.83
C TRP A 381 4.89 -29.13 -28.56
N THR A 382 4.26 -30.31 -28.54
CA THR A 382 4.52 -31.26 -27.46
C THR A 382 5.74 -32.13 -27.74
N GLY A 383 6.28 -32.09 -28.96
CA GLY A 383 7.49 -32.83 -29.27
C GLY A 383 8.78 -32.13 -28.93
N MET A 384 8.72 -30.86 -28.58
CA MET A 384 9.88 -30.10 -28.12
C MET A 384 9.84 -30.05 -26.60
N ILE A 385 10.77 -30.73 -25.95
CA ILE A 385 10.69 -30.94 -24.51
C ILE A 385 11.88 -30.35 -23.75
N ASP A 386 12.95 -29.93 -24.43
CA ASP A 386 14.16 -29.50 -23.76
C ASP A 386 14.28 -27.98 -23.66
N GLY A 387 13.21 -27.24 -23.92
CA GLY A 387 13.29 -25.80 -23.84
C GLY A 387 11.93 -25.17 -24.08
N TRP A 388 11.92 -23.84 -24.14
CA TRP A 388 10.70 -23.07 -24.33
C TRP A 388 10.47 -22.65 -25.78
N TYR A 389 11.52 -22.33 -26.52
CA TYR A 389 11.42 -21.93 -27.92
C TYR A 389 12.43 -22.74 -28.74
N GLY A 390 12.13 -22.94 -30.02
CA GLY A 390 13.04 -23.70 -30.85
C GLY A 390 12.60 -23.85 -32.28
N TYR A 391 13.21 -24.82 -32.96
CA TYR A 391 13.09 -25.03 -34.39
C TYR A 391 12.63 -26.45 -34.69
N HIS A 392 11.97 -26.59 -35.84
CA HIS A 392 11.67 -27.88 -36.46
C HIS A 392 12.17 -27.85 -37.89
N HIS A 393 13.02 -28.81 -38.25
CA HIS A 393 13.65 -28.77 -39.57
C HIS A 393 13.25 -29.99 -40.39
N GLN A 394 13.41 -29.88 -41.71
CA GLN A 394 13.12 -31.00 -42.59
C GLN A 394 13.97 -30.88 -43.85
N ASN A 395 14.76 -31.90 -44.14
CA ASN A 395 15.54 -31.96 -45.38
C ASN A 395 15.62 -33.42 -45.82
N GLU A 396 16.42 -33.66 -46.86
CA GLU A 396 16.51 -34.97 -47.50
C GLU A 396 17.02 -36.06 -46.56
N GLN A 397 17.68 -35.69 -45.47
CA GLN A 397 18.17 -36.66 -44.50
C GLN A 397 17.22 -36.89 -43.34
N GLY A 398 16.16 -36.12 -43.22
CA GLY A 398 15.16 -36.37 -42.19
C GLY A 398 14.65 -35.08 -41.58
N SER A 399 13.96 -35.23 -40.46
CA SER A 399 13.32 -34.14 -39.74
C SER A 399 13.69 -34.22 -38.27
N GLY A 400 13.28 -33.21 -37.51
CA GLY A 400 13.52 -33.23 -36.08
C GLY A 400 13.26 -31.88 -35.44
N TYR A 401 13.14 -31.93 -34.11
CA TYR A 401 12.97 -30.77 -33.25
C TYR A 401 14.27 -30.44 -32.55
N ALA A 402 14.44 -29.16 -32.22
CA ALA A 402 15.57 -28.73 -31.43
C ALA A 402 15.17 -27.44 -30.70
N ALA A 403 15.88 -27.14 -29.62
CA ALA A 403 15.59 -25.96 -28.82
C ALA A 403 16.73 -24.95 -28.93
N ASP A 404 16.37 -23.67 -28.81
CA ASP A 404 17.37 -22.61 -28.75
C ASP A 404 17.76 -22.39 -27.30
N GLN A 405 19.05 -22.59 -27.00
CA GLN A 405 19.51 -22.51 -25.62
C GLN A 405 19.66 -21.08 -25.12
N LYS A 406 20.10 -20.16 -25.97
CA LYS A 406 20.36 -18.79 -25.53
C LYS A 406 19.06 -18.07 -25.14
N SER A 407 18.02 -18.22 -25.96
CA SER A 407 16.75 -17.58 -25.66
C SER A 407 16.15 -18.13 -24.37
N THR A 408 16.17 -19.46 -24.22
CA THR A 408 15.63 -20.08 -23.01
C THR A 408 16.42 -19.65 -21.79
N GLN A 409 17.75 -19.56 -21.92
CA GLN A 409 18.58 -19.13 -20.80
C GLN A 409 18.25 -17.72 -20.37
N ASN A 410 18.09 -16.80 -21.34
CA ASN A 410 17.76 -15.42 -20.98
C ASN A 410 16.40 -15.34 -20.30
N ALA A 411 15.41 -16.06 -20.83
CA ALA A 411 14.09 -16.06 -20.20
C ALA A 411 14.14 -16.61 -18.79
N ILE A 412 14.90 -17.69 -18.57
CA ILE A 412 14.99 -18.29 -17.25
C ILE A 412 15.67 -17.34 -16.26
N ASN A 413 16.73 -16.67 -16.71
CA ASN A 413 17.37 -15.65 -15.88
C ASN A 413 16.36 -14.60 -15.43
N GLY A 414 15.61 -14.03 -16.37
CA GLY A 414 14.65 -13.01 -16.02
C GLY A 414 13.56 -13.49 -15.06
N ILE A 415 13.02 -14.68 -15.32
CA ILE A 415 11.91 -15.18 -14.51
C ILE A 415 12.37 -15.47 -13.08
N THR A 416 13.54 -16.11 -12.94
CA THR A 416 14.03 -16.41 -11.58
C THR A 416 14.35 -15.12 -10.83
N ASN A 417 14.90 -14.12 -11.51
CA ASN A 417 15.13 -12.84 -10.87
C ASN A 417 13.83 -12.22 -10.38
N LYS A 418 12.78 -12.28 -11.20
CA LYS A 418 11.49 -11.71 -10.81
C LYS A 418 10.93 -12.40 -9.57
N VAL A 419 10.95 -13.73 -9.55
CA VAL A 419 10.39 -14.46 -8.42
C VAL A 419 11.18 -14.18 -7.15
N ASN A 420 12.51 -14.14 -7.26
CA ASN A 420 13.34 -13.86 -6.09
C ASN A 420 13.07 -12.46 -5.54
N SER A 421 12.90 -11.48 -6.43
CA SER A 421 12.59 -10.12 -5.98
C SER A 421 11.25 -10.08 -5.25
N VAL A 422 10.25 -10.77 -5.79
CA VAL A 422 8.94 -10.80 -5.13
C VAL A 422 9.06 -11.43 -3.74
N ILE A 423 9.79 -12.53 -3.62
CA ILE A 423 9.97 -13.17 -2.32
C ILE A 423 10.68 -12.25 -1.35
N GLU A 424 11.72 -11.56 -1.82
CA GLU A 424 12.50 -10.70 -0.93
C GLU A 424 11.71 -9.51 -0.42
N LYS A 425 10.86 -8.91 -1.25
CA LYS A 425 10.18 -7.70 -0.83
C LYS A 425 9.10 -7.92 0.23
N MET A 426 8.74 -9.16 0.53
CA MET A 426 7.62 -9.47 1.41
C MET A 426 8.07 -10.17 2.69
N ASN A 427 9.13 -9.68 3.32
CA ASN A 427 9.62 -10.23 4.59
C ASN A 427 9.61 -9.13 5.64
N THR A 428 8.91 -9.38 6.74
CA THR A 428 8.81 -8.44 7.86
C THR A 428 8.92 -9.21 9.17
N GLN A 429 8.57 -8.54 10.27
CA GLN A 429 8.64 -9.13 11.59
C GLN A 429 7.42 -10.02 11.84
N PHE A 430 7.50 -10.82 12.91
CA PHE A 430 6.45 -11.79 13.21
C PHE A 430 6.38 -11.97 14.74
N THR A 431 5.74 -13.05 15.18
CA THR A 431 5.55 -13.37 16.59
C THR A 431 4.73 -12.28 17.30
N ALA A 432 3.48 -12.16 16.88
CA ALA A 432 2.55 -11.19 17.45
C ALA A 432 1.36 -11.93 18.09
N VAL A 433 1.02 -11.56 19.32
CA VAL A 433 -0.06 -12.19 20.07
C VAL A 433 -0.97 -11.09 20.61
N GLY A 434 -2.22 -11.46 20.89
CA GLY A 434 -3.23 -10.51 21.31
C GLY A 434 -3.13 -10.09 22.77
N LYS A 435 -3.93 -9.08 23.10
CA LYS A 435 -3.99 -8.48 24.43
C LYS A 435 -5.36 -8.74 25.06
N GLU A 436 -5.51 -8.28 26.30
CA GLU A 436 -6.76 -8.41 27.04
C GLU A 436 -7.11 -7.08 27.69
N PHE A 437 -8.42 -6.86 27.87
CA PHE A 437 -8.95 -5.63 28.44
C PHE A 437 -10.10 -5.98 29.36
N ASN A 438 -10.40 -5.07 30.30
CA ASN A 438 -11.52 -5.27 31.20
C ASN A 438 -12.73 -4.48 30.72
N LYS A 439 -13.80 -4.54 31.51
CA LYS A 439 -15.10 -4.02 31.09
C LYS A 439 -15.12 -2.50 30.90
N LEU A 440 -14.23 -1.78 31.58
CA LEU A 440 -14.19 -0.32 31.47
C LEU A 440 -13.10 0.15 30.52
N GLU A 441 -12.69 -0.69 29.57
CA GLU A 441 -11.62 -0.37 28.62
C GLU A 441 -12.04 -0.75 27.20
N ARG A 442 -13.27 -0.40 26.82
CA ARG A 442 -13.78 -0.80 25.51
C ARG A 442 -13.22 0.03 24.37
N ARG A 443 -12.89 1.30 24.63
CA ARG A 443 -12.34 2.14 23.57
C ARG A 443 -10.96 1.66 23.14
N MET A 444 -10.11 1.26 24.11
CA MET A 444 -8.81 0.72 23.76
C MET A 444 -8.92 -0.59 23.00
N GLU A 445 -9.88 -1.44 23.39
CA GLU A 445 -10.13 -2.68 22.68
C GLU A 445 -10.55 -2.41 21.24
N ASN A 446 -11.44 -1.44 21.04
CA ASN A 446 -11.89 -1.11 19.69
C ASN A 446 -10.75 -0.54 18.85
N LEU A 447 -9.89 0.29 19.45
CA LEU A 447 -8.75 0.83 18.71
C LEU A 447 -7.78 -0.29 18.30
N ASN A 448 -7.52 -1.23 19.21
CA ASN A 448 -6.67 -2.37 18.88
C ASN A 448 -7.24 -3.17 17.72
N LYS A 449 -8.55 -3.44 17.77
CA LYS A 449 -9.19 -4.20 16.70
C LYS A 449 -9.13 -3.45 15.37
N LYS A 450 -9.35 -2.14 15.40
CA LYS A 450 -9.29 -1.34 14.17
C LYS A 450 -7.91 -1.38 13.54
N VAL A 451 -6.86 -1.27 14.37
CA VAL A 451 -5.49 -1.32 13.85
C VAL A 451 -5.23 -2.66 13.17
N ASP A 452 -5.60 -3.75 13.85
CA ASP A 452 -5.36 -5.09 13.29
C ASP A 452 -6.07 -5.25 11.95
N ASP A 453 -7.35 -4.87 11.89
CA ASP A 453 -8.13 -5.04 10.68
C ASP A 453 -7.57 -4.20 9.53
N GLY A 454 -7.17 -2.96 9.81
CA GLY A 454 -6.63 -2.12 8.75
C GLY A 454 -5.35 -2.68 8.16
N PHE A 455 -4.42 -3.12 9.01
CA PHE A 455 -3.18 -3.67 8.49
C PHE A 455 -3.44 -4.93 7.67
N LEU A 456 -4.34 -5.79 8.14
CA LEU A 456 -4.63 -7.03 7.41
C LEU A 456 -5.23 -6.71 6.04
N ASP A 457 -6.15 -5.76 5.98
CA ASP A 457 -6.76 -5.39 4.70
C ASP A 457 -5.71 -4.86 3.72
N ILE A 458 -4.82 -4.00 4.20
CA ILE A 458 -3.82 -3.40 3.32
C ILE A 458 -2.90 -4.48 2.74
N TRP A 459 -2.44 -5.41 3.58
CA TRP A 459 -1.50 -6.41 3.08
C TRP A 459 -2.18 -7.40 2.13
N THR A 460 -3.43 -7.75 2.39
CA THR A 460 -4.16 -8.60 1.45
C THR A 460 -4.29 -7.94 0.08
N TYR A 461 -4.64 -6.65 0.07
CA TYR A 461 -4.75 -5.92 -1.18
C TYR A 461 -3.42 -5.89 -1.92
N ASN A 462 -2.33 -5.63 -1.19
CA ASN A 462 -1.01 -5.56 -1.82
C ASN A 462 -0.65 -6.87 -2.49
N ALA A 463 -0.81 -7.99 -1.78
CA ALA A 463 -0.43 -9.29 -2.33
C ALA A 463 -1.24 -9.62 -3.58
N GLU A 464 -2.56 -9.47 -3.50
CA GLU A 464 -3.40 -9.85 -4.63
C GLU A 464 -3.10 -8.98 -5.86
N LEU A 465 -2.94 -7.67 -5.65
CA LEU A 465 -2.65 -6.79 -6.78
C LEU A 465 -1.31 -7.11 -7.41
N LEU A 466 -0.29 -7.38 -6.60
CA LEU A 466 1.03 -7.70 -7.15
C LEU A 466 0.98 -8.95 -8.01
N VAL A 467 0.36 -10.02 -7.51
CA VAL A 467 0.30 -11.26 -8.29
C VAL A 467 -0.45 -11.04 -9.59
N LEU A 468 -1.61 -10.37 -9.51
CA LEU A 468 -2.42 -10.16 -10.71
C LEU A 468 -1.69 -9.34 -11.75
N LEU A 469 -0.92 -8.34 -11.33
CA LEU A 469 -0.23 -7.48 -12.29
C LEU A 469 1.00 -8.14 -12.90
N GLU A 470 1.74 -8.95 -12.13
CA GLU A 470 2.92 -9.60 -12.70
C GLU A 470 2.57 -10.76 -13.64
N ASN A 471 1.43 -11.42 -13.39
CA ASN A 471 1.00 -12.49 -14.29
C ASN A 471 0.78 -11.97 -15.70
N GLU A 472 0.34 -10.72 -15.84
CA GLU A 472 0.16 -10.11 -17.16
C GLU A 472 1.48 -9.91 -17.87
N ARG A 473 2.50 -9.44 -17.16
CA ARG A 473 3.76 -9.11 -17.80
C ARG A 473 4.54 -10.34 -18.22
N THR A 474 4.42 -11.44 -17.48
CA THR A 474 5.17 -12.65 -17.83
C THR A 474 4.80 -13.18 -19.22
N LEU A 475 3.49 -13.22 -19.52
CA LEU A 475 3.04 -13.76 -20.79
C LEU A 475 3.47 -12.87 -21.97
N ASP A 476 3.43 -11.55 -21.78
CA ASP A 476 3.91 -10.63 -22.81
C ASP A 476 5.41 -10.78 -23.02
N PHE A 477 6.15 -11.03 -21.95
CA PHE A 477 7.58 -11.29 -22.06
C PHE A 477 7.85 -12.50 -22.96
N HIS A 478 7.11 -13.59 -22.74
CA HIS A 478 7.27 -14.79 -23.56
C HIS A 478 6.91 -14.51 -25.03
N ASP A 479 5.80 -13.79 -25.25
CA ASP A 479 5.39 -13.45 -26.61
C ASP A 479 6.46 -12.65 -27.34
N SER A 480 7.04 -11.67 -26.65
CA SER A 480 8.11 -10.86 -27.24
C SER A 480 9.32 -11.71 -27.58
N ASN A 481 9.69 -12.65 -26.71
CA ASN A 481 10.84 -13.50 -27.00
C ASN A 481 10.62 -14.32 -28.26
N VAL A 482 9.43 -14.90 -28.42
CA VAL A 482 9.14 -15.68 -29.62
C VAL A 482 9.23 -14.80 -30.87
N LYS A 483 8.64 -13.62 -30.82
CA LYS A 483 8.66 -12.74 -31.99
C LYS A 483 10.08 -12.32 -32.36
N ASN A 484 10.90 -12.01 -31.35
CA ASN A 484 12.28 -11.60 -31.61
C ASN A 484 13.08 -12.72 -32.25
N LEU A 485 12.89 -13.95 -31.78
CA LEU A 485 13.57 -15.08 -32.41
C LEU A 485 13.15 -15.24 -33.87
N TYR A 486 11.85 -15.10 -34.14
CA TYR A 486 11.37 -15.23 -35.51
C TYR A 486 12.02 -14.19 -36.42
N GLU A 487 12.04 -12.93 -35.98
CA GLU A 487 12.63 -11.87 -36.80
C GLU A 487 14.13 -12.04 -36.98
N LYS A 488 14.82 -12.52 -35.93
CA LYS A 488 16.25 -12.79 -36.04
C LYS A 488 16.54 -13.83 -37.12
N VAL A 489 15.73 -14.89 -37.17
CA VAL A 489 15.93 -15.89 -38.21
C VAL A 489 15.55 -15.33 -39.58
N LYS A 490 14.48 -14.54 -39.65
CA LYS A 490 14.01 -14.01 -40.93
C LYS A 490 15.05 -13.11 -41.58
N ASN A 491 15.67 -12.22 -40.80
CA ASN A 491 16.61 -11.27 -41.38
C ASN A 491 17.95 -11.89 -41.75
N GLN A 492 18.16 -13.17 -41.45
CA GLN A 492 19.38 -13.88 -41.82
C GLN A 492 19.30 -14.48 -43.22
N LEU A 493 18.15 -15.04 -43.60
CA LEU A 493 17.98 -15.72 -44.87
C LEU A 493 17.70 -14.78 -46.03
N LYS A 494 17.30 -13.54 -45.75
CA LYS A 494 16.92 -12.54 -46.74
C LYS A 494 16.09 -13.13 -47.88
N ASN A 495 16.63 -13.13 -49.11
CA ASN A 495 15.88 -13.58 -50.27
C ASN A 495 16.30 -14.94 -50.77
N ASN A 496 17.06 -15.70 -49.98
CA ASN A 496 17.39 -17.07 -50.32
C ASN A 496 16.30 -18.06 -49.91
N ALA A 497 15.22 -17.58 -49.28
CA ALA A 497 14.14 -18.45 -48.85
C ALA A 497 12.81 -17.73 -49.03
N LYS A 498 11.75 -18.51 -49.06
CA LYS A 498 10.39 -18.02 -49.19
C LYS A 498 9.67 -18.13 -47.85
N GLU A 499 8.97 -17.06 -47.49
CA GLU A 499 8.21 -16.97 -46.24
C GLU A 499 6.77 -17.39 -46.51
N ILE A 500 6.34 -18.48 -45.88
CA ILE A 500 4.99 -19.00 -46.12
C ILE A 500 3.99 -18.54 -45.06
N GLY A 501 4.39 -17.70 -44.12
CA GLY A 501 3.48 -16.93 -43.31
C GLY A 501 3.02 -17.56 -42.01
N ASN A 502 3.34 -18.84 -41.77
CA ASN A 502 2.91 -19.50 -40.54
C ASN A 502 4.06 -19.78 -39.59
N GLY A 503 5.21 -19.15 -39.78
CA GLY A 503 6.41 -19.39 -39.01
C GLY A 503 7.45 -20.22 -39.71
N CYS A 504 7.18 -20.65 -40.95
CA CYS A 504 8.09 -21.53 -41.69
C CYS A 504 8.72 -20.81 -42.87
N PHE A 505 9.86 -21.34 -43.29
CA PHE A 505 10.63 -20.86 -44.43
C PHE A 505 11.00 -22.04 -45.31
N GLU A 506 10.83 -21.87 -46.63
CA GLU A 506 11.20 -22.85 -47.63
C GLU A 506 12.44 -22.38 -48.37
N PHE A 507 13.47 -23.21 -48.41
CA PHE A 507 14.73 -22.83 -49.05
C PHE A 507 14.65 -23.00 -50.56
N TYR A 508 15.20 -22.02 -51.29
CA TYR A 508 15.29 -22.15 -52.74
C TYR A 508 16.39 -23.12 -53.16
N HIS A 509 17.50 -23.13 -52.42
CA HIS A 509 18.61 -24.03 -52.69
C HIS A 509 18.47 -25.29 -51.85
N LYS A 510 19.52 -26.11 -51.82
CA LYS A 510 19.54 -27.33 -51.03
C LYS A 510 20.27 -27.07 -49.71
N CYS A 511 19.64 -27.43 -48.60
CA CYS A 511 20.17 -27.17 -47.27
C CYS A 511 20.32 -28.50 -46.55
N ASN A 512 21.55 -28.97 -46.42
CA ASN A 512 21.85 -30.21 -45.72
C ASN A 512 21.94 -29.92 -44.22
N ASN A 513 22.39 -30.90 -43.44
CA ASN A 513 22.47 -30.74 -42.00
C ASN A 513 23.44 -29.65 -41.56
N GLU A 514 24.50 -29.40 -42.33
CA GLU A 514 25.44 -28.33 -42.01
C GLU A 514 24.83 -26.95 -42.22
N CYS A 515 24.10 -26.75 -43.32
CA CYS A 515 23.43 -25.48 -43.53
C CYS A 515 22.36 -25.24 -42.46
N MET A 516 21.60 -26.28 -42.11
CA MET A 516 20.62 -26.18 -41.05
C MET A 516 21.27 -25.82 -39.72
N GLU A 517 22.41 -26.45 -39.42
CA GLU A 517 23.13 -26.11 -38.20
C GLU A 517 23.61 -24.67 -38.21
N SER A 518 24.07 -24.19 -39.37
CA SER A 518 24.53 -22.81 -39.48
C SER A 518 23.38 -21.81 -39.27
N VAL A 519 22.18 -22.17 -39.72
CA VAL A 519 21.03 -21.28 -39.51
C VAL A 519 20.73 -21.14 -38.02
N LYS A 520 20.68 -22.27 -37.31
CA LYS A 520 20.46 -22.27 -35.86
C LYS A 520 21.68 -21.77 -35.09
N ASN A 521 22.79 -21.57 -35.78
CA ASN A 521 24.05 -21.12 -35.19
C ASN A 521 24.15 -19.61 -35.10
N GLY A 522 23.58 -18.91 -36.08
CA GLY A 522 23.76 -17.47 -36.20
C GLY A 522 24.80 -17.06 -37.22
N THR A 523 25.41 -18.01 -37.93
CA THR A 523 26.51 -17.76 -38.86
C THR A 523 26.19 -18.32 -40.25
N TYR A 524 24.99 -18.03 -40.75
CA TYR A 524 24.60 -18.48 -42.07
C TYR A 524 25.25 -17.62 -43.14
N ASP A 525 25.75 -18.27 -44.19
CA ASP A 525 26.50 -17.61 -45.26
C ASP A 525 25.55 -17.29 -46.40
N TYR A 526 25.16 -16.02 -46.53
CA TYR A 526 24.21 -15.63 -47.56
C TYR A 526 24.85 -15.54 -48.94
N PRO A 527 26.03 -14.94 -49.12
CA PRO A 527 26.63 -14.89 -50.47
C PRO A 527 26.86 -16.25 -51.11
N LYS A 528 27.22 -17.26 -50.31
CA LYS A 528 27.58 -18.56 -50.88
C LYS A 528 26.36 -19.26 -51.47
N TYR A 529 25.21 -19.17 -50.81
CA TYR A 529 24.01 -19.93 -51.18
C TYR A 529 23.03 -19.10 -51.99
N SER A 530 23.51 -18.20 -52.86
CA SER A 530 22.63 -17.23 -53.48
C SER A 530 21.67 -17.87 -54.47
N GLU A 531 20.69 -18.62 -53.95
CA GLU A 531 19.60 -19.22 -54.72
C GLU A 531 20.16 -20.11 -55.85
N GLU A 532 20.83 -21.18 -55.43
CA GLU A 532 21.43 -22.14 -56.34
C GLU A 532 22.47 -21.47 -57.24
N SER B 40 -8.66 2.18 -59.70
CA SER B 40 -8.11 1.15 -58.84
C SER B 40 -8.96 0.97 -57.58
N ASP B 41 -9.11 -0.28 -57.15
CA ASP B 41 -9.87 -0.60 -55.95
C ASP B 41 -8.96 -0.56 -54.73
N THR B 42 -9.50 -0.07 -53.61
CA THR B 42 -8.70 0.21 -52.43
C THR B 42 -9.39 -0.30 -51.17
N ILE B 43 -8.57 -0.66 -50.18
CA ILE B 43 -9.06 -0.97 -48.84
C ILE B 43 -8.13 -0.35 -47.80
N CYS B 44 -8.71 0.19 -46.72
CA CYS B 44 -7.95 0.87 -45.68
C CYS B 44 -8.39 0.42 -44.29
N ILE B 45 -7.44 0.39 -43.36
CA ILE B 45 -7.70 0.05 -41.96
C ILE B 45 -7.72 1.33 -41.13
N GLY B 46 -8.65 1.42 -40.18
CA GLY B 46 -8.74 2.60 -39.34
C GLY B 46 -9.48 2.35 -38.04
N TYR B 47 -9.64 3.44 -37.28
CA TYR B 47 -10.26 3.38 -35.95
C TYR B 47 -11.26 4.51 -35.80
N HIS B 48 -11.84 4.61 -34.60
CA HIS B 48 -13.06 5.36 -34.30
C HIS B 48 -12.77 6.72 -33.70
N ALA B 49 -13.69 7.67 -33.91
CA ALA B 49 -13.63 8.98 -33.31
C ALA B 49 -15.03 9.53 -33.12
N ASN B 50 -15.19 10.47 -32.19
CA ASN B 50 -16.48 11.11 -31.93
C ASN B 50 -16.22 12.54 -31.45
N ASN B 51 -17.23 13.14 -30.83
CA ASN B 51 -17.17 14.54 -30.40
C ASN B 51 -17.09 14.69 -28.88
N SER B 52 -16.57 13.69 -28.18
CA SER B 52 -16.46 13.79 -26.74
C SER B 52 -15.36 14.76 -26.34
N THR B 53 -15.43 15.25 -25.09
CA THR B 53 -14.47 16.21 -24.58
C THR B 53 -13.97 15.82 -23.19
N ASP B 54 -13.90 14.53 -22.90
CA ASP B 54 -13.45 14.07 -21.60
C ASP B 54 -11.96 13.77 -21.63
N THR B 55 -11.30 14.02 -20.50
CA THR B 55 -9.85 13.89 -20.37
C THR B 55 -9.50 13.03 -19.17
N VAL B 56 -8.38 12.31 -19.28
CA VAL B 56 -7.89 11.44 -18.22
C VAL B 56 -6.40 11.67 -18.02
N ASP B 57 -5.92 11.38 -16.81
CA ASP B 57 -4.52 11.60 -16.49
C ASP B 57 -3.70 10.33 -16.71
N THR B 58 -2.49 10.51 -17.20
CA THR B 58 -1.56 9.44 -17.51
C THR B 58 -0.22 9.78 -16.88
N VAL B 59 0.57 8.76 -16.55
CA VAL B 59 1.86 9.02 -15.91
C VAL B 59 2.81 9.75 -16.85
N LEU B 60 2.63 9.57 -18.17
CA LEU B 60 3.48 10.20 -19.16
C LEU B 60 2.90 11.47 -19.76
N GLU B 61 1.62 11.75 -19.54
CA GLU B 61 1.00 12.94 -20.13
C GLU B 61 -0.26 13.28 -19.35
N LYS B 62 -0.64 14.56 -19.42
CA LYS B 62 -1.82 15.07 -18.73
C LYS B 62 -2.85 15.54 -19.75
N ASN B 63 -4.07 15.74 -19.27
CA ASN B 63 -5.25 16.03 -20.09
C ASN B 63 -5.65 14.84 -20.95
N VAL B 64 -5.28 14.85 -22.24
CA VAL B 64 -5.54 13.73 -23.15
C VAL B 64 -7.04 13.47 -23.33
N THR B 65 -7.59 13.90 -24.46
CA THR B 65 -8.99 13.60 -24.79
C THR B 65 -9.15 12.17 -25.27
N VAL B 66 -10.23 11.52 -24.82
CA VAL B 66 -10.49 10.12 -25.13
C VAL B 66 -11.93 9.99 -25.61
N THR B 67 -12.25 8.82 -26.18
CA THR B 67 -13.57 8.57 -26.73
C THR B 67 -14.59 8.11 -25.69
N HIS B 68 -14.17 7.29 -24.73
CA HIS B 68 -15.06 6.76 -23.71
C HIS B 68 -14.31 6.68 -22.38
N SER B 69 -15.05 6.88 -21.28
CA SER B 69 -14.48 6.79 -19.94
C SER B 69 -15.59 6.63 -18.92
N VAL B 70 -15.20 6.33 -17.68
CA VAL B 70 -16.12 6.24 -16.55
C VAL B 70 -15.56 7.04 -15.38
N ASN B 71 -16.46 7.49 -14.52
CA ASN B 71 -16.13 8.24 -13.32
C ASN B 71 -16.29 7.34 -12.09
N LEU B 72 -15.30 7.37 -11.20
CA LEU B 72 -15.25 6.48 -10.06
C LEU B 72 -15.47 7.18 -8.72
N LEU B 73 -15.67 8.49 -8.70
CA LEU B 73 -15.72 9.27 -7.48
C LEU B 73 -17.08 9.95 -7.34
N GLU B 74 -17.63 9.91 -6.13
CA GLU B 74 -18.93 10.51 -5.83
C GLU B 74 -18.74 11.75 -4.97
N ASP B 75 -19.46 12.82 -5.29
CA ASP B 75 -19.24 14.10 -4.63
C ASP B 75 -20.51 14.86 -4.28
N SER B 76 -21.66 14.20 -4.16
CA SER B 76 -22.92 14.89 -3.91
C SER B 76 -23.72 14.20 -2.81
N HIS B 77 -24.49 15.00 -2.08
CA HIS B 77 -25.39 14.52 -1.04
C HIS B 77 -26.64 15.38 -1.07
N ASN B 78 -27.68 14.96 -0.33
CA ASN B 78 -28.96 15.67 -0.35
C ASN B 78 -29.11 16.67 0.79
N GLY B 79 -28.31 16.58 1.84
CA GLY B 79 -28.30 17.59 2.87
C GLY B 79 -29.29 17.43 4.00
N LYS B 80 -29.87 16.25 4.18
CA LYS B 80 -30.86 15.99 5.21
C LYS B 80 -30.47 14.77 6.02
N LEU B 81 -31.15 14.57 7.14
CA LEU B 81 -31.09 13.32 7.89
C LEU B 81 -32.29 12.47 7.51
N CYS B 82 -32.04 11.30 6.93
CA CYS B 82 -33.07 10.47 6.36
C CYS B 82 -33.01 9.06 6.97
N ARG B 83 -34.01 8.25 6.66
CA ARG B 83 -34.21 6.97 7.32
C ARG B 83 -33.30 5.89 6.76
N LEU B 84 -32.86 4.98 7.63
CA LEU B 84 -32.04 3.84 7.25
C LEU B 84 -32.81 2.57 7.54
N LYS B 85 -33.03 1.75 6.50
CA LYS B 85 -33.76 0.49 6.62
C LYS B 85 -35.15 0.69 7.19
N GLY B 86 -35.79 1.80 6.84
CA GLY B 86 -37.16 2.06 7.21
C GLY B 86 -37.37 2.56 8.62
N THR B 87 -36.31 2.82 9.38
CA THR B 87 -36.41 3.30 10.75
C THR B 87 -35.80 4.68 10.87
N ALA B 88 -36.49 5.58 11.55
CA ALA B 88 -36.01 6.94 11.75
C ALA B 88 -34.98 6.98 12.89
N PRO B 89 -34.06 7.94 12.86
CA PRO B 89 -33.09 8.09 13.94
C PRO B 89 -33.70 8.75 15.17
N LEU B 90 -32.92 8.75 16.25
CA LEU B 90 -33.27 9.45 17.48
C LEU B 90 -32.51 10.77 17.50
N GLN B 91 -33.25 11.87 17.45
CA GLN B 91 -32.66 13.21 17.47
C GLN B 91 -32.76 13.78 18.87
N LEU B 92 -31.61 14.14 19.45
CA LEU B 92 -31.60 14.64 20.83
C LEU B 92 -31.99 16.10 20.92
N GLY B 93 -31.80 16.87 19.85
CA GLY B 93 -32.13 18.28 19.87
C GLY B 93 -31.18 19.11 20.69
N ASN B 94 -31.67 19.69 21.77
CA ASN B 94 -30.86 20.50 22.67
C ASN B 94 -30.25 19.71 23.82
N CYS B 95 -30.54 18.43 23.91
CA CYS B 95 -30.02 17.59 24.99
C CYS B 95 -28.78 16.82 24.52
N SER B 96 -27.95 16.44 25.48
CA SER B 96 -26.81 15.59 25.23
C SER B 96 -27.13 14.17 25.70
N VAL B 97 -26.13 13.30 25.63
CA VAL B 97 -26.32 11.92 26.11
C VAL B 97 -26.54 11.91 27.61
N ALA B 98 -25.83 12.77 28.34
CA ALA B 98 -25.99 12.84 29.79
C ALA B 98 -27.39 13.33 30.16
N GLY B 99 -27.86 14.41 29.52
CA GLY B 99 -29.19 14.91 29.80
C GLY B 99 -30.29 13.95 29.38
N TRP B 100 -30.08 13.22 28.29
CA TRP B 100 -31.05 12.23 27.84
C TRP B 100 -31.13 11.05 28.80
N ILE B 101 -29.97 10.54 29.24
CA ILE B 101 -29.96 9.32 30.04
C ILE B 101 -30.26 9.61 31.51
N LEU B 102 -30.03 10.84 31.98
CA LEU B 102 -30.29 11.18 33.37
C LEU B 102 -31.72 11.61 33.60
N GLY B 103 -32.40 12.13 32.58
CA GLY B 103 -33.77 12.57 32.72
C GLY B 103 -33.89 14.06 32.98
N ASN B 104 -33.16 14.85 32.22
CA ASN B 104 -33.25 16.30 32.35
C ASN B 104 -34.70 16.75 32.14
N PRO B 105 -35.20 17.67 32.95
CA PRO B 105 -36.62 18.04 32.85
C PRO B 105 -37.01 18.62 31.50
N GLU B 106 -36.06 19.09 30.71
CA GLU B 106 -36.33 19.67 29.40
C GLU B 106 -36.23 18.67 28.26
N CYS B 107 -35.92 17.40 28.55
CA CYS B 107 -35.81 16.37 27.53
C CYS B 107 -36.95 15.36 27.60
N GLU B 108 -38.01 15.70 28.33
CA GLU B 108 -39.09 14.75 28.62
C GLU B 108 -39.83 14.27 27.38
N SER B 109 -39.69 14.96 26.25
CA SER B 109 -40.33 14.53 25.03
C SER B 109 -39.60 13.37 24.33
N LEU B 110 -38.39 13.03 24.78
CA LEU B 110 -37.64 11.94 24.17
C LEU B 110 -37.94 10.59 24.79
N PHE B 111 -38.79 10.51 25.82
CA PHE B 111 -39.05 9.25 26.49
C PHE B 111 -39.92 8.32 25.66
N SER B 112 -40.68 8.85 24.70
CA SER B 112 -41.59 8.02 23.92
C SER B 112 -40.84 7.13 22.94
N LYS B 113 -39.78 7.64 22.33
CA LYS B 113 -39.03 6.89 21.33
C LYS B 113 -38.14 5.87 22.02
N GLU B 114 -38.34 4.59 21.71
CA GLU B 114 -37.59 3.52 22.34
C GLU B 114 -36.84 2.63 21.35
N SER B 115 -36.85 2.96 20.07
CA SER B 115 -36.06 2.25 19.07
C SER B 115 -35.64 3.24 17.99
N TRP B 116 -34.46 2.98 17.42
CA TRP B 116 -33.85 3.92 16.49
C TRP B 116 -32.87 3.17 15.59
N SER B 117 -32.45 3.84 14.52
CA SER B 117 -31.41 3.31 13.66
C SER B 117 -30.04 3.94 13.91
N TYR B 118 -30.01 5.18 14.37
CA TYR B 118 -28.78 5.83 14.83
C TYR B 118 -29.19 7.04 15.66
N ILE B 119 -28.19 7.68 16.28
CA ILE B 119 -28.41 8.81 17.17
C ILE B 119 -27.70 10.03 16.58
N ALA B 120 -28.41 11.15 16.52
CA ALA B 120 -27.88 12.40 16.00
C ALA B 120 -27.85 13.44 17.11
N GLU B 121 -26.74 14.18 17.22
CA GLU B 121 -26.53 15.15 18.26
C GLU B 121 -26.02 16.45 17.65
N THR B 122 -26.36 17.58 18.30
CA THR B 122 -25.92 18.88 17.82
C THR B 122 -24.52 19.21 18.33
N PRO B 123 -23.79 20.06 17.61
CA PRO B 123 -22.39 20.35 18.00
C PRO B 123 -22.22 20.91 19.40
N LYS B 124 -23.14 21.76 19.86
CA LYS B 124 -23.03 22.42 21.17
C LYS B 124 -24.34 22.30 21.93
N PRO B 125 -24.62 21.13 22.50
CA PRO B 125 -25.88 20.96 23.24
C PRO B 125 -25.90 21.81 24.51
N GLU B 126 -27.11 22.19 24.93
CA GLU B 126 -27.28 23.15 26.00
C GLU B 126 -27.87 22.55 27.28
N ASN B 127 -28.48 21.38 27.21
CA ASN B 127 -29.18 20.78 28.35
C ASN B 127 -28.54 19.45 28.70
N GLY B 128 -27.64 19.45 29.68
CA GLY B 128 -26.99 18.24 30.15
C GLY B 128 -27.29 17.95 31.61
N THR B 129 -26.28 18.11 32.47
CA THR B 129 -26.49 18.01 33.91
C THR B 129 -26.80 19.40 34.44
N CYS B 130 -28.05 19.61 34.87
CA CYS B 130 -28.46 20.92 35.36
C CYS B 130 -27.90 21.23 36.74
N TYR B 131 -27.47 20.22 37.49
CA TYR B 131 -26.83 20.41 38.77
C TYR B 131 -25.34 20.13 38.64
N PRO B 132 -24.47 21.05 39.06
CA PRO B 132 -23.03 20.85 38.84
C PRO B 132 -22.50 19.61 39.56
N GLY B 133 -21.52 18.98 38.94
CA GLY B 133 -20.90 17.81 39.51
C GLY B 133 -20.10 17.06 38.45
N TYR B 134 -19.62 15.90 38.86
CA TYR B 134 -18.72 15.07 38.04
C TYR B 134 -19.42 13.78 37.63
N PHE B 135 -19.32 13.44 36.34
CA PHE B 135 -19.89 12.22 35.78
C PHE B 135 -18.76 11.23 35.53
N ALA B 136 -18.82 10.08 36.18
CA ALA B 136 -17.73 9.11 36.15
C ALA B 136 -17.88 8.16 34.97
N ASP B 137 -16.80 8.00 34.20
CA ASP B 137 -16.75 7.10 33.05
C ASP B 137 -17.81 7.45 32.01
N TYR B 138 -17.90 8.74 31.69
CA TYR B 138 -18.92 9.23 30.76
C TYR B 138 -18.64 8.76 29.33
N GLU B 139 -17.39 8.81 28.90
CA GLU B 139 -17.05 8.40 27.54
C GLU B 139 -17.19 6.90 27.36
N GLU B 140 -16.89 6.11 28.40
CA GLU B 140 -17.17 4.68 28.35
C GLU B 140 -18.67 4.40 28.24
N LEU B 141 -19.49 5.21 28.92
CA LEU B 141 -20.93 5.04 28.78
C LEU B 141 -21.40 5.39 27.37
N ARG B 142 -20.82 6.43 26.75
CA ARG B 142 -21.15 6.72 25.36
C ARG B 142 -20.74 5.58 24.44
N GLU B 143 -19.57 4.99 24.67
CA GLU B 143 -19.12 3.86 23.87
C GLU B 143 -20.05 2.66 24.05
N GLN B 144 -20.53 2.43 25.27
CA GLN B 144 -21.49 1.34 25.49
C GLN B 144 -22.82 1.61 24.80
N LEU B 145 -23.30 2.85 24.85
CA LEU B 145 -24.59 3.19 24.27
C LEU B 145 -24.55 3.25 22.75
N SER B 146 -23.37 3.38 22.15
CA SER B 146 -23.29 3.43 20.70
C SER B 146 -23.56 2.09 20.02
N SER B 147 -23.81 1.01 20.76
CA SER B 147 -24.12 -0.29 20.18
C SER B 147 -25.44 -0.84 20.69
N VAL B 148 -26.35 0.04 21.10
CA VAL B 148 -27.66 -0.33 21.61
C VAL B 148 -28.70 0.12 20.58
N SER B 149 -29.63 -0.77 20.23
CA SER B 149 -30.66 -0.46 19.26
C SER B 149 -32.00 -0.11 19.88
N SER B 150 -32.30 -0.61 21.08
CA SER B 150 -33.53 -0.29 21.78
C SER B 150 -33.36 -0.60 23.24
N PHE B 151 -34.23 -0.02 24.07
CA PHE B 151 -34.27 -0.39 25.48
C PHE B 151 -35.70 -0.21 26.00
N GLU B 152 -35.89 -0.60 27.26
CA GLU B 152 -37.15 -0.42 27.96
C GLU B 152 -36.91 0.35 29.24
N ARG B 153 -37.64 1.45 29.43
CA ARG B 153 -37.57 2.25 30.65
C ARG B 153 -38.61 1.74 31.63
N PHE B 154 -38.15 1.22 32.78
CA PHE B 154 -39.03 0.66 33.79
C PHE B 154 -38.64 1.18 35.17
N GLU B 155 -39.60 1.18 36.07
CA GLU B 155 -39.43 1.69 37.43
C GLU B 155 -38.79 0.60 38.28
N ILE B 156 -37.49 0.76 38.55
CA ILE B 156 -36.78 -0.22 39.37
C ILE B 156 -37.21 -0.12 40.84
N PHE B 157 -37.34 1.10 41.36
CA PHE B 157 -37.84 1.35 42.71
C PHE B 157 -39.01 2.32 42.62
N PRO B 158 -40.25 1.84 42.72
CA PRO B 158 -41.40 2.74 42.67
C PRO B 158 -41.34 3.80 43.77
N LYS B 159 -41.73 5.02 43.41
CA LYS B 159 -41.54 6.16 44.30
C LYS B 159 -42.47 6.10 45.51
N GLU B 160 -43.70 5.64 45.32
CA GLU B 160 -44.72 5.74 46.36
C GLU B 160 -44.81 4.50 47.25
N SER B 161 -43.93 3.51 47.08
CA SER B 161 -43.99 2.32 47.91
C SER B 161 -42.64 1.82 48.40
N SER B 162 -41.53 2.46 48.03
CA SER B 162 -40.21 1.94 48.34
C SER B 162 -39.57 2.56 49.57
N TRP B 163 -40.01 3.74 49.99
CA TRP B 163 -39.39 4.47 51.10
C TRP B 163 -40.46 4.93 52.09
N PRO B 164 -41.00 4.01 52.88
CA PRO B 164 -42.01 4.41 53.88
C PRO B 164 -41.49 5.43 54.88
N ASN B 165 -40.24 5.32 55.29
CA ASN B 165 -39.56 6.33 56.09
C ASN B 165 -38.60 7.05 55.17
N HIS B 166 -38.58 8.40 55.27
CA HIS B 166 -37.94 9.37 54.39
C HIS B 166 -39.01 10.04 53.54
N THR B 167 -38.87 11.35 53.31
CA THR B 167 -39.81 12.08 52.46
C THR B 167 -39.30 12.12 51.03
N VAL B 168 -40.22 12.02 50.08
CA VAL B 168 -39.89 11.90 48.66
C VAL B 168 -40.43 13.08 47.85
N THR B 169 -40.90 14.13 48.50
CA THR B 169 -41.59 15.21 47.81
C THR B 169 -40.91 16.57 47.92
N LYS B 170 -39.67 16.64 48.41
CA LYS B 170 -39.01 17.92 48.64
C LYS B 170 -37.65 18.04 47.95
N GLY B 171 -37.29 17.11 47.09
CA GLY B 171 -35.98 17.16 46.45
C GLY B 171 -35.97 17.92 45.14
N VAL B 172 -36.13 19.24 45.20
CA VAL B 172 -36.17 20.09 44.02
C VAL B 172 -35.18 21.23 44.20
N THR B 173 -34.76 21.80 43.07
CA THR B 173 -33.78 22.88 43.09
C THR B 173 -34.06 23.85 41.95
N ALA B 174 -33.52 25.06 42.08
CA ALA B 174 -33.68 26.09 41.07
C ALA B 174 -32.73 25.93 39.89
N ALA B 175 -31.69 25.11 40.01
CA ALA B 175 -30.79 24.85 38.90
C ALA B 175 -31.40 23.94 37.85
N CYS B 176 -32.42 23.17 38.21
CA CYS B 176 -33.10 22.24 37.31
C CYS B 176 -34.56 22.64 37.14
N SER B 177 -34.81 23.95 37.08
CA SER B 177 -36.18 24.45 37.00
C SER B 177 -36.80 24.19 35.63
N HIS B 178 -38.10 23.91 35.64
CA HIS B 178 -38.86 23.64 34.43
C HIS B 178 -40.18 24.40 34.50
N ASN B 179 -40.46 25.19 33.46
CA ASN B 179 -41.68 26.01 33.39
C ASN B 179 -41.75 27.02 34.52
N GLY B 180 -40.60 27.50 34.97
CA GLY B 180 -40.56 28.50 36.02
C GLY B 180 -40.64 27.98 37.44
N LYS B 181 -40.77 26.66 37.62
CA LYS B 181 -40.83 26.05 38.94
C LYS B 181 -39.63 25.12 39.13
N SER B 182 -39.20 24.99 40.39
CA SER B 182 -38.10 24.11 40.72
C SER B 182 -38.48 22.65 40.47
N SER B 183 -37.54 21.88 39.94
CA SER B 183 -37.78 20.46 39.68
C SER B 183 -36.44 19.72 39.82
N PHE B 184 -36.39 18.51 39.28
CA PHE B 184 -35.23 17.64 39.40
C PHE B 184 -35.25 16.67 38.23
N TYR B 185 -34.23 15.82 38.15
CA TYR B 185 -34.19 14.77 37.15
C TYR B 185 -35.38 13.83 37.31
N LYS B 186 -35.73 13.15 36.22
CA LYS B 186 -36.89 12.28 36.21
C LYS B 186 -36.57 10.80 36.32
N ASN B 187 -35.29 10.43 36.30
CA ASN B 187 -34.89 9.05 36.52
C ASN B 187 -34.22 8.85 37.89
N LEU B 188 -34.19 9.89 38.71
CA LEU B 188 -33.51 9.85 40.00
C LEU B 188 -34.41 10.48 41.05
N LEU B 189 -34.18 10.11 42.31
CA LEU B 189 -34.98 10.60 43.42
C LEU B 189 -34.11 11.12 44.55
N TRP B 190 -34.45 12.29 45.09
CA TRP B 190 -33.72 12.91 46.18
C TRP B 190 -34.48 12.68 47.49
N LEU B 191 -33.89 11.89 48.38
CA LEU B 191 -34.52 11.57 49.65
C LEU B 191 -34.08 12.55 50.73
N THR B 192 -34.97 12.81 51.69
CA THR B 192 -34.73 13.80 52.73
C THR B 192 -35.24 13.25 54.06
N GLU B 193 -34.95 13.99 55.12
CA GLU B 193 -35.31 13.56 56.47
C GLU B 193 -36.81 13.70 56.70
N LYS B 194 -37.38 12.73 57.42
CA LYS B 194 -38.79 12.73 57.77
C LYS B 194 -38.93 12.71 59.28
N ASN B 195 -39.72 13.64 59.82
CA ASN B 195 -39.96 13.76 61.26
C ASN B 195 -38.66 14.01 62.03
N GLY B 196 -37.68 14.64 61.39
CA GLY B 196 -36.43 14.94 62.04
C GLY B 196 -35.44 13.80 62.15
N LEU B 197 -35.61 12.75 61.35
CA LEU B 197 -34.72 11.60 61.39
C LEU B 197 -34.38 11.16 59.98
N TYR B 198 -33.19 10.57 59.83
CA TYR B 198 -32.74 9.94 58.59
C TYR B 198 -32.19 8.57 58.94
N PRO B 199 -33.06 7.58 59.14
CA PRO B 199 -32.59 6.24 59.52
C PRO B 199 -31.87 5.55 58.37
N ASN B 200 -31.09 4.53 58.71
CA ASN B 200 -30.42 3.77 57.65
C ASN B 200 -31.42 3.07 56.75
N LEU B 201 -31.04 2.94 55.48
CA LEU B 201 -31.84 2.27 54.47
C LEU B 201 -31.06 1.13 53.85
N SER B 202 -31.78 0.15 53.34
CA SER B 202 -31.20 -0.98 52.62
C SER B 202 -32.15 -1.38 51.52
N LYS B 203 -31.64 -1.54 50.30
CA LYS B 203 -32.51 -1.89 49.18
C LYS B 203 -31.81 -2.85 48.24
N SER B 204 -32.52 -3.89 47.81
CA SER B 204 -31.97 -4.88 46.90
C SER B 204 -32.85 -5.01 45.67
N TYR B 205 -32.23 -5.32 44.54
CA TYR B 205 -32.96 -5.59 43.30
C TYR B 205 -32.34 -6.79 42.60
N VAL B 206 -33.18 -7.72 42.16
CA VAL B 206 -32.76 -8.92 41.46
C VAL B 206 -33.18 -8.81 39.99
N ASN B 207 -32.24 -9.07 39.09
CA ASN B 207 -32.48 -8.95 37.66
C ASN B 207 -33.18 -10.19 37.14
N ASN B 208 -34.41 -10.02 36.64
CA ASN B 208 -35.19 -11.13 36.08
C ASN B 208 -35.70 -10.81 34.68
N LYS B 209 -35.06 -9.88 33.97
CA LYS B 209 -35.51 -9.44 32.66
C LYS B 209 -34.76 -10.12 31.51
N GLU B 210 -33.83 -11.03 31.81
CA GLU B 210 -33.05 -11.75 30.81
C GLU B 210 -32.24 -10.83 29.91
N LYS B 211 -31.97 -9.62 30.35
CA LYS B 211 -31.15 -8.66 29.63
C LYS B 211 -30.27 -7.93 30.63
N GLU B 212 -29.24 -7.26 30.12
CA GLU B 212 -28.45 -6.36 30.95
C GLU B 212 -29.30 -5.17 31.36
N VAL B 213 -29.11 -4.70 32.59
CA VAL B 213 -29.84 -3.55 33.11
C VAL B 213 -28.84 -2.46 33.48
N LEU B 214 -29.10 -1.25 32.99
CA LEU B 214 -28.24 -0.11 33.29
C LEU B 214 -28.83 0.65 34.48
N VAL B 215 -28.05 0.77 35.55
CA VAL B 215 -28.47 1.44 36.78
C VAL B 215 -27.60 2.66 37.01
N LEU B 216 -28.22 3.76 37.44
CA LEU B 216 -27.54 5.02 37.71
C LEU B 216 -27.95 5.57 39.06
N TRP B 217 -27.00 6.19 39.76
CA TRP B 217 -27.27 6.82 41.05
C TRP B 217 -26.33 8.01 41.22
N GLY B 218 -26.44 8.68 42.36
CA GLY B 218 -25.62 9.85 42.63
C GLY B 218 -25.37 10.05 44.11
N VAL B 219 -24.38 10.89 44.40
CA VAL B 219 -23.98 11.24 45.77
C VAL B 219 -23.85 12.74 45.88
N HIS B 220 -24.40 13.31 46.95
CA HIS B 220 -24.44 14.76 47.16
C HIS B 220 -23.31 15.23 48.07
N HIS B 221 -22.66 16.32 47.70
CA HIS B 221 -21.61 16.97 48.48
C HIS B 221 -22.02 18.39 48.78
N PRO B 222 -22.47 18.70 50.00
CA PRO B 222 -22.88 20.07 50.33
C PRO B 222 -21.69 20.98 50.57
N SER B 223 -21.99 22.26 50.78
CA SER B 223 -20.98 23.30 50.86
C SER B 223 -20.56 23.64 52.29
N ASN B 224 -21.43 23.49 53.28
CA ASN B 224 -21.06 23.74 54.66
C ASN B 224 -21.71 22.70 55.56
N ILE B 225 -21.17 22.59 56.77
CA ILE B 225 -21.65 21.59 57.73
C ILE B 225 -23.06 21.90 58.23
N GLY B 226 -23.48 23.17 58.16
CA GLY B 226 -24.83 23.49 58.57
C GLY B 226 -25.89 22.82 57.71
N ASP B 227 -25.71 22.86 56.39
CA ASP B 227 -26.63 22.19 55.50
C ASP B 227 -26.61 20.68 55.70
N GLN B 228 -25.43 20.11 55.90
CA GLN B 228 -25.33 18.68 56.15
C GLN B 228 -26.12 18.27 57.39
N ARG B 229 -25.94 19.01 58.48
CA ARG B 229 -26.64 18.70 59.71
C ARG B 229 -28.15 18.95 59.59
N ALA B 230 -28.55 19.98 58.84
CA ALA B 230 -29.97 20.29 58.72
C ALA B 230 -30.70 19.31 57.80
N ILE B 231 -30.02 18.77 56.81
CA ILE B 231 -30.70 17.91 55.83
C ILE B 231 -30.62 16.44 56.22
N TYR B 232 -29.48 15.98 56.76
CA TYR B 232 -29.31 14.56 57.02
C TYR B 232 -29.13 14.21 58.49
N HIS B 233 -28.97 15.19 59.37
CA HIS B 233 -28.84 14.96 60.81
C HIS B 233 -27.69 14.01 61.12
N THR B 234 -26.61 14.11 60.35
CA THR B 234 -25.43 13.30 60.58
C THR B 234 -24.21 14.06 60.09
N GLU B 235 -23.05 13.67 60.59
CA GLU B 235 -21.79 14.29 60.19
C GLU B 235 -20.88 13.36 59.40
N ASN B 236 -20.89 12.08 59.71
CA ASN B 236 -20.06 11.08 59.01
C ASN B 236 -20.99 10.11 58.31
N ALA B 237 -21.35 10.43 57.07
CA ALA B 237 -22.25 9.62 56.27
C ALA B 237 -21.44 8.77 55.28
N TYR B 238 -22.08 7.71 54.80
CA TYR B 238 -21.46 6.80 53.84
C TYR B 238 -22.53 6.27 52.90
N VAL B 239 -22.11 5.91 51.69
CA VAL B 239 -22.96 5.21 50.74
C VAL B 239 -22.22 3.97 50.25
N SER B 240 -22.89 2.83 50.25
CA SER B 240 -22.28 1.57 49.80
C SER B 240 -23.15 0.97 48.70
N VAL B 241 -22.51 0.59 47.59
CA VAL B 241 -23.19 -0.08 46.50
C VAL B 241 -22.41 -1.34 46.15
N VAL B 242 -23.07 -2.51 46.20
CA VAL B 242 -22.39 -3.77 45.93
C VAL B 242 -23.24 -4.64 45.01
N SER B 243 -22.55 -5.54 44.31
CA SER B 243 -23.17 -6.59 43.50
C SER B 243 -22.21 -7.78 43.50
N SER B 244 -22.40 -8.71 42.57
CA SER B 244 -21.58 -9.92 42.53
C SER B 244 -20.13 -9.60 42.16
N HIS B 245 -19.92 -8.66 41.25
CA HIS B 245 -18.57 -8.31 40.80
C HIS B 245 -18.31 -6.82 40.88
N TYR B 246 -19.12 -6.07 41.62
CA TYR B 246 -18.96 -4.65 41.80
C TYR B 246 -19.02 -4.33 43.29
N SER B 247 -18.23 -3.35 43.73
CA SER B 247 -18.21 -2.95 45.12
C SER B 247 -17.63 -1.56 45.22
N ARG B 248 -18.34 -0.65 45.89
CA ARG B 248 -17.78 0.67 46.10
C ARG B 248 -18.41 1.34 47.31
N ARG B 249 -17.63 2.24 47.92
CA ARG B 249 -18.01 3.04 49.07
C ARG B 249 -17.70 4.50 48.77
N PHE B 250 -18.60 5.39 49.20
CA PHE B 250 -18.52 6.82 48.95
C PHE B 250 -18.71 7.59 50.25
N THR B 251 -17.96 8.67 50.41
CA THR B 251 -18.11 9.58 51.54
C THR B 251 -18.22 11.01 51.03
N PRO B 252 -19.17 11.78 51.53
CA PRO B 252 -19.29 13.18 51.09
C PRO B 252 -18.15 14.06 51.58
N GLU B 253 -17.88 15.12 50.81
CA GLU B 253 -16.85 16.10 51.12
C GLU B 253 -17.48 17.48 51.20
N ILE B 254 -17.22 18.19 52.28
CA ILE B 254 -17.81 19.50 52.54
C ILE B 254 -16.74 20.57 52.31
N ALA B 255 -17.00 21.47 51.38
CA ALA B 255 -16.07 22.54 51.04
C ALA B 255 -16.83 23.65 50.35
N LYS B 256 -16.22 24.84 50.33
CA LYS B 256 -16.78 25.99 49.65
C LYS B 256 -16.23 26.06 48.23
N ARG B 257 -17.11 26.15 47.25
CA ARG B 257 -16.73 26.05 45.85
C ARG B 257 -17.33 27.21 45.07
N PRO B 258 -16.69 27.60 43.95
CA PRO B 258 -17.29 28.63 43.09
C PRO B 258 -18.62 28.16 42.53
N LYS B 259 -19.57 29.10 42.42
CA LYS B 259 -20.88 28.79 41.90
C LYS B 259 -20.82 28.49 40.40
N VAL B 260 -21.61 27.52 39.95
CA VAL B 260 -21.66 27.23 38.52
C VAL B 260 -23.00 27.65 37.96
N ARG B 261 -24.07 26.96 38.34
CA ARG B 261 -25.42 27.47 38.08
C ARG B 261 -26.05 28.03 39.35
N GLY B 262 -25.35 28.95 40.00
CA GLY B 262 -25.79 29.48 41.27
C GLY B 262 -25.64 28.55 42.45
N GLN B 263 -24.93 27.44 42.31
CA GLN B 263 -24.84 26.41 43.33
C GLN B 263 -23.40 26.20 43.77
N GLU B 264 -23.19 26.10 45.08
CA GLU B 264 -21.88 25.83 45.66
C GLU B 264 -21.68 24.36 46.05
N GLY B 265 -22.73 23.55 46.02
CA GLY B 265 -22.61 22.13 46.24
C GLY B 265 -22.47 21.36 44.94
N ARG B 266 -22.22 20.06 45.06
CA ARG B 266 -22.00 19.22 43.89
C ARG B 266 -22.76 17.91 44.06
N ILE B 267 -22.96 17.22 42.93
CA ILE B 267 -23.50 15.86 42.91
C ILE B 267 -22.68 15.05 41.92
N ASN B 268 -22.18 13.90 42.35
CA ASN B 268 -21.42 12.99 41.51
C ASN B 268 -22.31 11.84 41.04
N TYR B 269 -22.19 11.49 39.77
CA TYR B 269 -23.09 10.52 39.12
C TYR B 269 -22.32 9.25 38.78
N TYR B 270 -22.92 8.09 39.07
CA TYR B 270 -22.30 6.80 38.86
C TYR B 270 -23.29 5.86 38.18
N TRP B 271 -22.75 4.86 37.47
CA TRP B 271 -23.56 3.92 36.73
C TRP B 271 -22.91 2.53 36.75
N THR B 272 -23.71 1.52 36.49
CA THR B 272 -23.21 0.15 36.36
C THR B 272 -24.16 -0.67 35.51
N LEU B 273 -23.66 -1.80 35.02
CA LEU B 273 -24.43 -2.76 34.23
C LEU B 273 -24.62 -4.05 35.04
N LEU B 274 -25.85 -4.52 35.10
CA LEU B 274 -26.22 -5.69 35.88
C LEU B 274 -26.60 -6.82 34.93
N GLU B 275 -25.93 -7.96 35.09
CA GLU B 275 -26.12 -9.13 34.24
C GLU B 275 -27.37 -9.91 34.64
N PRO B 276 -27.93 -10.70 33.73
CA PRO B 276 -29.16 -11.44 34.04
C PRO B 276 -28.96 -12.38 35.23
N GLY B 277 -29.96 -12.41 36.11
CA GLY B 277 -29.93 -13.24 37.29
C GLY B 277 -29.14 -12.70 38.46
N ASP B 278 -28.58 -11.50 38.35
CA ASP B 278 -27.76 -10.92 39.40
C ASP B 278 -28.58 -9.99 40.27
N THR B 279 -28.01 -9.61 41.42
CA THR B 279 -28.67 -8.74 42.37
C THR B 279 -27.73 -7.61 42.79
N ILE B 280 -28.31 -6.47 43.12
CA ILE B 280 -27.57 -5.28 43.50
C ILE B 280 -28.15 -4.74 44.81
N ILE B 281 -27.28 -4.28 45.70
CA ILE B 281 -27.66 -3.81 47.03
C ILE B 281 -27.12 -2.40 47.26
N PHE B 282 -27.99 -1.55 47.79
CA PHE B 282 -27.70 -0.17 48.17
C PHE B 282 -27.87 -0.04 49.68
N GLU B 283 -26.88 0.59 50.34
CA GLU B 283 -26.97 0.94 51.75
C GLU B 283 -26.49 2.36 51.93
N ALA B 284 -27.10 3.10 52.85
CA ALA B 284 -26.74 4.51 52.99
C ALA B 284 -27.05 5.01 54.39
N ASN B 285 -26.21 5.95 54.83
CA ASN B 285 -26.43 6.74 56.03
C ASN B 285 -27.03 8.11 55.71
N GLY B 286 -26.82 8.58 54.49
CA GLY B 286 -27.32 9.87 54.05
C GLY B 286 -26.71 10.18 52.69
N ASN B 287 -27.09 11.34 52.16
CA ASN B 287 -26.51 11.91 50.95
C ASN B 287 -26.75 11.08 49.70
N LEU B 288 -27.77 10.22 49.68
CA LEU B 288 -28.01 9.33 48.55
C LEU B 288 -29.08 9.90 47.62
N ILE B 289 -28.80 9.93 46.33
CA ILE B 289 -29.78 10.21 45.29
C ILE B 289 -30.09 8.86 44.64
N ALA B 290 -31.25 8.31 44.97
CA ALA B 290 -31.63 6.94 44.66
C ALA B 290 -32.04 6.78 43.21
N PRO B 291 -31.87 5.59 42.65
CA PRO B 291 -32.41 5.30 41.33
C PRO B 291 -33.94 5.28 41.34
N TRP B 292 -34.52 5.70 40.23
CA TRP B 292 -35.96 5.65 40.03
C TRP B 292 -36.35 4.87 38.79
N TYR B 293 -35.62 5.03 37.68
CA TYR B 293 -35.87 4.31 36.44
C TYR B 293 -34.57 3.71 35.93
N ALA B 294 -34.67 2.53 35.33
CA ALA B 294 -33.54 1.83 34.75
C ALA B 294 -33.87 1.43 33.32
N PHE B 295 -32.89 0.87 32.61
CA PHE B 295 -33.03 0.51 31.21
C PHE B 295 -32.57 -0.93 30.99
N ALA B 296 -33.37 -1.69 30.26
CA ALA B 296 -32.99 -3.04 29.80
C ALA B 296 -32.61 -2.95 28.34
N LEU B 297 -31.36 -3.30 28.02
CA LEU B 297 -30.75 -2.95 26.74
C LEU B 297 -30.78 -4.12 25.76
N SER B 298 -30.95 -3.78 24.48
CA SER B 298 -30.85 -4.73 23.37
C SER B 298 -29.76 -4.25 22.42
N ARG B 299 -28.87 -5.17 22.05
CA ARG B 299 -27.71 -4.86 21.23
C ARG B 299 -27.97 -5.14 19.76
N GLY B 300 -27.20 -4.46 18.91
CA GLY B 300 -27.33 -4.62 17.47
C GLY B 300 -26.05 -4.34 16.71
N PHE B 301 -26.15 -4.24 15.39
CA PHE B 301 -25.00 -3.98 14.53
C PHE B 301 -25.29 -2.80 13.63
N GLY B 302 -24.23 -2.06 13.29
CA GLY B 302 -24.37 -0.94 12.38
C GLY B 302 -25.13 0.23 12.96
N SER B 303 -24.58 0.86 14.00
CA SER B 303 -25.22 1.99 14.65
C SER B 303 -24.12 2.89 15.22
N GLY B 304 -24.51 4.07 15.66
CA GLY B 304 -23.56 4.98 16.25
C GLY B 304 -24.19 6.31 16.56
N ILE B 305 -23.36 7.22 17.05
CA ILE B 305 -23.75 8.58 17.42
C ILE B 305 -22.97 9.54 16.54
N ILE B 306 -23.67 10.38 15.79
CA ILE B 306 -23.03 11.34 14.91
C ILE B 306 -23.39 12.75 15.36
N THR B 307 -22.55 13.71 14.99
CA THR B 307 -22.71 15.11 15.36
C THR B 307 -23.03 15.92 14.11
N SER B 308 -24.21 16.53 14.08
CA SER B 308 -24.62 17.27 12.89
C SER B 308 -25.71 18.26 13.26
N ASN B 309 -25.93 19.21 12.36
CA ASN B 309 -27.01 20.18 12.45
C ASN B 309 -27.89 20.17 11.21
N ALA B 310 -28.02 19.01 10.59
CA ALA B 310 -28.86 18.86 9.43
C ALA B 310 -30.29 18.58 9.87
N SER B 311 -31.24 18.95 9.02
CA SER B 311 -32.64 18.76 9.37
C SER B 311 -33.11 17.39 8.93
N MET B 312 -34.22 16.96 9.52
CA MET B 312 -34.79 15.66 9.18
C MET B 312 -35.63 15.79 7.92
N GLY B 313 -35.51 14.78 7.04
CA GLY B 313 -36.26 14.73 5.81
C GLY B 313 -37.04 13.43 5.69
N GLU B 314 -37.93 13.41 4.71
CA GLU B 314 -38.79 12.24 4.47
C GLU B 314 -38.16 11.34 3.40
N CYS B 315 -37.00 10.78 3.74
CA CYS B 315 -36.22 10.01 2.79
C CYS B 315 -36.12 8.56 3.24
N ASP B 316 -35.56 7.75 2.35
CA ASP B 316 -34.85 6.54 2.72
C ASP B 316 -33.49 6.59 2.02
N ALA B 317 -32.51 5.90 2.60
CA ALA B 317 -31.17 5.93 2.04
C ALA B 317 -30.41 4.67 2.47
N LYS B 318 -29.27 4.46 1.81
CA LYS B 318 -28.36 3.37 2.18
C LYS B 318 -27.16 3.85 2.98
N CYS B 319 -26.80 5.12 2.86
CA CYS B 319 -25.66 5.68 3.58
C CYS B 319 -26.06 7.02 4.19
N GLN B 320 -25.52 7.31 5.37
CA GLN B 320 -25.77 8.58 6.05
C GLN B 320 -24.44 9.17 6.51
N THR B 321 -24.26 10.46 6.24
CA THR B 321 -23.09 11.22 6.67
C THR B 321 -23.57 12.41 7.51
N PRO B 322 -22.68 13.06 8.27
CA PRO B 322 -23.10 14.27 9.00
C PRO B 322 -23.60 15.40 8.10
N GLN B 323 -23.27 15.38 6.81
CA GLN B 323 -23.73 16.41 5.87
C GLN B 323 -25.03 16.05 5.18
N GLY B 324 -25.20 14.78 4.79
CA GLY B 324 -26.41 14.37 4.11
C GLY B 324 -26.29 12.91 3.71
N ALA B 325 -27.36 12.41 3.10
CA ALA B 325 -27.42 11.02 2.68
C ALA B 325 -26.91 10.84 1.25
N ILE B 326 -26.44 9.64 0.96
CA ILE B 326 -25.86 9.30 -0.34
C ILE B 326 -26.57 8.07 -0.91
N ASN B 327 -26.99 8.16 -2.17
CA ASN B 327 -27.32 6.99 -2.98
C ASN B 327 -26.30 6.89 -4.12
N SER B 328 -25.42 5.91 -4.04
CA SER B 328 -24.39 5.72 -5.07
C SER B 328 -23.88 4.29 -5.03
N SER B 329 -23.55 3.78 -6.21
CA SER B 329 -22.85 2.50 -6.35
C SER B 329 -21.38 2.69 -6.75
N LEU B 330 -20.89 3.92 -6.73
CA LEU B 330 -19.50 4.18 -7.06
C LEU B 330 -18.59 3.67 -5.95
N PRO B 331 -17.34 3.31 -6.27
CA PRO B 331 -16.45 2.77 -5.24
C PRO B 331 -15.79 3.80 -4.33
N PHE B 332 -15.85 5.09 -4.64
CA PHE B 332 -15.17 6.11 -3.86
C PHE B 332 -16.06 7.31 -3.64
N GLN B 333 -15.79 8.05 -2.57
CA GLN B 333 -16.46 9.31 -2.28
C GLN B 333 -15.49 10.23 -1.54
N ASN B 334 -15.78 11.54 -1.58
CA ASN B 334 -14.99 12.53 -0.87
C ASN B 334 -15.88 13.52 -0.14
N VAL B 335 -16.96 13.03 0.46
CA VAL B 335 -17.91 13.89 1.16
C VAL B 335 -17.55 14.03 2.63
N HIS B 336 -17.49 12.91 3.35
CA HIS B 336 -17.16 12.93 4.77
C HIS B 336 -16.57 11.60 5.19
N PRO B 337 -15.54 11.61 6.05
CA PRO B 337 -14.97 10.34 6.53
C PRO B 337 -15.86 9.56 7.49
N VAL B 338 -16.86 10.19 8.11
CA VAL B 338 -17.74 9.52 9.06
C VAL B 338 -19.01 9.13 8.32
N THR B 339 -19.34 7.84 8.34
CA THR B 339 -20.46 7.30 7.60
C THR B 339 -21.17 6.22 8.42
N ILE B 340 -22.44 6.02 8.13
CA ILE B 340 -23.23 4.94 8.71
C ILE B 340 -24.03 4.27 7.61
N GLY B 341 -23.93 2.95 7.50
CA GLY B 341 -24.65 2.19 6.50
C GLY B 341 -23.70 1.54 5.50
N GLU B 342 -24.20 1.33 4.28
CA GLU B 342 -23.43 0.79 3.18
C GLU B 342 -22.94 1.96 2.32
N CYS B 343 -21.65 2.26 2.42
CA CYS B 343 -21.08 3.48 1.86
C CYS B 343 -19.84 3.18 1.06
N PRO B 344 -19.48 4.06 0.12
CA PRO B 344 -18.19 3.93 -0.58
C PRO B 344 -17.01 4.26 0.33
N LYS B 345 -15.80 4.18 -0.22
CA LYS B 345 -14.59 4.46 0.54
C LYS B 345 -14.22 5.94 0.42
N TYR B 346 -13.67 6.50 1.49
CA TYR B 346 -13.37 7.92 1.54
C TYR B 346 -11.92 8.17 1.16
N VAL B 347 -11.70 9.15 0.27
CA VAL B 347 -10.38 9.55 -0.17
C VAL B 347 -10.32 11.07 -0.24
N ARG B 348 -9.10 11.60 -0.29
CA ARG B 348 -8.87 13.04 -0.41
C ARG B 348 -8.88 13.51 -1.85
N SER B 349 -9.07 12.63 -2.82
CA SER B 349 -8.92 12.99 -4.22
C SER B 349 -10.05 13.92 -4.68
N THR B 350 -9.77 14.64 -5.77
CA THR B 350 -10.77 15.48 -6.42
C THR B 350 -11.20 14.96 -7.78
N LYS B 351 -10.43 14.05 -8.39
CA LYS B 351 -10.77 13.51 -9.70
C LYS B 351 -10.21 12.10 -9.81
N LEU B 352 -11.05 11.16 -10.26
CA LEU B 352 -10.63 9.78 -10.51
C LEU B 352 -11.46 9.25 -11.68
N ARG B 353 -10.91 9.37 -12.89
CA ARG B 353 -11.58 8.96 -14.11
C ARG B 353 -10.77 7.89 -14.82
N MET B 354 -11.46 6.84 -15.28
CA MET B 354 -10.83 5.68 -15.91
C MET B 354 -11.22 5.63 -17.39
N VAL B 355 -10.22 5.56 -18.26
CA VAL B 355 -10.48 5.52 -19.69
C VAL B 355 -10.86 4.11 -20.10
N THR B 356 -11.83 4.01 -21.01
CA THR B 356 -12.23 2.74 -21.60
C THR B 356 -12.04 2.70 -23.11
N GLY B 357 -12.07 3.84 -23.79
CA GLY B 357 -11.89 3.93 -25.23
C GLY B 357 -10.47 4.30 -25.61
N LEU B 358 -10.33 4.91 -26.78
CA LEU B 358 -9.03 5.27 -27.33
C LEU B 358 -8.85 6.78 -27.34
N ARG B 359 -7.70 7.21 -27.86
CA ARG B 359 -7.45 8.64 -28.06
C ARG B 359 -8.38 9.21 -29.11
N ASN B 360 -8.88 10.41 -28.85
CA ASN B 360 -9.81 11.07 -29.76
C ASN B 360 -9.03 12.00 -30.68
N ILE B 361 -8.94 11.62 -31.95
CA ILE B 361 -8.32 12.44 -32.98
C ILE B 361 -9.32 12.59 -34.11
N PRO B 362 -10.32 13.46 -34.00
CA PRO B 362 -11.35 13.57 -35.03
C PRO B 362 -10.91 14.25 -36.31
N SER B 363 -9.61 14.53 -36.47
CA SER B 363 -9.10 15.12 -37.70
C SER B 363 -9.08 14.08 -38.83
N GLY B 368 2.93 6.45 -29.08
CA GLY B 368 2.47 5.11 -28.81
C GLY B 368 3.58 4.08 -28.85
N LEU B 369 3.47 3.06 -28.00
CA LEU B 369 4.51 2.04 -27.94
C LEU B 369 4.61 1.22 -29.22
N PHE B 370 3.53 1.18 -30.01
CA PHE B 370 3.50 0.33 -31.19
C PHE B 370 3.43 1.11 -32.50
N GLY B 371 3.29 2.43 -32.44
CA GLY B 371 3.48 3.28 -33.60
C GLY B 371 2.35 3.33 -34.60
N ALA B 372 1.16 2.81 -34.27
CA ALA B 372 0.05 2.77 -35.21
C ALA B 372 -0.91 3.93 -35.02
N ILE B 373 -1.48 4.09 -33.83
CA ILE B 373 -2.39 5.19 -33.56
C ILE B 373 -1.59 6.46 -33.36
N ALA B 374 -1.98 7.51 -34.10
CA ALA B 374 -1.19 8.75 -34.19
C ALA B 374 0.23 8.44 -34.67
N GLY B 375 0.34 7.51 -35.59
CA GLY B 375 1.60 7.04 -36.13
C GLY B 375 1.54 7.01 -37.64
N PHE B 376 1.77 5.83 -38.23
CA PHE B 376 1.58 5.73 -39.67
C PHE B 376 0.12 5.76 -40.09
N ILE B 377 -0.81 5.66 -39.15
CA ILE B 377 -2.22 5.98 -39.38
C ILE B 377 -2.52 7.24 -38.59
N GLU B 378 -2.84 8.32 -39.30
CA GLU B 378 -2.72 9.66 -38.74
C GLU B 378 -3.91 10.06 -37.87
N GLY B 379 -5.12 9.67 -38.25
CA GLY B 379 -6.29 10.12 -37.52
C GLY B 379 -7.41 9.09 -37.52
N GLY B 380 -8.47 9.42 -36.78
CA GLY B 380 -9.61 8.54 -36.63
C GLY B 380 -10.75 8.89 -37.58
N TRP B 381 -11.77 8.03 -37.57
CA TRP B 381 -12.92 8.14 -38.45
C TRP B 381 -14.18 8.42 -37.62
N THR B 382 -14.86 9.52 -37.94
CA THR B 382 -16.16 9.78 -37.34
C THR B 382 -17.29 9.10 -38.10
N GLY B 383 -17.03 8.55 -39.28
CA GLY B 383 -18.02 7.83 -40.04
C GLY B 383 -18.18 6.37 -39.69
N MET B 384 -17.27 5.82 -38.89
CA MET B 384 -17.36 4.45 -38.42
C MET B 384 -17.87 4.49 -36.99
N ILE B 385 -19.12 4.06 -36.78
CA ILE B 385 -19.82 4.27 -35.52
C ILE B 385 -20.18 2.98 -34.80
N ASP B 386 -20.06 1.82 -35.44
CA ASP B 386 -20.52 0.57 -34.86
C ASP B 386 -19.40 -0.24 -34.21
N GLY B 387 -18.22 0.33 -34.03
CA GLY B 387 -17.14 -0.41 -33.41
C GLY B 387 -15.94 0.48 -33.19
N TRP B 388 -14.84 -0.15 -32.76
CA TRP B 388 -13.60 0.55 -32.46
C TRP B 388 -12.59 0.51 -33.60
N TYR B 389 -12.50 -0.60 -34.33
CA TYR B 389 -11.58 -0.76 -35.44
C TYR B 389 -12.34 -1.29 -36.64
N GLY B 390 -11.88 -0.95 -37.84
CA GLY B 390 -12.59 -1.40 -39.02
C GLY B 390 -11.92 -1.01 -40.33
N TYR B 391 -12.70 -1.13 -41.40
CA TYR B 391 -12.24 -0.98 -42.77
C TYR B 391 -13.04 0.09 -43.50
N HIS B 392 -12.39 0.69 -44.49
CA HIS B 392 -13.04 1.55 -45.49
C HIS B 392 -12.67 1.02 -46.86
N HIS B 393 -13.67 0.71 -47.69
CA HIS B 393 -13.40 0.09 -48.98
C HIS B 393 -13.89 0.98 -50.11
N GLN B 394 -13.35 0.73 -51.30
CA GLN B 394 -13.76 1.50 -52.48
C GLN B 394 -13.54 0.65 -53.72
N ASN B 395 -14.61 0.42 -54.49
CA ASN B 395 -14.51 -0.26 -55.77
C ASN B 395 -15.53 0.34 -56.72
N GLU B 396 -15.67 -0.29 -57.90
CA GLU B 396 -16.51 0.23 -58.97
C GLU B 396 -17.98 0.33 -58.59
N GLN B 397 -18.42 -0.41 -57.57
CA GLN B 397 -19.81 -0.35 -57.12
C GLN B 397 -20.03 0.64 -55.98
N GLY B 398 -18.98 1.22 -55.43
CA GLY B 398 -19.15 2.25 -54.42
C GLY B 398 -18.12 2.12 -53.31
N SER B 399 -18.38 2.86 -52.23
CA SER B 399 -17.50 2.93 -51.07
C SER B 399 -18.31 2.69 -49.80
N GLY B 400 -17.63 2.61 -48.68
CA GLY B 400 -18.32 2.45 -47.42
C GLY B 400 -17.37 2.09 -46.29
N TYR B 401 -17.90 2.24 -45.07
CA TYR B 401 -17.24 1.89 -43.83
C TYR B 401 -17.83 0.61 -43.27
N ALA B 402 -17.01 -0.13 -42.52
CA ALA B 402 -17.49 -1.30 -41.81
C ALA B 402 -16.57 -1.53 -40.61
N ALA B 403 -17.07 -2.27 -39.63
CA ALA B 403 -16.31 -2.54 -38.42
C ALA B 403 -15.97 -4.01 -38.33
N ASP B 404 -14.84 -4.30 -37.69
CA ASP B 404 -14.44 -5.67 -37.39
C ASP B 404 -15.02 -6.07 -36.05
N GLN B 405 -15.87 -7.09 -36.05
CA GLN B 405 -16.57 -7.50 -34.83
C GLN B 405 -15.69 -8.29 -33.88
N LYS B 406 -14.80 -9.13 -34.40
CA LYS B 406 -14.00 -9.99 -33.52
C LYS B 406 -13.00 -9.19 -32.70
N SER B 407 -12.31 -8.25 -33.34
CA SER B 407 -11.35 -7.41 -32.62
C SER B 407 -12.04 -6.58 -31.54
N THR B 408 -13.16 -5.96 -31.89
CA THR B 408 -13.91 -5.15 -30.94
C THR B 408 -14.42 -6.01 -29.79
N GLN B 409 -14.89 -7.22 -30.08
CA GLN B 409 -15.36 -8.11 -29.03
C GLN B 409 -14.24 -8.48 -28.06
N ASN B 410 -13.07 -8.81 -28.58
CA ASN B 410 -11.94 -9.15 -27.70
C ASN B 410 -11.54 -7.96 -26.84
N ALA B 411 -11.48 -6.77 -27.43
CA ALA B 411 -11.13 -5.58 -26.65
C ALA B 411 -12.16 -5.31 -25.55
N ILE B 412 -13.45 -5.46 -25.88
CA ILE B 412 -14.50 -5.21 -24.90
C ILE B 412 -14.41 -6.22 -23.75
N ASN B 413 -14.16 -7.49 -24.07
CA ASN B 413 -13.96 -8.50 -23.05
C ASN B 413 -12.86 -8.09 -22.08
N GLY B 414 -11.69 -7.72 -22.63
CA GLY B 414 -10.57 -7.34 -21.79
C GLY B 414 -10.86 -6.13 -20.91
N ILE B 415 -11.47 -5.10 -21.50
CA ILE B 415 -11.70 -3.86 -20.75
C ILE B 415 -12.72 -4.07 -19.63
N THR B 416 -13.80 -4.80 -19.91
CA THR B 416 -14.79 -5.05 -18.86
C THR B 416 -14.20 -5.90 -17.74
N ASN B 417 -13.37 -6.88 -18.09
CA ASN B 417 -12.71 -7.68 -17.05
C ASN B 417 -11.82 -6.79 -16.17
N LYS B 418 -11.08 -5.88 -16.79
CA LYS B 418 -10.21 -4.99 -16.02
C LYS B 418 -11.01 -4.11 -15.04
N VAL B 419 -12.09 -3.51 -15.53
CA VAL B 419 -12.88 -2.62 -14.67
C VAL B 419 -13.52 -3.42 -13.53
N ASN B 420 -14.04 -4.62 -13.83
CA ASN B 420 -14.64 -5.45 -12.79
C ASN B 420 -13.62 -5.83 -11.73
N SER B 421 -12.40 -6.18 -12.15
CA SER B 421 -11.36 -6.53 -11.19
C SER B 421 -11.01 -5.35 -10.29
N VAL B 422 -10.90 -4.15 -10.87
CA VAL B 422 -10.61 -2.97 -10.08
C VAL B 422 -11.71 -2.73 -9.05
N ILE B 423 -12.98 -2.85 -9.47
CA ILE B 423 -14.09 -2.66 -8.54
C ILE B 423 -14.04 -3.69 -7.42
N GLU B 424 -13.77 -4.95 -7.76
CA GLU B 424 -13.78 -6.01 -6.76
C GLU B 424 -12.68 -5.86 -5.73
N LYS B 425 -11.49 -5.41 -6.14
CA LYS B 425 -10.37 -5.37 -5.19
C LYS B 425 -10.49 -4.28 -4.14
N MET B 426 -11.45 -3.37 -4.25
CA MET B 426 -11.56 -2.22 -3.35
C MET B 426 -12.84 -2.25 -2.52
N ASN B 427 -13.16 -3.41 -1.94
CA ASN B 427 -14.33 -3.55 -1.07
C ASN B 427 -13.87 -3.99 0.31
N THR B 428 -14.20 -3.20 1.33
CA THR B 428 -13.83 -3.51 2.71
C THR B 428 -15.01 -3.19 3.62
N GLN B 429 -14.76 -3.16 4.93
CA GLN B 429 -15.78 -2.88 5.92
C GLN B 429 -16.06 -1.38 6.01
N PHE B 430 -17.16 -1.03 6.68
CA PHE B 430 -17.59 0.35 6.77
C PHE B 430 -18.31 0.55 8.10
N THR B 431 -19.08 1.65 8.21
CA THR B 431 -19.81 2.02 9.43
C THR B 431 -18.85 2.25 10.60
N ALA B 432 -18.02 3.29 10.46
CA ALA B 432 -17.06 3.68 11.48
C ALA B 432 -17.39 5.08 11.98
N VAL B 433 -17.41 5.25 13.31
CA VAL B 433 -17.73 6.52 13.94
C VAL B 433 -16.66 6.83 14.98
N GLY B 434 -16.51 8.12 15.30
CA GLY B 434 -15.47 8.57 16.19
C GLY B 434 -15.75 8.33 17.67
N LYS B 435 -14.71 8.57 18.48
CA LYS B 435 -14.74 8.39 19.92
C LYS B 435 -14.59 9.74 20.62
N GLU B 436 -14.65 9.70 21.95
CA GLU B 436 -14.48 10.89 22.78
C GLU B 436 -13.52 10.60 23.92
N PHE B 437 -12.84 11.65 24.37
CA PHE B 437 -11.83 11.56 25.43
C PHE B 437 -11.97 12.77 26.33
N ASN B 438 -11.48 12.64 27.57
CA ASN B 438 -11.51 13.76 28.51
C ASN B 438 -10.15 14.45 28.54
N LYS B 439 -10.03 15.45 29.41
CA LYS B 439 -8.88 16.33 29.41
C LYS B 439 -7.58 15.63 29.80
N LEU B 440 -7.65 14.52 30.54
CA LEU B 440 -6.46 13.80 30.97
C LEU B 440 -6.17 12.58 30.10
N GLU B 441 -6.64 12.58 28.86
CA GLU B 441 -6.48 11.46 27.94
C GLU B 441 -6.04 11.96 26.56
N ARG B 442 -5.07 12.86 26.54
CA ARG B 442 -4.63 13.44 25.26
C ARG B 442 -3.75 12.51 24.45
N ARG B 443 -2.99 11.63 25.10
CA ARG B 443 -2.14 10.69 24.36
C ARG B 443 -2.98 9.69 23.57
N MET B 444 -4.06 9.18 24.16
CA MET B 444 -4.94 8.27 23.45
C MET B 444 -5.64 8.96 22.29
N GLU B 445 -6.04 10.21 22.49
CA GLU B 445 -6.64 11.00 21.42
C GLU B 445 -5.67 11.19 20.26
N ASN B 446 -4.42 11.52 20.58
CA ASN B 446 -3.42 11.72 19.53
C ASN B 446 -3.13 10.41 18.78
N LEU B 447 -3.09 9.29 19.50
CA LEU B 447 -2.88 7.99 18.84
C LEU B 447 -4.04 7.65 17.91
N ASN B 448 -5.27 7.90 18.34
CA ASN B 448 -6.44 7.67 17.50
C ASN B 448 -6.37 8.52 16.23
N LYS B 449 -6.03 9.79 16.38
CA LYS B 449 -5.92 10.69 15.22
C LYS B 449 -4.82 10.23 14.27
N LYS B 450 -3.69 9.80 14.81
CA LYS B 450 -2.58 9.33 13.97
C LYS B 450 -2.98 8.10 13.16
N VAL B 451 -3.68 7.16 13.80
CA VAL B 451 -4.12 5.96 13.08
C VAL B 451 -5.05 6.33 11.93
N ASP B 452 -6.03 7.20 12.21
CA ASP B 452 -6.97 7.60 11.16
C ASP B 452 -6.26 8.25 9.99
N ASP B 453 -5.37 9.21 10.28
CA ASP B 453 -4.66 9.93 9.23
C ASP B 453 -3.80 9.00 8.39
N GLY B 454 -3.08 8.08 9.04
CA GLY B 454 -2.23 7.16 8.30
C GLY B 454 -3.00 6.28 7.35
N PHE B 455 -4.11 5.70 7.82
CA PHE B 455 -4.89 4.84 6.95
C PHE B 455 -5.47 5.63 5.77
N LEU B 456 -5.95 6.85 6.03
CA LEU B 456 -6.51 7.65 4.95
C LEU B 456 -5.46 7.98 3.90
N ASP B 457 -4.25 8.36 4.34
CA ASP B 457 -3.18 8.65 3.40
C ASP B 457 -2.83 7.45 2.53
N ILE B 458 -2.72 6.27 3.15
CA ILE B 458 -2.35 5.08 2.40
C ILE B 458 -3.40 4.77 1.33
N TRP B 459 -4.68 4.84 1.69
CA TRP B 459 -5.70 4.45 0.71
C TRP B 459 -5.82 5.48 -0.42
N THR B 460 -5.64 6.77 -0.10
CA THR B 460 -5.63 7.77 -1.17
C THR B 460 -4.49 7.52 -2.15
N TYR B 461 -3.29 7.23 -1.63
CA TYR B 461 -2.16 6.92 -2.50
C TYR B 461 -2.46 5.71 -3.38
N ASN B 462 -3.02 4.66 -2.79
CA ASN B 462 -3.31 3.44 -3.55
C ASN B 462 -4.25 3.72 -4.71
N ALA B 463 -5.36 4.42 -4.44
CA ALA B 463 -6.35 4.68 -5.48
C ALA B 463 -5.75 5.50 -6.61
N GLU B 464 -5.07 6.61 -6.28
CA GLU B 464 -4.55 7.48 -7.31
C GLU B 464 -3.50 6.76 -8.17
N LEU B 465 -2.60 6.01 -7.53
CA LEU B 465 -1.58 5.29 -8.28
C LEU B 465 -2.19 4.24 -9.20
N LEU B 466 -3.18 3.50 -8.71
CA LEU B 466 -3.79 2.46 -9.54
C LEU B 466 -4.44 3.06 -10.79
N VAL B 467 -5.22 4.14 -10.61
CA VAL B 467 -5.89 4.73 -11.77
C VAL B 467 -4.86 5.26 -12.77
N LEU B 468 -3.83 5.96 -12.27
CA LEU B 468 -2.83 6.52 -13.16
C LEU B 468 -2.09 5.45 -13.94
N LEU B 469 -1.79 4.32 -13.30
CA LEU B 469 -1.02 3.28 -13.98
C LEU B 469 -1.85 2.47 -14.96
N GLU B 470 -3.15 2.25 -14.68
CA GLU B 470 -3.97 1.50 -15.63
C GLU B 470 -4.36 2.33 -16.86
N ASN B 471 -4.50 3.65 -16.68
CA ASN B 471 -4.80 4.50 -17.83
C ASN B 471 -3.72 4.41 -18.90
N GLU B 472 -2.47 4.18 -18.50
CA GLU B 472 -1.38 4.01 -19.45
C GLU B 472 -1.52 2.73 -20.26
N ARG B 473 -1.87 1.62 -19.59
CA ARG B 473 -1.90 0.33 -20.26
C ARG B 473 -3.08 0.21 -21.21
N THR B 474 -4.19 0.88 -20.92
CA THR B 474 -5.37 0.76 -21.80
C THR B 474 -5.06 1.29 -23.22
N LEU B 475 -4.40 2.44 -23.30
CA LEU B 475 -4.11 3.05 -24.60
C LEU B 475 -3.13 2.21 -25.41
N ASP B 476 -2.12 1.63 -24.75
CA ASP B 476 -1.19 0.73 -25.41
C ASP B 476 -1.90 -0.52 -25.91
N PHE B 477 -2.86 -1.03 -25.14
CA PHE B 477 -3.66 -2.17 -25.57
C PHE B 477 -4.40 -1.86 -26.88
N HIS B 478 -5.02 -0.68 -26.95
CA HIS B 478 -5.73 -0.30 -28.17
C HIS B 478 -4.77 -0.16 -29.36
N ASP B 479 -3.60 0.47 -29.13
CA ASP B 479 -2.61 0.62 -30.18
C ASP B 479 -2.16 -0.73 -30.72
N SER B 480 -1.90 -1.69 -29.83
CA SER B 480 -1.49 -3.02 -30.24
C SER B 480 -2.58 -3.71 -31.05
N ASN B 481 -3.85 -3.54 -30.66
CA ASN B 481 -4.94 -4.16 -31.41
C ASN B 481 -4.98 -3.63 -32.84
N VAL B 482 -4.85 -2.32 -33.01
CA VAL B 482 -4.87 -1.74 -34.35
C VAL B 482 -3.72 -2.28 -35.19
N LYS B 483 -2.52 -2.32 -34.61
CA LYS B 483 -1.35 -2.79 -35.37
C LYS B 483 -1.50 -4.26 -35.77
N ASN B 484 -2.02 -5.09 -34.86
CA ASN B 484 -2.19 -6.51 -35.18
C ASN B 484 -3.20 -6.70 -36.30
N LEU B 485 -4.29 -5.93 -36.29
CA LEU B 485 -5.25 -6.02 -37.39
C LEU B 485 -4.61 -5.63 -38.72
N TYR B 486 -3.81 -4.56 -38.72
CA TYR B 486 -3.15 -4.14 -39.95
C TYR B 486 -2.25 -5.23 -40.49
N GLU B 487 -1.44 -5.84 -39.62
CA GLU B 487 -0.52 -6.88 -40.08
C GLU B 487 -1.27 -8.13 -40.56
N LYS B 488 -2.37 -8.47 -39.88
CA LYS B 488 -3.19 -9.60 -40.32
C LYS B 488 -3.70 -9.38 -41.73
N VAL B 489 -4.17 -8.17 -42.04
CA VAL B 489 -4.64 -7.91 -43.40
C VAL B 489 -3.47 -7.90 -44.38
N LYS B 490 -2.33 -7.33 -43.98
CA LYS B 490 -1.20 -7.22 -44.89
C LYS B 490 -0.67 -8.59 -45.32
N ASN B 491 -0.56 -9.52 -44.37
CA ASN B 491 0.02 -10.82 -44.70
C ASN B 491 -0.94 -11.73 -45.46
N GLN B 492 -2.16 -11.28 -45.70
CA GLN B 492 -3.14 -12.04 -46.48
C GLN B 492 -3.04 -11.75 -47.98
N LEU B 493 -2.84 -10.48 -48.34
CA LEU B 493 -2.80 -10.08 -49.74
C LEU B 493 -1.46 -10.35 -50.41
N LYS B 494 -0.38 -10.43 -49.63
CA LYS B 494 0.97 -10.65 -50.13
C LYS B 494 1.32 -9.69 -51.27
N ASN B 495 1.61 -10.22 -52.46
CA ASN B 495 2.04 -9.40 -53.58
C ASN B 495 0.95 -9.18 -54.63
N ASN B 496 -0.31 -9.44 -54.28
CA ASN B 496 -1.43 -9.09 -55.15
C ASN B 496 -1.89 -7.66 -54.96
N ALA B 497 -1.28 -6.91 -54.05
CA ALA B 497 -1.67 -5.53 -53.80
C ALA B 497 -0.44 -4.71 -53.48
N LYS B 498 -0.59 -3.39 -53.64
CA LYS B 498 0.46 -2.42 -53.36
C LYS B 498 0.16 -1.70 -52.06
N GLU B 499 1.19 -1.58 -51.23
CA GLU B 499 1.11 -0.91 -49.93
C GLU B 499 1.52 0.55 -50.09
N ILE B 500 0.58 1.47 -49.87
CA ILE B 500 0.86 2.89 -50.07
C ILE B 500 1.27 3.61 -48.80
N GLY B 501 1.41 2.89 -47.68
CA GLY B 501 2.14 3.37 -46.53
C GLY B 501 1.35 4.04 -45.44
N ASN B 502 0.07 4.37 -45.66
CA ASN B 502 -0.73 5.07 -44.68
C ASN B 502 -1.89 4.22 -44.14
N GLY B 503 -1.80 2.90 -44.27
CA GLY B 503 -2.87 2.02 -43.87
C GLY B 503 -3.74 1.51 -45.00
N CYS B 504 -3.44 1.86 -46.24
CA CYS B 504 -4.26 1.51 -47.38
C CYS B 504 -3.51 0.58 -48.34
N PHE B 505 -4.29 -0.20 -49.08
CA PHE B 505 -3.80 -1.14 -50.07
C PHE B 505 -4.57 -0.96 -51.36
N GLU B 506 -3.82 -0.93 -52.48
CA GLU B 506 -4.39 -0.82 -53.83
C GLU B 506 -4.27 -2.18 -54.52
N PHE B 507 -5.39 -2.69 -55.03
CA PHE B 507 -5.38 -3.99 -55.67
C PHE B 507 -4.87 -3.89 -57.11
N TYR B 508 -4.05 -4.87 -57.51
CA TYR B 508 -3.60 -4.94 -58.89
C TYR B 508 -4.70 -5.47 -59.80
N HIS B 509 -5.50 -6.42 -59.31
CA HIS B 509 -6.61 -6.98 -60.07
C HIS B 509 -7.90 -6.22 -59.74
N LYS B 510 -9.03 -6.77 -60.16
CA LYS B 510 -10.34 -6.19 -59.89
C LYS B 510 -10.97 -6.91 -58.71
N CYS B 511 -11.42 -6.13 -57.72
CA CYS B 511 -11.99 -6.68 -56.49
C CYS B 511 -13.41 -6.15 -56.34
N ASN B 512 -14.39 -7.02 -56.60
CA ASN B 512 -15.78 -6.67 -56.45
C ASN B 512 -16.19 -6.82 -54.98
N ASN B 513 -17.49 -6.73 -54.71
CA ASN B 513 -17.97 -6.82 -53.34
C ASN B 513 -17.71 -8.17 -52.69
N GLU B 514 -17.67 -9.25 -53.48
CA GLU B 514 -17.37 -10.57 -52.94
C GLU B 514 -15.91 -10.70 -52.52
N CYS B 515 -14.98 -10.20 -53.34
CA CYS B 515 -13.57 -10.22 -52.96
C CYS B 515 -13.33 -9.33 -51.74
N MET B 516 -13.98 -8.16 -51.69
CA MET B 516 -13.88 -7.30 -50.52
C MET B 516 -14.40 -8.00 -49.27
N GLU B 517 -15.54 -8.70 -49.40
CA GLU B 517 -16.06 -9.45 -48.27
C GLU B 517 -15.10 -10.55 -47.83
N SER B 518 -14.47 -11.22 -48.78
CA SER B 518 -13.53 -12.28 -48.46
C SER B 518 -12.31 -11.73 -47.72
N VAL B 519 -11.87 -10.52 -48.06
CA VAL B 519 -10.73 -9.94 -47.37
C VAL B 519 -11.07 -9.68 -45.91
N LYS B 520 -12.23 -9.06 -45.66
CA LYS B 520 -12.69 -8.82 -44.30
C LYS B 520 -13.15 -10.09 -43.60
N ASN B 521 -13.25 -11.20 -44.35
CA ASN B 521 -13.68 -12.49 -43.84
C ASN B 521 -12.54 -13.27 -43.21
N GLY B 522 -11.33 -13.15 -43.77
CA GLY B 522 -10.21 -13.97 -43.39
C GLY B 522 -9.94 -15.14 -44.32
N THR B 523 -10.68 -15.25 -45.43
CA THR B 523 -10.61 -16.38 -46.35
C THR B 523 -10.36 -15.90 -47.77
N TYR B 524 -9.38 -15.01 -47.94
CA TYR B 524 -9.03 -14.49 -49.26
C TYR B 524 -8.21 -15.52 -50.03
N ASP B 525 -8.54 -15.69 -51.30
CA ASP B 525 -7.91 -16.70 -52.16
C ASP B 525 -6.79 -16.05 -52.96
N TYR B 526 -5.54 -16.33 -52.55
CA TYR B 526 -4.40 -15.72 -53.23
C TYR B 526 -4.07 -16.41 -54.54
N PRO B 527 -4.07 -17.76 -54.65
CA PRO B 527 -3.81 -18.38 -55.95
C PRO B 527 -4.71 -17.89 -57.08
N LYS B 528 -5.99 -17.68 -56.79
CA LYS B 528 -6.96 -17.38 -57.83
C LYS B 528 -6.74 -15.99 -58.43
N TYR B 529 -6.41 -15.01 -57.60
CA TYR B 529 -6.34 -13.61 -58.01
C TYR B 529 -4.91 -13.17 -58.30
N SER B 530 -4.07 -14.04 -58.85
CA SER B 530 -2.64 -13.76 -58.92
C SER B 530 -2.34 -12.64 -59.92
N GLU B 531 -2.72 -11.40 -59.56
CA GLU B 531 -2.40 -10.20 -60.33
C GLU B 531 -2.91 -10.30 -61.76
N GLU B 532 -4.24 -10.38 -61.87
CA GLU B 532 -4.93 -10.49 -63.16
C GLU B 532 -4.49 -11.75 -63.91
N SER C 40 29.35 4.50 -52.57
CA SER C 40 27.94 4.50 -52.22
C SER C 40 27.66 5.38 -50.99
N ASP C 41 26.57 6.13 -51.03
CA ASP C 41 26.18 7.00 -49.94
C ASP C 41 25.28 6.24 -48.97
N THR C 42 25.49 6.45 -47.68
CA THR C 42 24.80 5.66 -46.66
C THR C 42 24.25 6.56 -45.56
N ILE C 43 23.20 6.07 -44.89
CA ILE C 43 22.65 6.70 -43.70
C ILE C 43 22.33 5.62 -42.67
N CYS C 44 22.60 5.91 -41.40
CA CYS C 44 22.40 4.95 -40.31
C CYS C 44 21.69 5.61 -39.14
N ILE C 45 20.88 4.82 -38.43
CA ILE C 45 20.16 5.25 -37.24
C ILE C 45 20.86 4.69 -36.01
N GLY C 46 20.96 5.51 -34.95
CA GLY C 46 21.62 5.06 -33.74
C GLY C 46 21.23 5.87 -32.52
N TYR C 47 21.86 5.52 -31.39
CA TYR C 47 21.56 6.13 -30.10
C TYR C 47 22.86 6.50 -29.38
N HIS C 48 22.71 7.01 -28.16
CA HIS C 48 23.74 7.75 -27.43
C HIS C 48 24.47 6.88 -26.41
N ALA C 49 25.72 7.24 -26.12
CA ALA C 49 26.51 6.58 -25.09
C ALA C 49 27.50 7.57 -24.50
N ASN C 50 27.94 7.29 -23.28
CA ASN C 50 28.94 8.13 -22.60
C ASN C 50 29.78 7.24 -21.68
N ASN C 51 30.47 7.87 -20.73
CA ASN C 51 31.39 7.16 -19.83
C ASN C 51 30.89 7.11 -18.39
N SER C 52 29.57 7.15 -18.18
CA SER C 52 29.03 7.07 -16.84
C SER C 52 29.15 5.64 -16.30
N THR C 53 29.10 5.52 -14.97
CA THR C 53 29.24 4.23 -14.31
C THR C 53 28.16 4.03 -13.23
N ASP C 54 26.96 4.57 -13.45
CA ASP C 54 25.87 4.42 -12.51
C ASP C 54 24.99 3.25 -12.88
N THR C 55 24.44 2.59 -11.86
CA THR C 55 23.66 1.37 -12.03
C THR C 55 22.32 1.49 -11.32
N VAL C 56 21.30 0.84 -11.88
CA VAL C 56 19.96 0.82 -11.31
C VAL C 56 19.40 -0.60 -11.37
N ASP C 57 18.62 -0.97 -10.37
CA ASP C 57 18.01 -2.29 -10.32
C ASP C 57 16.62 -2.26 -10.95
N THR C 58 16.33 -3.29 -11.75
CA THR C 58 15.00 -3.54 -12.28
C THR C 58 14.51 -4.88 -11.77
N VAL C 59 13.27 -5.22 -12.12
CA VAL C 59 12.69 -6.48 -11.62
C VAL C 59 13.28 -7.68 -12.35
N LEU C 60 13.71 -7.50 -13.60
CA LEU C 60 14.24 -8.59 -14.40
C LEU C 60 15.77 -8.69 -14.39
N GLU C 61 16.47 -7.69 -13.87
CA GLU C 61 17.92 -7.71 -13.86
C GLU C 61 18.44 -6.75 -12.80
N LYS C 62 19.67 -6.99 -12.37
CA LYS C 62 20.35 -6.17 -11.36
C LYS C 62 21.58 -5.52 -11.96
N ASN C 63 22.10 -4.52 -11.24
CA ASN C 63 23.18 -3.65 -11.69
C ASN C 63 22.74 -2.77 -12.86
N VAL C 64 23.09 -3.14 -14.10
CA VAL C 64 22.68 -2.42 -15.31
C VAL C 64 23.20 -1.00 -15.33
N THR C 65 24.24 -0.75 -16.12
CA THR C 65 24.77 0.60 -16.30
C THR C 65 23.87 1.41 -17.25
N VAL C 66 23.66 2.68 -16.91
CA VAL C 66 22.78 3.56 -17.66
C VAL C 66 23.50 4.87 -17.92
N THR C 67 22.93 5.68 -18.82
CA THR C 67 23.54 6.95 -19.21
C THR C 67 23.20 8.10 -18.26
N HIS C 68 21.97 8.15 -17.74
CA HIS C 68 21.53 9.22 -16.87
C HIS C 68 20.61 8.66 -15.80
N SER C 69 20.68 9.24 -14.60
CA SER C 69 19.82 8.82 -13.50
C SER C 69 19.79 9.92 -12.43
N VAL C 70 18.87 9.77 -11.48
CA VAL C 70 18.77 10.67 -10.33
C VAL C 70 18.69 9.84 -9.05
N ASN C 71 19.11 10.45 -7.95
CA ASN C 71 19.07 9.85 -6.63
C ASN C 71 17.94 10.45 -5.81
N LEU C 72 17.17 9.60 -5.14
CA LEU C 72 15.98 10.03 -4.43
C LEU C 72 16.10 9.94 -2.91
N LEU C 73 17.24 9.50 -2.39
CA LEU C 73 17.40 9.23 -0.97
C LEU C 73 18.49 10.11 -0.38
N GLU C 74 18.23 10.66 0.80
CA GLU C 74 19.16 11.52 1.52
C GLU C 74 19.73 10.79 2.72
N ASP C 75 21.04 10.91 2.93
CA ASP C 75 21.71 10.13 3.97
C ASP C 75 22.76 10.90 4.76
N SER C 76 22.68 12.23 4.81
CA SER C 76 23.70 13.01 5.51
C SER C 76 23.05 14.08 6.40
N HIS C 77 23.76 14.42 7.47
CA HIS C 77 23.37 15.48 8.39
C HIS C 77 24.63 16.19 8.87
N ASN C 78 24.44 17.31 9.57
CA ASN C 78 25.57 18.11 10.02
C ASN C 78 26.01 17.84 11.45
N GLY C 79 25.18 17.20 12.27
CA GLY C 79 25.59 16.76 13.58
C GLY C 79 25.44 17.76 14.71
N LYS C 80 24.62 18.79 14.53
CA LYS C 80 24.45 19.83 15.54
C LYS C 80 22.97 20.11 15.74
N LEU C 81 22.67 20.88 16.78
CA LEU C 81 21.33 21.42 17.01
C LEU C 81 21.29 22.85 16.49
N CYS C 82 20.37 23.13 15.58
CA CYS C 82 20.35 24.38 14.85
C CYS C 82 19.07 25.15 15.14
N ARG C 83 18.98 26.35 14.58
CA ARG C 83 17.80 27.19 14.75
C ARG C 83 16.77 26.88 13.68
N LEU C 84 15.51 26.90 14.07
CA LEU C 84 14.39 26.69 13.15
C LEU C 84 13.58 27.97 13.06
N LYS C 85 13.47 28.51 11.85
CA LYS C 85 12.76 29.76 11.59
C LYS C 85 13.32 30.91 12.42
N GLY C 86 14.64 30.92 12.61
CA GLY C 86 15.32 32.01 13.27
C GLY C 86 15.26 32.01 14.78
N THR C 87 14.69 30.99 15.40
CA THR C 87 14.58 30.91 16.85
C THR C 87 15.39 29.73 17.36
N ALA C 88 16.14 29.94 18.43
CA ALA C 88 16.94 28.89 19.04
C ALA C 88 16.07 27.99 19.92
N PRO C 89 16.46 26.74 20.09
CA PRO C 89 15.71 25.84 20.98
C PRO C 89 16.01 26.11 22.45
N LEU C 90 15.24 25.46 23.31
CA LEU C 90 15.46 25.49 24.75
C LEU C 90 16.19 24.20 25.15
N GLN C 91 17.41 24.34 25.63
CA GLN C 91 18.21 23.21 26.06
C GLN C 91 18.17 23.08 27.58
N LEU C 92 17.75 21.92 28.06
CA LEU C 92 17.60 21.71 29.49
C LEU C 92 18.91 21.36 30.17
N GLY C 93 19.87 20.76 29.45
CA GLY C 93 21.13 20.39 30.05
C GLY C 93 21.04 19.18 30.97
N ASN C 94 21.27 19.41 32.26
CA ASN C 94 21.22 18.40 33.32
C ASN C 94 19.82 18.19 33.85
N CYS C 95 18.87 19.07 33.52
CA CYS C 95 17.54 19.04 34.11
C CYS C 95 16.58 18.26 33.22
N SER C 96 15.53 17.74 33.82
CA SER C 96 14.43 17.13 33.10
C SER C 96 13.26 18.11 33.05
N VAL C 97 12.13 17.64 32.51
CA VAL C 97 10.94 18.48 32.48
C VAL C 97 10.43 18.75 33.90
N ALA C 98 10.49 17.75 34.76
CA ALA C 98 10.04 17.92 36.14
C ALA C 98 10.91 18.94 36.89
N GLY C 99 12.23 18.82 36.76
CA GLY C 99 13.10 19.77 37.42
C GLY C 99 12.99 21.17 36.85
N TRP C 100 12.75 21.28 35.55
CA TRP C 100 12.57 22.58 34.92
C TRP C 100 11.28 23.25 35.39
N ILE C 101 10.19 22.49 35.45
CA ILE C 101 8.89 23.09 35.72
C ILE C 101 8.66 23.26 37.23
N LEU C 102 9.35 22.49 38.07
CA LEU C 102 9.19 22.62 39.51
C LEU C 102 10.09 23.69 40.10
N GLY C 103 11.20 24.00 39.45
CA GLY C 103 12.12 25.00 39.96
C GLY C 103 13.25 24.42 40.77
N ASN C 104 13.88 23.37 40.25
CA ASN C 104 15.03 22.76 40.91
C ASN C 104 16.12 23.83 41.10
N PRO C 105 16.76 23.87 42.27
CA PRO C 105 17.72 24.95 42.54
C PRO C 105 18.89 24.98 41.58
N GLU C 106 19.18 23.89 40.87
CA GLU C 106 20.29 23.82 39.94
C GLU C 106 19.90 24.17 38.50
N CYS C 107 18.62 24.46 38.25
CA CYS C 107 18.13 24.81 36.92
C CYS C 107 17.82 26.30 36.78
N GLU C 108 18.26 27.11 37.74
CA GLU C 108 17.85 28.51 37.83
C GLU C 108 18.29 29.35 36.64
N SER C 109 19.23 28.87 35.83
CA SER C 109 19.66 29.60 34.65
C SER C 109 18.67 29.48 33.49
N LEU C 110 17.68 28.60 33.58
CA LEU C 110 16.72 28.42 32.50
C LEU C 110 15.51 29.35 32.62
N PHE C 111 15.44 30.16 33.67
CA PHE C 111 14.25 31.00 33.86
C PHE C 111 14.23 32.19 32.91
N SER C 112 15.38 32.58 32.35
CA SER C 112 15.43 33.74 31.47
C SER C 112 14.77 33.46 30.12
N LYS C 113 14.94 32.24 29.59
CA LYS C 113 14.41 31.91 28.28
C LYS C 113 12.91 31.62 28.40
N GLU C 114 12.11 32.39 27.67
CA GLU C 114 10.66 32.26 27.72
C GLU C 114 10.02 31.98 26.38
N SER C 115 10.80 31.80 25.31
CA SER C 115 10.28 31.41 24.02
C SER C 115 11.30 30.52 23.33
N TRP C 116 10.81 29.58 22.52
CA TRP C 116 11.66 28.57 21.93
C TRP C 116 10.98 28.03 20.67
N SER C 117 11.75 27.31 19.86
CA SER C 117 11.22 26.60 18.70
C SER C 117 11.01 25.12 18.96
N TYR C 118 11.81 24.52 19.84
CA TYR C 118 11.60 23.15 20.30
C TYR C 118 12.43 22.96 21.57
N ILE C 119 12.25 21.80 22.20
CA ILE C 119 12.91 21.49 23.47
C ILE C 119 13.80 20.27 23.27
N ALA C 120 15.04 20.36 23.75
CA ALA C 120 16.01 19.29 23.66
C ALA C 120 16.38 18.81 25.05
N GLU C 121 16.43 17.49 25.23
CA GLU C 121 16.69 16.87 26.52
C GLU C 121 17.76 15.80 26.36
N THR C 122 18.55 15.59 27.42
CA THR C 122 19.60 14.58 27.38
C THR C 122 19.04 13.21 27.73
N PRO C 123 19.68 12.14 27.26
CA PRO C 123 19.12 10.79 27.48
C PRO C 123 18.95 10.40 28.94
N LYS C 124 19.87 10.80 29.81
CA LYS C 124 19.81 10.43 31.23
C LYS C 124 20.00 11.68 32.08
N PRO C 125 18.97 12.52 32.18
CA PRO C 125 19.09 13.71 33.02
C PRO C 125 19.21 13.33 34.49
N GLU C 126 19.89 14.19 35.25
CA GLU C 126 20.25 13.86 36.61
C GLU C 126 19.43 14.60 37.66
N ASN C 127 18.93 15.80 37.35
CA ASN C 127 18.35 16.69 38.35
C ASN C 127 16.90 17.02 38.01
N GLY C 128 15.99 16.29 38.65
CA GLY C 128 14.57 16.52 38.55
C GLY C 128 13.95 16.89 39.89
N THR C 129 13.28 15.93 40.52
CA THR C 129 12.74 16.12 41.87
C THR C 129 13.81 15.74 42.88
N CYS C 130 14.34 16.74 43.58
CA CYS C 130 15.39 16.49 44.57
C CYS C 130 14.84 15.91 45.87
N TYR C 131 13.54 16.03 46.12
CA TYR C 131 12.90 15.42 47.26
C TYR C 131 12.05 14.24 46.81
N PRO C 132 12.23 13.05 47.39
CA PRO C 132 11.52 11.86 46.89
C PRO C 132 10.01 11.99 47.01
N GLY C 133 9.32 11.40 46.06
CA GLY C 133 7.87 11.43 46.05
C GLY C 133 7.33 11.02 44.69
N TYR C 134 6.01 11.17 44.56
CA TYR C 134 5.29 10.74 43.37
C TYR C 134 4.72 11.95 42.63
N PHE C 135 4.93 11.99 41.32
CA PHE C 135 4.43 13.04 40.44
C PHE C 135 3.24 12.51 39.67
N ALA C 136 2.08 13.15 39.84
CA ALA C 136 0.83 12.64 39.29
C ALA C 136 0.61 13.18 37.88
N ASP C 137 0.31 12.27 36.95
CA ASP C 137 0.02 12.60 35.55
C ASP C 137 1.20 13.33 34.90
N TYR C 138 2.39 12.79 35.10
CA TYR C 138 3.61 13.43 34.59
C TYR C 138 3.67 13.36 33.06
N GLU C 139 3.32 12.20 32.48
CA GLU C 139 3.38 12.04 31.04
C GLU C 139 2.31 12.88 30.34
N GLU C 140 1.14 13.03 30.96
CA GLU C 140 0.13 13.93 30.42
C GLU C 140 0.61 15.38 30.46
N LEU C 141 1.34 15.75 31.51
CA LEU C 141 1.91 17.10 31.56
C LEU C 141 2.96 17.30 30.46
N ARG C 142 3.78 16.29 30.19
CA ARG C 142 4.72 16.39 29.08
C ARG C 142 3.99 16.54 27.75
N GLU C 143 2.91 15.77 27.55
CA GLU C 143 2.12 15.89 26.33
C GLU C 143 1.50 17.28 26.20
N GLN C 144 1.04 17.85 27.30
CA GLN C 144 0.49 19.21 27.27
C GLN C 144 1.58 20.23 26.95
N LEU C 145 2.77 20.08 27.53
CA LEU C 145 3.84 21.05 27.33
C LEU C 145 4.48 20.93 25.94
N SER C 146 4.30 19.81 25.26
CA SER C 146 4.90 19.66 23.93
C SER C 146 4.21 20.49 22.86
N SER C 147 3.15 21.25 23.18
CA SER C 147 2.48 22.10 22.22
C SER C 147 2.42 23.55 22.70
N VAL C 148 3.38 23.95 23.52
CA VAL C 148 3.47 25.30 24.06
C VAL C 148 4.70 25.97 23.46
N SER C 149 4.53 27.21 22.96
CA SER C 149 5.63 27.93 22.35
C SER C 149 6.26 28.98 23.26
N SER C 150 5.51 29.50 24.22
CA SER C 150 6.04 30.47 25.18
C SER C 150 5.13 30.51 26.38
N PHE C 151 5.65 31.03 27.49
CA PHE C 151 4.81 31.29 28.65
C PHE C 151 5.38 32.48 29.42
N GLU C 152 4.66 32.90 30.45
CA GLU C 152 5.07 33.95 31.36
C GLU C 152 5.08 33.41 32.78
N ARG C 153 6.20 33.57 33.47
CA ARG C 153 6.32 33.16 34.87
C ARG C 153 5.99 34.35 35.77
N PHE C 154 4.91 34.23 36.54
CA PHE C 154 4.45 35.30 37.40
C PHE C 154 4.15 34.76 38.80
N GLU C 155 4.22 35.66 39.77
CA GLU C 155 4.02 35.31 41.18
C GLU C 155 2.52 35.28 41.47
N ILE C 156 1.95 34.07 41.56
CA ILE C 156 0.54 33.93 41.86
C ILE C 156 0.24 34.32 43.30
N PHE C 157 1.07 33.88 44.24
CA PHE C 157 0.96 34.25 45.65
C PHE C 157 2.29 34.82 46.10
N PRO C 158 2.42 36.15 46.22
CA PRO C 158 3.68 36.73 46.68
C PRO C 158 4.07 36.22 48.07
N LYS C 159 5.36 35.98 48.25
CA LYS C 159 5.83 35.29 49.45
C LYS C 159 5.71 36.18 50.69
N GLU C 160 5.98 37.47 50.55
CA GLU C 160 6.10 38.36 51.70
C GLU C 160 4.80 39.05 52.08
N SER C 161 3.68 38.73 51.42
CA SER C 161 2.42 39.38 51.76
C SER C 161 1.21 38.44 51.80
N SER C 162 1.39 37.15 51.52
CA SER C 162 0.26 36.25 51.40
C SER C 162 -0.03 35.44 52.66
N TRP C 163 0.94 35.28 53.55
CA TRP C 163 0.80 34.43 54.73
C TRP C 163 1.25 35.20 55.97
N PRO C 164 0.43 36.14 56.45
CA PRO C 164 0.81 36.89 57.66
C PRO C 164 1.01 36.00 58.88
N ASN C 165 0.19 34.96 59.02
CA ASN C 165 0.39 33.91 60.01
C ASN C 165 0.91 32.68 59.28
N HIS C 166 1.93 32.04 59.86
CA HIS C 166 2.78 30.98 59.31
C HIS C 166 4.13 31.57 58.95
N THR C 167 5.21 30.82 59.19
CA THR C 167 6.55 31.27 58.84
C THR C 167 6.91 30.75 57.45
N VAL C 168 7.64 31.58 56.69
CA VAL C 168 7.96 31.30 55.30
C VAL C 168 9.46 31.20 55.07
N THR C 169 10.26 31.13 56.13
CA THR C 169 11.71 31.20 56.00
C THR C 169 12.45 29.96 56.49
N LYS C 170 11.75 28.86 56.77
CA LYS C 170 12.40 27.69 57.36
C LYS C 170 12.17 26.40 56.56
N GLY C 171 11.60 26.48 55.37
CA GLY C 171 11.32 25.28 54.61
C GLY C 171 12.43 24.86 53.67
N VAL C 172 13.55 24.39 54.23
CA VAL C 172 14.72 24.00 53.45
C VAL C 172 15.13 22.60 53.88
N THR C 173 15.83 21.91 52.98
CA THR C 173 16.25 20.54 53.23
C THR C 173 17.61 20.30 52.59
N ALA C 174 18.29 19.26 53.08
CA ALA C 174 19.60 18.88 52.56
C ALA C 174 19.53 18.07 51.27
N ALA C 175 18.34 17.55 50.92
CA ALA C 175 18.19 16.83 49.65
C ALA C 175 18.14 17.76 48.45
N CYS C 176 17.82 19.03 48.66
CA CYS C 176 17.75 20.03 47.60
C CYS C 176 18.80 21.12 47.83
N SER C 177 19.98 20.73 48.29
CA SER C 177 21.01 21.70 48.63
C SER C 177 21.62 22.32 47.38
N HIS C 178 21.98 23.59 47.48
CA HIS C 178 22.58 24.34 46.39
C HIS C 178 23.74 25.15 46.94
N ASN C 179 24.92 25.00 46.32
CA ASN C 179 26.14 25.67 46.74
C ASN C 179 26.55 25.30 48.17
N GLY C 180 26.24 24.07 48.58
CA GLY C 180 26.61 23.60 49.89
C GLY C 180 25.67 23.98 51.01
N LYS C 181 24.60 24.72 50.73
CA LYS C 181 23.61 25.10 51.73
C LYS C 181 22.26 24.50 51.37
N SER C 182 21.46 24.24 52.40
CA SER C 182 20.13 23.70 52.20
C SER C 182 19.22 24.71 51.50
N SER C 183 18.40 24.23 50.58
CA SER C 183 17.47 25.09 49.86
C SER C 183 16.23 24.27 49.50
N PHE C 184 15.45 24.78 48.56
CA PHE C 184 14.19 24.16 48.17
C PHE C 184 13.87 24.59 46.74
N TYR C 185 12.77 24.07 46.20
CA TYR C 185 12.30 24.50 44.89
C TYR C 185 12.01 25.99 44.89
N LYS C 186 12.05 26.58 43.69
CA LYS C 186 11.88 28.02 43.53
C LYS C 186 10.50 28.43 43.06
N ASN C 187 9.64 27.49 42.70
CA ASN C 187 8.27 27.79 42.32
C ASN C 187 7.27 27.35 43.39
N LEU C 188 7.75 26.86 44.53
CA LEU C 188 6.90 26.33 45.60
C LEU C 188 7.40 26.85 46.94
N LEU C 189 6.51 26.88 47.92
CA LEU C 189 6.83 27.39 49.25
C LEU C 189 6.39 26.42 50.33
N TRP C 190 7.27 26.20 51.30
CA TRP C 190 7.01 25.29 52.42
C TRP C 190 6.64 26.12 53.65
N LEU C 191 5.39 26.05 54.07
CA LEU C 191 4.90 26.79 55.23
C LEU C 191 5.05 25.96 56.50
N THR C 192 5.28 26.66 57.61
CA THR C 192 5.54 26.02 58.89
C THR C 192 4.80 26.76 59.99
N GLU C 193 4.85 26.21 61.20
CA GLU C 193 4.14 26.78 62.33
C GLU C 193 4.82 28.04 62.84
N LYS C 194 4.03 29.03 63.22
CA LYS C 194 4.51 30.28 63.77
C LYS C 194 3.95 30.47 65.17
N ASN C 195 4.83 30.73 66.14
CA ASN C 195 4.46 30.93 67.54
C ASN C 195 3.77 29.71 68.12
N GLY C 196 4.11 28.52 67.63
CA GLY C 196 3.53 27.30 68.15
C GLY C 196 2.15 26.98 67.67
N LEU C 197 1.70 27.60 66.58
CA LEU C 197 0.37 27.35 66.04
C LEU C 197 0.44 27.18 64.53
N TYR C 198 -0.48 26.38 64.00
CA TYR C 198 -0.70 26.24 62.55
C TYR C 198 -2.18 26.45 62.30
N PRO C 199 -2.63 27.71 62.24
CA PRO C 199 -4.05 27.96 62.02
C PRO C 199 -4.50 27.63 60.61
N ASN C 200 -5.82 27.62 60.44
CA ASN C 200 -6.43 27.35 59.14
C ASN C 200 -6.00 28.39 58.11
N LEU C 201 -5.93 27.97 56.85
CA LEU C 201 -5.63 28.89 55.77
C LEU C 201 -6.63 28.71 54.64
N SER C 202 -6.88 29.81 53.93
CA SER C 202 -7.80 29.83 52.80
C SER C 202 -7.28 30.84 51.79
N LYS C 203 -7.15 30.42 50.54
CA LYS C 203 -6.59 31.31 49.52
C LYS C 203 -7.30 31.11 48.20
N SER C 204 -7.65 32.22 47.54
CA SER C 204 -8.34 32.17 46.26
C SER C 204 -7.57 32.97 45.23
N TYR C 205 -7.64 32.53 43.98
CA TYR C 205 -7.04 33.25 42.87
C TYR C 205 -7.99 33.24 41.68
N VAL C 206 -8.19 34.41 41.06
CA VAL C 206 -9.07 34.57 39.92
C VAL C 206 -8.22 34.83 38.69
N ASN C 207 -8.48 34.09 37.62
CA ASN C 207 -7.69 34.20 36.40
C ASN C 207 -8.18 35.39 35.58
N ASN C 208 -7.29 36.35 35.33
CA ASN C 208 -7.61 37.54 34.56
C ASN C 208 -6.56 37.81 33.49
N LYS C 209 -5.84 36.78 33.06
CA LYS C 209 -4.77 36.92 32.10
C LYS C 209 -5.16 36.52 30.68
N GLU C 210 -6.43 36.17 30.46
CA GLU C 210 -6.96 35.78 29.14
C GLU C 210 -6.23 34.59 28.54
N LYS C 211 -5.56 33.80 29.37
CA LYS C 211 -4.86 32.60 28.93
C LYS C 211 -5.06 31.52 29.98
N GLU C 212 -4.79 30.27 29.59
CA GLU C 212 -4.75 29.19 30.55
C GLU C 212 -3.57 29.39 31.50
N VAL C 213 -3.78 29.04 32.77
CA VAL C 213 -2.74 29.17 33.78
C VAL C 213 -2.45 27.79 34.36
N LEU C 214 -1.18 27.42 34.41
CA LEU C 214 -0.76 26.15 34.97
C LEU C 214 -0.36 26.35 36.43
N VAL C 215 -1.03 25.63 37.33
CA VAL C 215 -0.79 25.75 38.77
C VAL C 215 -0.29 24.40 39.28
N LEU C 216 0.70 24.44 40.18
CA LEU C 216 1.30 23.25 40.77
C LEU C 216 1.37 23.41 42.29
N TRP C 217 1.19 22.30 43.01
CA TRP C 217 1.31 22.28 44.47
C TRP C 217 1.76 20.90 44.90
N GLY C 218 1.90 20.72 46.22
CA GLY C 218 2.35 19.45 46.76
C GLY C 218 1.81 19.19 48.15
N VAL C 219 1.94 17.93 48.57
CA VAL C 219 1.49 17.46 49.88
C VAL C 219 2.60 16.64 50.52
N HIS C 220 2.87 16.89 51.79
CA HIS C 220 3.97 16.27 52.52
C HIS C 220 3.49 15.09 53.36
N HIS C 221 4.23 13.98 53.30
CA HIS C 221 3.95 12.78 54.08
C HIS C 221 5.16 12.48 54.96
N PRO C 222 5.12 12.78 56.26
CA PRO C 222 6.26 12.52 57.12
C PRO C 222 6.38 11.04 57.49
N SER C 223 7.45 10.72 58.21
CA SER C 223 7.81 9.34 58.52
C SER C 223 7.32 8.86 59.89
N ASN C 224 7.20 9.75 60.87
CA ASN C 224 6.69 9.35 62.17
C ASN C 224 5.76 10.43 62.71
N ILE C 225 4.95 10.03 63.70
CA ILE C 225 3.97 10.94 64.28
C ILE C 225 4.61 12.06 65.09
N GLY C 226 5.81 11.84 65.63
CA GLY C 226 6.51 12.90 66.34
C GLY C 226 6.84 14.09 65.47
N ASP C 227 7.31 13.85 64.25
CA ASP C 227 7.55 14.92 63.29
C ASP C 227 6.28 15.65 62.90
N GLN C 228 5.20 14.90 62.68
CA GLN C 228 3.92 15.52 62.33
C GLN C 228 3.46 16.46 63.44
N ARG C 229 3.54 15.99 64.69
CA ARG C 229 3.13 16.83 65.82
C ARG C 229 4.07 18.01 66.02
N ALA C 230 5.37 17.84 65.74
CA ALA C 230 6.31 18.94 65.95
C ALA C 230 6.17 20.03 64.90
N ILE C 231 5.91 19.66 63.63
CA ILE C 231 5.84 20.67 62.58
C ILE C 231 4.44 21.26 62.41
N TYR C 232 3.38 20.48 62.58
CA TYR C 232 2.05 20.98 62.28
C TYR C 232 1.11 21.04 63.46
N HIS C 233 1.48 20.48 64.61
CA HIS C 233 0.66 20.53 65.82
C HIS C 233 -0.73 19.97 65.60
N THR C 234 -0.83 18.96 64.75
CA THR C 234 -2.10 18.31 64.47
C THR C 234 -1.84 16.86 64.11
N GLU C 235 -2.87 16.04 64.21
CA GLU C 235 -2.78 14.63 63.89
C GLU C 235 -3.61 14.23 62.68
N ASN C 236 -4.77 14.85 62.48
CA ASN C 236 -5.65 14.56 61.36
C ASN C 236 -5.75 15.82 60.50
N ALA C 237 -4.82 15.95 59.55
CA ALA C 237 -4.76 17.09 58.65
C ALA C 237 -5.41 16.74 57.31
N TYR C 238 -5.77 17.79 56.56
CA TYR C 238 -6.39 17.63 55.26
C TYR C 238 -5.95 18.79 54.37
N VAL C 239 -5.98 18.55 53.06
CA VAL C 239 -5.77 19.61 52.07
C VAL C 239 -6.89 19.51 51.05
N SER C 240 -7.51 20.65 50.73
CA SER C 240 -8.60 20.69 49.76
C SER C 240 -8.26 21.69 48.67
N VAL C 241 -8.43 21.27 47.41
CA VAL C 241 -8.22 22.15 46.27
C VAL C 241 -9.44 22.04 45.36
N VAL C 242 -10.10 23.19 45.10
CA VAL C 242 -11.30 23.18 44.28
C VAL C 242 -11.27 24.30 43.24
N SER C 243 -12.01 24.10 42.16
CA SER C 243 -12.26 25.10 41.14
C SER C 243 -13.65 24.83 40.55
N SER C 244 -13.93 25.40 39.38
CA SER C 244 -15.25 25.24 38.78
C SER C 244 -15.50 23.80 38.33
N HIS C 245 -14.48 23.14 37.80
CA HIS C 245 -14.62 21.77 37.30
C HIS C 245 -13.57 20.83 37.89
N TYR C 246 -12.91 21.23 38.97
CA TYR C 246 -11.91 20.41 39.64
C TYR C 246 -12.22 20.37 41.13
N SER C 247 -11.97 19.22 41.75
CA SER C 247 -12.21 19.06 43.17
C SER C 247 -11.38 17.90 43.69
N ARG C 248 -10.61 18.12 44.74
CA ARG C 248 -9.87 17.02 45.33
C ARG C 248 -9.53 17.29 46.79
N ARG C 249 -9.40 16.20 47.54
CA ARG C 249 -9.05 16.20 48.95
C ARG C 249 -7.90 15.24 49.17
N PHE C 250 -6.96 15.62 50.04
CA PHE C 250 -5.75 14.87 50.32
C PHE C 250 -5.56 14.73 51.81
N THR C 251 -5.10 13.55 52.25
CA THR C 251 -4.76 13.28 53.64
C THR C 251 -3.36 12.69 53.71
N PRO C 252 -2.50 13.18 54.60
CA PRO C 252 -1.15 12.61 54.73
C PRO C 252 -1.15 11.21 55.32
N GLU C 253 -0.11 10.45 54.97
CA GLU C 253 0.08 9.09 55.46
C GLU C 253 1.44 9.00 56.13
N ILE C 254 1.46 8.50 57.37
CA ILE C 254 2.68 8.39 58.16
C ILE C 254 3.15 6.94 58.15
N ALA C 255 4.37 6.72 57.68
CA ALA C 255 4.93 5.38 57.59
C ALA C 255 6.45 5.48 57.51
N LYS C 256 7.11 4.38 57.83
CA LYS C 256 8.56 4.29 57.70
C LYS C 256 8.92 3.72 56.34
N ARG C 257 9.79 4.43 55.62
CA ARG C 257 10.11 4.10 54.24
C ARG C 257 11.61 4.04 54.04
N PRO C 258 12.07 3.27 53.06
CA PRO C 258 13.50 3.28 52.72
C PRO C 258 13.95 4.65 52.25
N LYS C 259 15.16 5.03 52.64
CA LYS C 259 15.70 6.33 52.26
C LYS C 259 16.04 6.36 50.77
N VAL C 260 15.81 7.51 50.14
CA VAL C 260 16.17 7.63 48.73
C VAL C 260 17.34 8.60 48.59
N ARG C 261 17.11 9.88 48.86
CA ARG C 261 18.21 10.81 49.02
C ARG C 261 18.44 11.15 50.49
N GLY C 262 18.62 10.11 51.31
CA GLY C 262 18.73 10.30 52.75
C GLY C 262 17.45 10.66 53.46
N GLN C 263 16.29 10.54 52.81
CA GLN C 263 15.03 11.00 53.36
C GLN C 263 14.05 9.84 53.46
N GLU C 264 13.34 9.76 54.58
CA GLU C 264 12.31 8.76 54.81
C GLU C 264 10.90 9.29 54.58
N GLY C 265 10.73 10.60 54.42
CA GLY C 265 9.45 11.17 54.09
C GLY C 265 9.27 11.34 52.59
N ARG C 266 8.08 11.76 52.20
CA ARG C 266 7.77 11.91 50.79
C ARG C 266 6.99 13.21 50.56
N ILE C 267 6.97 13.67 49.31
CA ILE C 267 6.12 14.77 48.87
C ILE C 267 5.50 14.39 47.54
N ASN C 268 4.19 14.52 47.44
CA ASN C 268 3.47 14.25 46.20
C ASN C 268 3.13 15.55 45.51
N TYR C 269 3.28 15.57 44.19
CA TYR C 269 3.15 16.79 43.38
C TYR C 269 1.93 16.70 42.47
N TYR C 270 1.14 17.77 42.43
CA TYR C 270 -0.08 17.84 41.64
C TYR C 270 -0.12 19.13 40.84
N TRP C 271 -0.86 19.11 39.74
CA TRP C 271 -0.97 20.25 38.83
C TRP C 271 -2.38 20.31 38.26
N THR C 272 -2.74 21.50 37.76
CA THR C 272 -4.00 21.70 37.07
C THR C 272 -3.91 22.90 36.14
N LEU C 273 -4.83 22.95 35.19
CA LEU C 273 -4.95 24.05 34.24
C LEU C 273 -6.22 24.85 34.54
N LEU C 274 -6.08 26.17 34.62
CA LEU C 274 -7.16 27.07 34.97
C LEU C 274 -7.53 27.89 33.74
N GLU C 275 -8.80 27.85 33.37
CA GLU C 275 -9.32 28.53 32.19
C GLU C 275 -9.54 30.01 32.47
N PRO C 276 -9.56 30.85 31.43
CA PRO C 276 -9.74 32.30 31.65
C PRO C 276 -11.05 32.62 32.35
N GLY C 277 -10.98 33.53 33.33
CA GLY C 277 -12.13 33.93 34.09
C GLY C 277 -12.50 33.02 35.24
N ASP C 278 -11.76 31.95 35.47
CA ASP C 278 -12.06 30.99 36.52
C ASP C 278 -11.29 31.29 37.79
N THR C 279 -11.72 30.69 38.89
CA THR C 279 -11.10 30.90 40.19
C THR C 279 -10.78 29.55 40.83
N ILE C 280 -9.72 29.54 41.64
CA ILE C 280 -9.24 28.35 42.32
C ILE C 280 -9.08 28.66 43.81
N ILE C 281 -9.45 27.70 44.66
CA ILE C 281 -9.44 27.87 46.11
C ILE C 281 -8.63 26.74 46.75
N PHE C 282 -7.76 27.13 47.69
CA PHE C 282 -6.94 26.23 48.50
C PHE C 282 -7.37 26.36 49.95
N GLU C 283 -7.58 25.23 50.62
CA GLU C 283 -7.82 25.19 52.05
C GLU C 283 -6.96 24.10 52.68
N ALA C 284 -6.46 24.33 53.88
CA ALA C 284 -5.54 23.37 54.47
C ALA C 284 -5.57 23.43 55.99
N ASN C 285 -5.37 22.27 56.60
CA ASN C 285 -5.11 22.14 58.03
C ASN C 285 -3.63 22.02 58.33
N GLY C 286 -2.86 21.56 57.35
CA GLY C 286 -1.43 21.39 57.49
C GLY C 286 -0.90 20.66 56.28
N ASN C 287 0.41 20.44 56.27
CA ASN C 287 1.10 19.60 55.29
C ASN C 287 1.02 20.15 53.87
N LEU C 288 0.78 21.45 53.69
CA LEU C 288 0.63 22.03 52.36
C LEU C 288 1.94 22.67 51.91
N ILE C 289 2.35 22.36 50.69
CA ILE C 289 3.42 23.07 50.00
C ILE C 289 2.75 23.95 48.96
N ALA C 290 2.71 25.25 49.24
CA ALA C 290 1.90 26.22 48.52
C ALA C 290 2.53 26.61 47.19
N PRO C 291 1.71 26.98 46.20
CA PRO C 291 2.25 27.56 44.97
C PRO C 291 2.91 28.91 45.22
N TRP C 292 3.94 29.18 44.45
CA TRP C 292 4.63 30.47 44.47
C TRP C 292 4.67 31.13 43.10
N TYR C 293 4.91 30.36 42.04
CA TYR C 293 4.95 30.87 40.68
C TYR C 293 4.08 29.99 39.79
N ALA C 294 3.43 30.62 38.81
CA ALA C 294 2.58 29.94 37.84
C ALA C 294 2.99 30.38 36.44
N PHE C 295 2.37 29.75 35.43
CA PHE C 295 2.70 30.00 34.03
C PHE C 295 1.44 30.26 33.23
N ALA C 296 1.46 31.29 32.40
CA ALA C 296 0.41 31.57 31.44
C ALA C 296 0.88 31.14 30.06
N LEU C 297 0.19 30.18 29.46
CA LEU C 297 0.70 29.44 28.32
C LEU C 297 0.18 29.99 26.99
N SER C 298 1.03 29.93 25.97
CA SER C 298 0.65 30.25 24.59
C SER C 298 0.93 29.04 23.72
N ARG C 299 -0.06 28.67 22.90
CA ARG C 299 0.00 27.46 22.08
C ARG C 299 0.49 27.77 20.67
N GLY C 300 1.03 26.75 20.02
CA GLY C 300 1.53 26.88 18.67
C GLY C 300 1.48 25.59 17.86
N PHE C 301 2.12 25.58 16.70
CA PHE C 301 2.16 24.42 15.83
C PHE C 301 3.60 24.08 15.48
N GLY C 302 3.86 22.79 15.27
CA GLY C 302 5.18 22.34 14.87
C GLY C 302 6.23 22.49 15.95
N SER C 303 6.08 21.73 17.04
CA SER C 303 7.00 21.80 18.16
C SER C 303 7.00 20.44 18.85
N GLY C 304 7.97 20.24 19.74
CA GLY C 304 8.04 18.98 20.46
C GLY C 304 9.27 18.93 21.34
N ILE C 305 9.43 17.78 21.98
CA ILE C 305 10.55 17.49 22.87
C ILE C 305 11.33 16.32 22.29
N ILE C 306 12.62 16.53 22.04
CA ILE C 306 13.46 15.49 21.47
C ILE C 306 14.58 15.16 22.43
N THR C 307 15.14 13.96 22.29
CA THR C 307 16.21 13.46 23.16
C THR C 307 17.48 13.28 22.34
N SER C 308 18.55 13.96 22.74
CA SER C 308 19.81 13.88 22.02
C SER C 308 20.94 14.40 22.92
N ASN C 309 22.18 14.10 22.52
CA ASN C 309 23.34 14.73 23.14
C ASN C 309 24.13 15.56 22.14
N ALA C 310 23.50 15.98 21.05
CA ALA C 310 24.18 16.83 20.09
C ALA C 310 24.41 18.22 20.68
N SER C 311 25.42 18.91 20.17
CA SER C 311 25.75 20.25 20.63
C SER C 311 25.07 21.31 19.78
N MET C 312 25.01 22.52 20.31
CA MET C 312 24.37 23.62 19.61
C MET C 312 25.34 24.24 18.60
N GLY C 313 24.80 24.65 17.46
CA GLY C 313 25.60 25.26 16.41
C GLY C 313 25.01 26.59 15.97
N GLU C 314 25.84 27.35 15.25
CA GLU C 314 25.45 28.67 14.77
C GLU C 314 24.99 28.60 13.32
N CYS C 315 23.83 27.99 13.12
CA CYS C 315 23.28 27.80 11.79
C CYS C 315 21.78 27.64 11.85
N ASP C 316 21.13 27.81 10.69
CA ASP C 316 19.71 27.59 10.51
C ASP C 316 19.49 26.34 9.67
N ALA C 317 18.25 25.85 9.68
CA ALA C 317 17.90 24.67 8.91
C ALA C 317 16.38 24.64 8.73
N LYS C 318 15.92 23.69 7.92
CA LYS C 318 14.49 23.44 7.74
C LYS C 318 14.01 22.20 8.47
N CYS C 319 14.91 21.26 8.76
CA CYS C 319 14.57 20.02 9.44
C CYS C 319 15.58 19.79 10.56
N GLN C 320 15.11 19.21 11.66
CA GLN C 320 15.95 18.86 12.79
C GLN C 320 15.66 17.44 13.23
N THR C 321 16.72 16.66 13.41
CA THR C 321 16.64 15.28 13.91
C THR C 321 17.46 15.19 15.18
N PRO C 322 17.31 14.12 15.97
CA PRO C 322 18.17 13.94 17.15
C PRO C 322 19.65 13.83 16.81
N GLN C 323 20.01 13.52 15.57
CA GLN C 323 21.41 13.42 15.16
C GLN C 323 21.97 14.71 14.58
N GLY C 324 21.18 15.43 13.78
CA GLY C 324 21.65 16.65 13.17
C GLY C 324 20.59 17.24 12.27
N ALA C 325 20.90 18.39 11.71
CA ALA C 325 19.97 19.12 10.87
C ALA C 325 20.17 18.78 9.40
N ILE C 326 19.16 19.10 8.59
CA ILE C 326 19.14 18.76 7.17
C ILE C 326 18.65 19.95 6.34
N ASN C 327 19.45 20.35 5.35
CA ASN C 327 18.94 20.95 4.11
C ASN C 327 18.96 19.91 3.00
N SER C 328 17.76 19.57 2.53
CA SER C 328 17.57 18.70 1.38
C SER C 328 16.19 18.95 0.81
N SER C 329 16.05 18.76 -0.50
CA SER C 329 14.76 18.78 -1.17
C SER C 329 14.39 17.43 -1.76
N LEU C 330 15.12 16.38 -1.39
CA LEU C 330 14.85 15.02 -1.82
C LEU C 330 13.60 14.48 -1.14
N PRO C 331 12.91 13.53 -1.76
CA PRO C 331 11.66 13.02 -1.19
C PRO C 331 11.82 11.99 -0.08
N PHE C 332 13.02 11.43 0.13
CA PHE C 332 13.20 10.36 1.10
C PHE C 332 14.48 10.60 1.89
N GLN C 333 14.51 10.03 3.11
CA GLN C 333 15.71 10.03 3.94
C GLN C 333 15.72 8.77 4.79
N ASN C 334 16.91 8.41 5.28
CA ASN C 334 17.06 7.27 6.18
C ASN C 334 17.97 7.62 7.34
N VAL C 335 17.82 8.82 7.89
CA VAL C 335 18.66 9.28 8.99
C VAL C 335 18.01 8.93 10.33
N HIS C 336 16.80 9.44 10.58
CA HIS C 336 16.12 9.20 11.84
C HIS C 336 14.61 9.31 11.65
N PRO C 337 13.82 8.44 12.28
CA PRO C 337 12.36 8.55 12.16
C PRO C 337 11.75 9.74 12.89
N VAL C 338 12.45 10.34 13.85
CA VAL C 338 11.94 11.47 14.62
C VAL C 338 12.48 12.76 13.98
N THR C 339 11.58 13.64 13.58
CA THR C 339 11.95 14.86 12.88
C THR C 339 11.07 16.01 13.34
N ILE C 340 11.60 17.24 13.22
CA ILE C 340 10.84 18.46 13.47
C ILE C 340 11.12 19.44 12.35
N GLY C 341 10.06 19.97 11.73
CA GLY C 341 10.17 20.92 10.65
C GLY C 341 9.63 20.36 9.34
N GLU C 342 10.17 20.86 8.23
CA GLU C 342 9.83 20.39 6.90
C GLU C 342 10.88 19.37 6.46
N CYS C 343 10.50 18.10 6.45
CA CYS C 343 11.45 17.00 6.31
C CYS C 343 10.97 16.01 5.26
N PRO C 344 11.90 15.24 4.67
CA PRO C 344 11.49 14.14 3.79
C PRO C 344 10.86 12.98 4.55
N LYS C 345 10.48 11.93 3.84
CA LYS C 345 9.87 10.75 4.44
C LYS C 345 10.93 9.73 4.81
N TYR C 346 10.72 9.05 5.93
CA TYR C 346 11.70 8.11 6.45
C TYR C 346 11.42 6.69 5.96
N VAL C 347 12.46 6.01 5.47
CA VAL C 347 12.37 4.64 4.99
C VAL C 347 13.58 3.86 5.48
N ARG C 348 13.48 2.53 5.42
CA ARG C 348 14.56 1.64 5.83
C ARG C 348 15.52 1.33 4.68
N SER C 349 15.33 1.93 3.52
CA SER C 349 16.10 1.58 2.33
C SER C 349 17.53 2.11 2.43
N THR C 350 18.42 1.50 1.64
CA THR C 350 19.79 1.97 1.50
C THR C 350 20.10 2.53 0.13
N LYS C 351 19.27 2.27 -0.88
CA LYS C 351 19.49 2.78 -2.23
C LYS C 351 18.16 2.94 -2.93
N LEU C 352 17.96 4.11 -3.56
CA LEU C 352 16.75 4.37 -4.37
C LEU C 352 17.17 5.30 -5.51
N ARG C 353 17.52 4.71 -6.64
CA ARG C 353 17.98 5.46 -7.81
C ARG C 353 17.03 5.23 -8.98
N MET C 354 16.69 6.30 -9.68
CA MET C 354 15.71 6.28 -10.76
C MET C 354 16.40 6.60 -12.07
N VAL C 355 16.24 5.74 -13.07
CA VAL C 355 16.91 5.93 -14.36
C VAL C 355 16.13 6.93 -15.20
N THR C 356 16.85 7.80 -15.91
CA THR C 356 16.25 8.72 -16.86
C THR C 356 16.74 8.54 -18.29
N GLY C 357 17.91 7.97 -18.49
CA GLY C 357 18.48 7.72 -19.80
C GLY C 357 18.30 6.28 -20.24
N LEU C 358 19.21 5.82 -21.10
CA LEU C 358 19.14 4.49 -21.69
C LEU C 358 20.28 3.62 -21.18
N ARG C 359 20.31 2.39 -21.67
CA ARG C 359 21.41 1.48 -21.38
C ARG C 359 22.71 2.00 -21.99
N ASN C 360 23.80 1.88 -21.25
CA ASN C 360 25.10 2.36 -21.68
C ASN C 360 25.86 1.20 -22.31
N ILE C 361 26.03 1.24 -23.63
CA ILE C 361 26.83 0.28 -24.36
C ILE C 361 27.85 1.05 -25.19
N PRO C 362 28.95 1.51 -24.61
CA PRO C 362 29.88 2.37 -25.35
C PRO C 362 30.74 1.59 -26.33
N SER C 363 30.41 0.33 -26.56
CA SER C 363 31.13 -0.49 -27.54
C SER C 363 30.73 -0.09 -28.96
N GLY C 368 15.44 -6.69 -24.77
CA GLY C 368 14.45 -5.63 -24.93
C GLY C 368 13.16 -6.14 -25.51
N LEU C 369 12.04 -5.54 -25.08
CA LEU C 369 10.74 -5.94 -25.57
C LEU C 369 10.56 -5.71 -27.07
N PHE C 370 11.31 -4.76 -27.64
CA PHE C 370 11.12 -4.37 -29.02
C PHE C 370 12.28 -4.71 -29.93
N GLY C 371 13.40 -5.20 -29.37
CA GLY C 371 14.44 -5.81 -30.15
C GLY C 371 15.38 -4.88 -30.88
N ALA C 372 15.38 -3.58 -30.57
CA ALA C 372 16.21 -2.61 -31.28
C ALA C 372 17.50 -2.30 -30.52
N ILE C 373 17.40 -1.85 -29.28
CA ILE C 373 18.59 -1.54 -28.48
C ILE C 373 19.19 -2.83 -27.97
N ALA C 374 20.48 -3.02 -28.24
CA ALA C 374 21.17 -4.30 -28.01
C ALA C 374 20.49 -5.42 -28.77
N GLY C 375 19.93 -5.09 -29.93
CA GLY C 375 19.24 -6.03 -30.79
C GLY C 375 19.87 -6.01 -32.17
N PHE C 376 19.09 -5.64 -33.19
CA PHE C 376 19.67 -5.50 -34.52
C PHE C 376 20.52 -4.25 -34.66
N ILE C 377 20.48 -3.34 -33.69
CA ILE C 377 21.46 -2.26 -33.56
C ILE C 377 22.29 -2.57 -32.32
N GLU C 378 23.58 -2.83 -32.52
CA GLU C 378 24.38 -3.55 -31.54
C GLU C 378 24.90 -2.65 -30.42
N GLY C 379 25.26 -1.40 -30.70
CA GLY C 379 25.86 -0.56 -29.68
C GLY C 379 25.52 0.90 -29.88
N GLY C 380 25.97 1.71 -28.92
CA GLY C 380 25.71 3.14 -28.93
C GLY C 380 26.87 3.95 -29.50
N TRP C 381 26.63 5.25 -29.64
CA TRP C 381 27.59 6.18 -30.22
C TRP C 381 28.03 7.17 -29.16
N THR C 382 29.34 7.25 -28.94
CA THR C 382 29.90 8.30 -28.09
C THR C 382 30.16 9.58 -28.86
N GLY C 383 30.08 9.56 -30.19
CA GLY C 383 30.25 10.75 -30.98
C GLY C 383 29.01 11.59 -31.16
N MET C 384 27.85 11.07 -30.77
CA MET C 384 26.59 11.81 -30.79
C MET C 384 26.32 12.30 -29.38
N ILE C 385 26.41 13.62 -29.18
CA ILE C 385 26.39 14.19 -27.84
C ILE C 385 25.22 15.13 -27.59
N ASP C 386 24.48 15.54 -28.63
CA ASP C 386 23.45 16.55 -28.48
C ASP C 386 22.04 15.97 -28.37
N GLY C 387 21.91 14.66 -28.17
CA GLY C 387 20.59 14.07 -28.07
C GLY C 387 20.69 12.60 -27.72
N TRP C 388 19.52 11.95 -27.72
CA TRP C 388 19.41 10.54 -27.39
C TRP C 388 19.38 9.63 -28.61
N TYR C 389 18.75 10.06 -29.71
CA TYR C 389 18.65 9.28 -30.93
C TYR C 389 19.05 10.17 -32.11
N GLY C 390 19.57 9.55 -33.17
CA GLY C 390 19.97 10.34 -34.31
C GLY C 390 20.52 9.52 -35.47
N TYR C 391 21.22 10.23 -36.36
CA TYR C 391 21.68 9.70 -37.63
C TYR C 391 23.19 9.88 -37.77
N HIS C 392 23.78 8.99 -38.57
CA HIS C 392 25.15 9.12 -39.06
C HIS C 392 25.11 8.98 -40.57
N HIS C 393 25.63 9.98 -41.29
CA HIS C 393 25.52 9.99 -42.74
C HIS C 393 26.90 9.96 -43.38
N GLN C 394 26.93 9.54 -44.64
CA GLN C 394 28.20 9.51 -45.39
C GLN C 394 27.91 9.67 -46.87
N ASN C 395 28.50 10.69 -47.49
CA ASN C 395 28.41 10.89 -48.93
C ASN C 395 29.73 11.48 -49.42
N GLU C 396 29.76 11.85 -50.70
CA GLU C 396 30.98 12.31 -51.36
C GLU C 396 31.55 13.58 -50.75
N GLN C 397 30.76 14.35 -50.01
CA GLN C 397 31.25 15.55 -49.36
C GLN C 397 31.69 15.32 -47.93
N GLY C 398 31.47 14.15 -47.36
CA GLY C 398 31.96 13.85 -46.04
C GLY C 398 30.96 13.05 -45.22
N SER C 399 31.23 12.97 -43.93
CA SER C 399 30.45 12.20 -42.97
C SER C 399 30.12 13.08 -41.77
N GLY C 400 29.29 12.55 -40.87
CA GLY C 400 28.98 13.27 -39.66
C GLY C 400 27.81 12.67 -38.92
N TYR C 401 27.70 13.08 -37.66
CA TYR C 401 26.62 12.72 -36.76
C TYR C 401 25.64 13.87 -36.61
N ALA C 402 24.39 13.52 -36.34
CA ALA C 402 23.37 14.52 -36.04
C ALA C 402 22.31 13.86 -35.17
N ALA C 403 21.54 14.68 -34.45
CA ALA C 403 20.51 14.19 -33.57
C ALA C 403 19.13 14.58 -34.08
N ASP C 404 18.14 13.74 -33.78
CA ASP C 404 16.75 14.04 -34.08
C ASP C 404 16.14 14.78 -32.90
N GLN C 405 15.72 16.02 -33.12
CA GLN C 405 15.23 16.86 -32.04
C GLN C 405 13.82 16.50 -31.60
N LYS C 406 12.95 16.10 -32.53
CA LYS C 406 11.56 15.84 -32.17
C LYS C 406 11.43 14.60 -31.28
N SER C 407 12.13 13.52 -31.63
CA SER C 407 12.09 12.31 -30.82
C SER C 407 12.63 12.57 -29.42
N THR C 408 13.78 13.25 -29.34
CA THR C 408 14.38 13.56 -28.04
C THR C 408 13.45 14.45 -27.21
N GLN C 409 12.80 15.43 -27.86
CA GLN C 409 11.89 16.31 -27.15
C GLN C 409 10.71 15.53 -26.57
N ASN C 410 10.12 14.63 -27.36
CA ASN C 410 8.99 13.85 -26.86
C ASN C 410 9.42 12.96 -25.69
N ALA C 411 10.58 12.31 -25.81
CA ALA C 411 11.07 11.47 -24.72
C ALA C 411 11.31 12.29 -23.45
N ILE C 412 11.89 13.49 -23.59
CA ILE C 412 12.17 14.33 -22.44
C ILE C 412 10.87 14.77 -21.77
N ASN C 413 9.87 15.14 -22.57
CA ASN C 413 8.56 15.48 -22.02
C ASN C 413 8.02 14.35 -21.17
N GLY C 414 8.01 13.13 -21.72
CA GLY C 414 7.49 11.99 -20.99
C GLY C 414 8.23 11.71 -19.70
N ILE C 415 9.57 11.74 -19.76
CA ILE C 415 10.37 11.39 -18.58
C ILE C 415 10.21 12.41 -17.48
N THR C 416 10.23 13.70 -17.82
CA THR C 416 10.04 14.73 -16.80
C THR C 416 8.65 14.64 -16.17
N ASN C 417 7.64 14.37 -16.99
CA ASN C 417 6.30 14.19 -16.44
C ASN C 417 6.26 13.03 -15.45
N LYS C 418 6.91 11.91 -15.79
CA LYS C 418 6.93 10.75 -14.89
C LYS C 418 7.59 11.09 -13.56
N VAL C 419 8.75 11.74 -13.60
CA VAL C 419 9.46 12.05 -12.37
C VAL C 419 8.67 13.03 -11.52
N ASN C 420 8.06 14.04 -12.14
CA ASN C 420 7.25 15.00 -11.39
C ASN C 420 6.06 14.32 -10.73
N SER C 421 5.40 13.39 -11.44
CA SER C 421 4.28 12.67 -10.85
C SER C 421 4.72 11.85 -9.65
N VAL C 422 5.86 11.16 -9.76
CA VAL C 422 6.36 10.38 -8.64
C VAL C 422 6.64 11.27 -7.44
N ILE C 423 7.26 12.43 -7.67
CA ILE C 423 7.55 13.35 -6.57
C ILE C 423 6.26 13.84 -5.92
N GLU C 424 5.27 14.18 -6.74
CA GLU C 424 4.03 14.74 -6.21
C GLU C 424 3.23 13.74 -5.39
N LYS C 425 3.21 12.47 -5.79
CA LYS C 425 2.37 11.50 -5.10
C LYS C 425 2.88 11.13 -3.71
N MET C 426 4.08 11.53 -3.33
CA MET C 426 4.70 11.10 -2.07
C MET C 426 4.92 12.27 -1.11
N ASN C 427 3.91 13.12 -0.94
CA ASN C 427 3.97 14.24 -0.01
C ASN C 427 2.86 14.10 1.01
N THR C 428 3.22 14.07 2.30
CA THR C 428 2.26 13.94 3.38
C THR C 428 2.68 14.87 4.53
N GLN C 429 2.07 14.68 5.69
CA GLN C 429 2.35 15.49 6.86
C GLN C 429 3.65 15.02 7.54
N PHE C 430 4.14 15.85 8.45
CA PHE C 430 5.42 15.58 9.11
C PHE C 430 5.37 16.17 10.53
N THR C 431 6.55 16.33 11.15
CA THR C 431 6.68 16.84 12.51
C THR C 431 5.99 15.92 13.53
N ALA C 432 6.52 14.70 13.64
CA ALA C 432 6.01 13.70 14.57
C ALA C 432 7.07 13.34 15.59
N VAL C 433 6.68 13.35 16.87
CA VAL C 433 7.59 13.06 17.97
C VAL C 433 6.94 12.00 18.87
N GLY C 434 7.79 11.28 19.62
CA GLY C 434 7.32 10.18 20.44
C GLY C 434 6.67 10.60 21.75
N LYS C 435 6.09 9.61 22.42
CA LYS C 435 5.37 9.76 23.68
C LYS C 435 6.11 9.01 24.79
N GLU C 436 5.57 9.12 26.01
CA GLU C 436 6.13 8.44 27.17
C GLU C 436 5.01 7.77 27.96
N PHE C 437 5.37 6.69 28.65
CA PHE C 437 4.43 5.90 29.43
C PHE C 437 5.11 5.46 30.72
N ASN C 438 4.29 5.16 31.73
CA ASN C 438 4.83 4.69 33.00
C ASN C 438 4.76 3.17 33.07
N LYS C 439 5.15 2.62 34.22
CA LYS C 439 5.36 1.18 34.37
C LYS C 439 4.06 0.38 34.27
N LEU C 440 2.91 1.00 34.53
CA LEU C 440 1.63 0.31 34.47
C LEU C 440 0.87 0.59 33.18
N GLU C 441 1.58 0.98 32.12
CA GLU C 441 0.97 1.32 30.83
C GLU C 441 1.72 0.65 29.68
N ARG C 442 2.03 -0.64 29.85
CA ARG C 442 2.81 -1.35 28.83
C ARG C 442 2.00 -1.71 27.60
N ARG C 443 0.70 -1.96 27.75
CA ARG C 443 -0.13 -2.29 26.60
C ARG C 443 -0.24 -1.11 25.64
N MET C 444 -0.41 0.11 26.17
CA MET C 444 -0.47 1.30 25.32
C MET C 444 0.86 1.54 24.62
N GLU C 445 1.97 1.32 25.34
CA GLU C 445 3.29 1.44 24.73
C GLU C 445 3.46 0.45 23.58
N ASN C 446 3.04 -0.79 23.79
CA ASN C 446 3.16 -1.81 22.74
C ASN C 446 2.28 -1.47 21.54
N LEU C 447 1.08 -0.94 21.78
CA LEU C 447 0.21 -0.54 20.67
C LEU C 447 0.83 0.61 19.86
N ASN C 448 1.40 1.59 20.56
CA ASN C 448 2.08 2.70 19.87
C ASN C 448 3.22 2.19 19.01
N LYS C 449 4.04 1.29 19.56
CA LYS C 449 5.16 0.73 18.81
C LYS C 449 4.69 -0.06 17.60
N LYS C 450 3.62 -0.84 17.76
CA LYS C 450 3.08 -1.61 16.64
C LYS C 450 2.59 -0.72 15.51
N VAL C 451 1.90 0.37 15.86
CA VAL C 451 1.42 1.30 14.83
C VAL C 451 2.59 1.91 14.07
N ASP C 452 3.61 2.36 14.79
CA ASP C 452 4.76 2.98 14.14
C ASP C 452 5.44 1.99 13.19
N ASP C 453 5.68 0.76 13.65
CA ASP C 453 6.36 -0.23 12.84
C ASP C 453 5.56 -0.59 11.59
N GLY C 454 4.24 -0.75 11.73
CA GLY C 454 3.43 -1.10 10.58
C GLY C 454 3.45 -0.03 9.51
N PHE C 455 3.29 1.24 9.91
CA PHE C 455 3.32 2.30 8.92
C PHE C 455 4.67 2.39 8.21
N LEU C 456 5.76 2.24 8.98
CA LEU C 456 7.09 2.29 8.38
C LEU C 456 7.29 1.16 7.37
N ASP C 457 6.86 -0.05 7.71
CA ASP C 457 6.99 -1.18 6.79
C ASP C 457 6.22 -0.93 5.50
N ILE C 458 4.98 -0.44 5.62
CA ILE C 458 4.16 -0.23 4.42
C ILE C 458 4.80 0.80 3.50
N TRP C 459 5.29 1.91 4.06
CA TRP C 459 5.84 2.95 3.19
C TRP C 459 7.15 2.51 2.55
N THR C 460 7.99 1.77 3.27
CA THR C 460 9.21 1.24 2.67
C THR C 460 8.89 0.33 1.49
N TYR C 461 7.92 -0.57 1.68
CA TYR C 461 7.52 -1.46 0.59
C TYR C 461 7.02 -0.66 -0.62
N ASN C 462 6.19 0.36 -0.37
CA ASN C 462 5.65 1.15 -1.46
C ASN C 462 6.75 1.82 -2.28
N ALA C 463 7.70 2.47 -1.60
CA ALA C 463 8.76 3.18 -2.30
C ALA C 463 9.61 2.23 -3.13
N GLU C 464 10.04 1.12 -2.53
CA GLU C 464 10.93 0.21 -3.25
C GLU C 464 10.23 -0.40 -4.46
N LEU C 465 8.97 -0.81 -4.29
CA LEU C 465 8.24 -1.41 -5.41
C LEU C 465 8.03 -0.40 -6.54
N LEU C 466 7.69 0.84 -6.20
CA LEU C 466 7.46 1.84 -7.24
C LEU C 466 8.73 2.07 -8.07
N VAL C 467 9.87 2.25 -7.39
CA VAL C 467 11.11 2.52 -8.12
C VAL C 467 11.46 1.33 -9.01
N LEU C 468 11.36 0.12 -8.46
CA LEU C 468 11.72 -1.08 -9.22
C LEU C 468 10.84 -1.25 -10.45
N LEU C 469 9.55 -0.95 -10.33
CA LEU C 469 8.64 -1.16 -11.45
C LEU C 469 8.77 -0.07 -12.52
N GLU C 470 9.04 1.18 -12.14
CA GLU C 470 9.19 2.22 -13.15
C GLU C 470 10.51 2.14 -13.90
N ASN C 471 11.56 1.64 -13.24
CA ASN C 471 12.84 1.48 -13.94
C ASN C 471 12.72 0.54 -15.12
N GLU C 472 11.82 -0.45 -15.04
CA GLU C 472 11.60 -1.37 -16.14
C GLU C 472 10.93 -0.70 -17.32
N ARG C 473 9.94 0.14 -17.06
CA ARG C 473 9.18 0.76 -18.14
C ARG C 473 9.99 1.82 -18.88
N THR C 474 10.89 2.52 -18.18
CA THR C 474 11.66 3.57 -18.86
C THR C 474 12.52 3.01 -20.00
N LEU C 475 13.19 1.88 -19.76
CA LEU C 475 14.07 1.30 -20.78
C LEU C 475 13.27 0.81 -21.99
N ASP C 476 12.11 0.21 -21.74
CA ASP C 476 11.24 -0.20 -22.84
C ASP C 476 10.74 1.00 -23.64
N PHE C 477 10.46 2.11 -22.96
CA PHE C 477 10.07 3.34 -23.65
C PHE C 477 11.16 3.78 -24.62
N HIS C 478 12.41 3.79 -24.16
CA HIS C 478 13.52 4.18 -25.03
C HIS C 478 13.68 3.21 -26.22
N ASP C 479 13.57 1.91 -25.96
CA ASP C 479 13.67 0.91 -27.03
C ASP C 479 12.60 1.14 -28.09
N SER C 480 11.37 1.39 -27.66
CA SER C 480 10.28 1.65 -28.59
C SER C 480 10.54 2.90 -29.42
N ASN C 481 11.07 3.95 -28.79
CA ASN C 481 11.36 5.17 -29.55
C ASN C 481 12.38 4.92 -30.66
N VAL C 482 13.44 4.17 -30.35
CA VAL C 482 14.45 3.87 -31.36
C VAL C 482 13.83 3.08 -32.51
N LYS C 483 13.03 2.06 -32.18
CA LYS C 483 12.42 1.24 -33.23
C LYS C 483 11.48 2.05 -34.12
N ASN C 484 10.68 2.93 -33.51
CA ASN C 484 9.76 3.74 -34.29
C ASN C 484 10.49 4.68 -35.22
N LEU C 485 11.59 5.29 -34.77
CA LEU C 485 12.39 6.13 -35.65
C LEU C 485 12.94 5.33 -36.83
N TYR C 486 13.45 4.12 -36.56
CA TYR C 486 13.97 3.30 -37.65
C TYR C 486 12.91 2.99 -38.69
N GLU C 487 11.71 2.61 -38.24
CA GLU C 487 10.64 2.27 -39.19
C GLU C 487 10.18 3.50 -39.95
N LYS C 488 10.13 4.66 -39.29
CA LYS C 488 9.77 5.90 -39.98
C LYS C 488 10.73 6.19 -41.12
N VAL C 489 12.03 6.01 -40.88
CA VAL C 489 13.00 6.25 -41.96
C VAL C 489 12.86 5.18 -43.04
N LYS C 490 12.65 3.92 -42.65
CA LYS C 490 12.59 2.83 -43.62
C LYS C 490 11.43 3.00 -44.59
N ASN C 491 10.25 3.37 -44.08
CA ASN C 491 9.08 3.47 -44.94
C ASN C 491 9.07 4.70 -45.82
N GLN C 492 10.09 5.56 -45.71
CA GLN C 492 10.22 6.74 -46.54
C GLN C 492 11.01 6.49 -47.81
N LEU C 493 12.08 5.68 -47.72
CA LEU C 493 12.94 5.40 -48.85
C LEU C 493 12.40 4.32 -49.78
N LYS C 494 11.53 3.46 -49.27
CA LYS C 494 10.95 2.35 -50.03
C LYS C 494 12.00 1.53 -50.77
N ASN C 495 11.98 1.54 -52.10
CA ASN C 495 12.89 0.72 -52.90
C ASN C 495 13.97 1.55 -53.59
N ASN C 496 14.17 2.79 -53.18
CA ASN C 496 15.30 3.58 -53.66
C ASN C 496 16.58 3.32 -52.89
N ALA C 497 16.54 2.46 -51.88
CA ALA C 497 17.71 2.16 -51.08
C ALA C 497 17.69 0.69 -50.69
N LYS C 498 18.87 0.19 -50.31
CA LYS C 498 19.05 -1.18 -49.87
C LYS C 498 19.26 -1.22 -48.37
N GLU C 499 18.58 -2.16 -47.72
CA GLU C 499 18.64 -2.35 -46.28
C GLU C 499 19.69 -3.41 -45.96
N ILE C 500 20.75 -3.01 -45.27
CA ILE C 500 21.85 -3.93 -44.98
C ILE C 500 21.73 -4.57 -43.60
N GLY C 501 20.64 -4.31 -42.87
CA GLY C 501 20.24 -5.14 -41.76
C GLY C 501 20.71 -4.72 -40.38
N ASN C 502 21.62 -3.75 -40.28
CA ASN C 502 22.15 -3.35 -38.98
C ASN C 502 21.79 -1.92 -38.61
N GLY C 503 20.73 -1.37 -39.22
CA GLY C 503 20.34 0.00 -39.01
C GLY C 503 20.77 0.96 -40.10
N CYS C 504 21.43 0.48 -41.14
CA CYS C 504 21.96 1.34 -42.19
C CYS C 504 21.25 1.08 -43.53
N PHE C 505 21.26 2.10 -44.37
CA PHE C 505 20.69 2.07 -45.70
C PHE C 505 21.71 2.60 -46.70
N GLU C 506 21.82 1.92 -47.84
CA GLU C 506 22.69 2.32 -48.94
C GLU C 506 21.84 2.83 -50.10
N PHE C 507 22.14 4.02 -50.58
CA PHE C 507 21.34 4.61 -51.66
C PHE C 507 21.76 4.07 -53.01
N TYR C 508 20.78 3.79 -53.87
CA TYR C 508 21.07 3.39 -55.24
C TYR C 508 21.50 4.58 -56.09
N HIS C 509 20.90 5.75 -55.86
CA HIS C 509 21.24 6.96 -56.58
C HIS C 509 22.27 7.77 -55.79
N LYS C 510 22.52 9.00 -56.22
CA LYS C 510 23.44 9.90 -55.54
C LYS C 510 22.66 10.82 -54.62
N CYS C 511 23.08 10.89 -53.36
CA CYS C 511 22.36 11.62 -52.32
C CYS C 511 23.31 12.65 -51.71
N ASN C 512 23.16 13.91 -52.10
CA ASN C 512 24.04 14.98 -51.64
C ASN C 512 23.53 15.54 -50.31
N ASN C 513 24.10 16.66 -49.87
CA ASN C 513 23.76 17.24 -48.58
C ASN C 513 22.33 17.76 -48.52
N GLU C 514 21.68 18.00 -49.65
CA GLU C 514 20.27 18.36 -49.66
C GLU C 514 19.36 17.15 -49.57
N CYS C 515 19.72 16.08 -50.28
CA CYS C 515 19.00 14.82 -50.15
C CYS C 515 19.06 14.27 -48.72
N MET C 516 20.25 14.31 -48.11
CA MET C 516 20.40 13.84 -46.74
C MET C 516 19.57 14.67 -45.78
N GLU C 517 19.56 15.99 -45.97
CA GLU C 517 18.75 16.85 -45.12
C GLU C 517 17.27 16.55 -45.29
N SER C 518 16.83 16.29 -46.53
CA SER C 518 15.44 15.96 -46.78
C SER C 518 15.04 14.65 -46.11
N VAL C 519 15.96 13.68 -46.06
CA VAL C 519 15.65 12.42 -45.38
C VAL C 519 15.42 12.65 -43.89
N LYS C 520 16.31 13.41 -43.26
CA LYS C 520 16.18 13.76 -41.84
C LYS C 520 15.08 14.79 -41.59
N ASN C 521 14.52 15.35 -42.66
CA ASN C 521 13.47 16.36 -42.60
C ASN C 521 12.08 15.74 -42.49
N GLY C 522 11.86 14.60 -43.13
CA GLY C 522 10.54 14.02 -43.27
C GLY C 522 9.88 14.30 -44.59
N THR C 523 10.56 14.97 -45.52
CA THR C 523 9.99 15.40 -46.80
C THR C 523 10.85 14.91 -47.97
N TYR C 524 11.20 13.63 -47.94
CA TYR C 524 11.99 13.03 -49.01
C TYR C 524 11.11 12.77 -50.23
N ASP C 525 11.63 13.09 -51.41
CA ASP C 525 10.89 12.98 -52.67
C ASP C 525 11.25 11.66 -53.34
N TYR C 526 10.34 10.70 -53.26
CA TYR C 526 10.57 9.37 -53.81
C TYR C 526 10.40 9.33 -55.33
N PRO C 527 9.35 9.94 -55.90
CA PRO C 527 9.24 9.94 -57.37
C PRO C 527 10.44 10.51 -58.10
N LYS C 528 11.05 11.57 -57.57
CA LYS C 528 12.13 12.25 -58.28
C LYS C 528 13.38 11.38 -58.37
N TYR C 529 13.70 10.66 -57.30
CA TYR C 529 14.96 9.91 -57.17
C TYR C 529 14.79 8.43 -57.51
N SER C 530 13.93 8.09 -58.46
CA SER C 530 13.56 6.69 -58.64
C SER C 530 14.71 5.85 -59.20
N GLU C 531 15.73 5.63 -58.36
CA GLU C 531 16.85 4.75 -58.67
C GLU C 531 17.57 5.20 -59.94
N GLU C 532 18.14 6.40 -59.87
CA GLU C 532 18.87 7.02 -60.97
C GLU C 532 17.97 7.19 -62.19
N VAL D 21 28.73 -18.09 -5.34
CA VAL D 21 27.84 -19.17 -4.94
C VAL D 21 28.64 -20.23 -4.17
N GLN D 22 28.12 -20.62 -3.01
CA GLN D 22 28.73 -21.66 -2.18
C GLN D 22 27.72 -22.76 -1.92
N LEU D 23 28.19 -24.00 -2.00
CA LEU D 23 27.34 -25.18 -1.81
C LEU D 23 27.77 -25.90 -0.53
N VAL D 24 26.81 -26.19 0.34
CA VAL D 24 27.09 -26.82 1.64
C VAL D 24 26.25 -28.08 1.76
N GLU D 25 26.88 -29.18 2.12
CA GLU D 25 26.20 -30.46 2.23
C GLU D 25 26.04 -30.88 3.69
N SER D 26 25.16 -31.85 3.91
CA SER D 26 24.85 -32.35 5.24
C SER D 26 25.97 -33.25 5.77
N GLY D 27 25.89 -33.58 7.04
CA GLY D 27 26.98 -34.27 7.72
C GLY D 27 27.19 -35.69 7.23
N ALA D 28 28.29 -36.27 7.68
CA ALA D 28 28.69 -37.60 7.28
C ALA D 28 27.75 -38.66 7.87
N GLU D 29 27.70 -39.82 7.24
CA GLU D 29 26.78 -40.88 7.64
C GLU D 29 27.51 -42.21 7.77
N VAL D 30 27.09 -42.98 8.78
CA VAL D 30 27.50 -44.37 8.96
C VAL D 30 26.23 -45.20 9.04
N LYS D 31 26.03 -46.09 8.06
CA LYS D 31 24.80 -46.85 7.96
C LYS D 31 25.12 -48.32 7.70
N LYS D 32 24.13 -49.17 7.94
CA LYS D 32 24.17 -50.62 7.81
C LYS D 32 23.75 -51.06 6.41
N PRO D 33 24.26 -52.19 5.94
CA PRO D 33 23.86 -52.70 4.62
C PRO D 33 22.36 -52.93 4.50
N GLY D 34 21.80 -52.60 3.34
CA GLY D 34 20.39 -52.80 3.08
C GLY D 34 19.49 -51.64 3.44
N SER D 35 20.03 -50.60 4.06
CA SER D 35 19.23 -49.45 4.46
C SER D 35 19.25 -48.40 3.35
N SER D 36 18.72 -47.21 3.64
CA SER D 36 18.69 -46.10 2.71
C SER D 36 19.20 -44.84 3.39
N VAL D 37 19.88 -43.99 2.62
CA VAL D 37 20.47 -42.77 3.14
C VAL D 37 20.07 -41.61 2.25
N LYS D 38 19.74 -40.48 2.87
CA LYS D 38 19.36 -39.27 2.15
C LYS D 38 20.25 -38.11 2.58
N VAL D 39 20.87 -37.45 1.61
CA VAL D 39 21.72 -36.29 1.87
C VAL D 39 21.11 -35.07 1.18
N SER D 40 21.56 -33.90 1.61
CA SER D 40 21.03 -32.64 1.10
C SER D 40 22.17 -31.68 0.79
N CYS D 41 21.90 -30.79 -0.16
CA CYS D 41 22.81 -29.73 -0.57
C CYS D 41 22.05 -28.41 -0.55
N LYS D 42 22.69 -27.38 0.02
CA LYS D 42 22.09 -26.07 0.18
C LYS D 42 22.98 -25.05 -0.51
N ALA D 43 22.37 -24.17 -1.31
CA ALA D 43 23.09 -23.19 -2.10
C ALA D 43 22.76 -21.78 -1.61
N SER D 44 23.77 -20.91 -1.62
CA SER D 44 23.59 -19.53 -1.21
C SER D 44 22.97 -18.71 -2.34
N GLY D 45 22.54 -17.50 -1.99
CA GLY D 45 21.84 -16.65 -2.94
C GLY D 45 20.34 -16.81 -2.84
N GLY D 46 19.67 -16.34 -3.88
CA GLY D 46 18.23 -16.42 -3.96
C GLY D 46 17.75 -17.86 -3.97
N PRO D 47 16.58 -18.11 -3.39
CA PRO D 47 16.09 -19.50 -3.32
C PRO D 47 15.91 -20.15 -4.68
N PHE D 48 15.51 -19.39 -5.70
CA PHE D 48 15.28 -19.94 -7.04
C PHE D 48 16.52 -19.74 -7.89
N ARG D 49 16.96 -20.83 -8.53
CA ARG D 49 18.22 -20.88 -9.25
C ARG D 49 17.97 -21.01 -10.75
N SER D 50 18.91 -20.53 -11.55
CA SER D 50 18.83 -20.63 -13.01
C SER D 50 19.84 -21.60 -13.58
N TYR D 51 20.38 -22.51 -12.77
CA TYR D 51 21.37 -23.47 -13.22
C TYR D 51 20.96 -24.86 -12.73
N ALA D 52 21.55 -25.89 -13.32
CA ALA D 52 21.29 -27.26 -12.94
C ALA D 52 22.28 -27.73 -11.87
N ILE D 53 21.87 -28.75 -11.12
CA ILE D 53 22.67 -29.31 -10.03
C ILE D 53 22.80 -30.81 -10.24
N SER D 54 24.00 -31.34 -10.07
CA SER D 54 24.31 -32.76 -10.22
C SER D 54 24.96 -33.29 -8.95
N TRP D 55 24.90 -34.62 -8.81
CA TRP D 55 25.51 -35.33 -7.69
C TRP D 55 26.60 -36.24 -8.22
N VAL D 56 27.78 -36.20 -7.58
CA VAL D 56 28.93 -36.98 -7.99
C VAL D 56 29.46 -37.72 -6.76
N ARG D 57 30.05 -38.89 -6.98
CA ARG D 57 30.66 -39.63 -5.89
C ARG D 57 32.04 -40.14 -6.30
N GLN D 58 32.91 -40.27 -5.31
CA GLN D 58 34.28 -40.75 -5.51
C GLN D 58 34.60 -41.77 -4.43
N ALA D 59 34.93 -42.99 -4.85
CA ALA D 59 35.41 -43.99 -3.91
C ALA D 59 36.92 -43.85 -3.73
N PRO D 60 37.45 -44.29 -2.58
CA PRO D 60 38.90 -44.22 -2.37
C PRO D 60 39.67 -44.96 -3.46
N GLY D 61 40.72 -44.32 -3.94
CA GLY D 61 41.52 -44.89 -5.02
C GLY D 61 40.80 -45.02 -6.35
N GLN D 62 40.01 -44.01 -6.72
CA GLN D 62 39.25 -44.05 -7.97
C GLN D 62 38.94 -42.62 -8.39
N GLY D 63 38.50 -42.47 -9.64
CA GLY D 63 38.16 -41.19 -10.19
C GLY D 63 36.71 -40.80 -9.91
N PRO D 64 36.34 -39.58 -10.29
CA PRO D 64 34.97 -39.12 -10.05
C PRO D 64 33.97 -39.88 -10.91
N GLU D 65 32.71 -39.83 -10.48
CA GLU D 65 31.66 -40.61 -11.14
C GLU D 65 30.33 -39.88 -11.02
N TRP D 66 29.71 -39.61 -12.16
CA TRP D 66 28.44 -38.89 -12.21
C TRP D 66 27.29 -39.80 -11.85
N MET D 67 26.33 -39.28 -11.07
CA MET D 67 25.16 -40.03 -10.65
C MET D 67 23.88 -39.53 -11.29
N GLY D 68 23.59 -38.23 -11.22
CA GLY D 68 22.38 -37.70 -11.81
C GLY D 68 22.23 -36.24 -11.49
N GLY D 69 21.32 -35.60 -12.22
CA GLY D 69 21.12 -34.17 -12.10
C GLY D 69 19.66 -33.78 -12.27
N ILE D 70 19.37 -32.53 -11.90
CA ILE D 70 18.01 -31.99 -11.92
C ILE D 70 18.03 -30.61 -12.58
N ILE D 71 16.99 -30.31 -13.35
CA ILE D 71 16.93 -29.11 -14.19
C ILE D 71 15.93 -28.13 -13.59
N PRO D 72 16.24 -26.84 -13.54
CA PRO D 72 15.31 -25.88 -12.92
C PRO D 72 14.08 -25.62 -13.77
N ILE D 73 12.99 -25.22 -13.10
CA ILE D 73 11.70 -24.83 -13.68
C ILE D 73 11.03 -26.03 -14.34
N PHE D 74 11.71 -26.67 -15.29
CA PHE D 74 11.14 -27.86 -15.93
C PHE D 74 11.07 -29.03 -14.94
N GLY D 75 12.04 -29.11 -14.04
CA GLY D 75 12.02 -30.12 -12.99
C GLY D 75 12.30 -31.53 -13.44
N THR D 76 12.99 -31.71 -14.55
CA THR D 76 13.28 -33.03 -15.09
C THR D 76 14.59 -33.55 -14.53
N THR D 77 14.66 -34.86 -14.30
CA THR D 77 15.79 -35.49 -13.66
C THR D 77 16.43 -36.49 -14.61
N LYS D 78 17.76 -36.56 -14.58
CA LYS D 78 18.51 -37.54 -15.36
C LYS D 78 19.38 -38.38 -14.44
N TYR D 79 19.47 -39.68 -14.75
CA TYR D 79 20.20 -40.63 -13.93
C TYR D 79 21.15 -41.44 -14.80
N ALA D 80 22.23 -41.93 -14.19
CA ALA D 80 23.16 -42.80 -14.88
C ALA D 80 22.56 -44.21 -15.00
N PRO D 81 22.91 -44.96 -16.05
CA PRO D 81 22.33 -46.29 -16.22
C PRO D 81 22.64 -47.26 -15.09
N LYS D 82 23.80 -47.14 -14.44
CA LYS D 82 24.13 -48.05 -13.35
C LYS D 82 23.38 -47.71 -12.06
N PHE D 83 23.13 -46.43 -11.80
CA PHE D 83 22.38 -46.02 -10.62
C PHE D 83 20.88 -45.96 -10.85
N GLN D 84 20.41 -46.25 -12.06
CA GLN D 84 18.98 -46.19 -12.34
C GLN D 84 18.23 -47.22 -11.51
N GLY D 85 17.10 -46.81 -10.95
CA GLY D 85 16.22 -47.67 -10.21
C GLY D 85 16.33 -47.57 -8.70
N ARG D 86 17.42 -46.99 -8.19
CA ARG D 86 17.62 -46.92 -6.74
C ARG D 86 18.14 -45.56 -6.28
N VAL D 87 18.11 -44.55 -7.14
CA VAL D 87 18.52 -43.19 -6.79
C VAL D 87 17.36 -42.26 -7.10
N THR D 88 17.02 -41.40 -6.15
CA THR D 88 15.96 -40.41 -6.34
C THR D 88 16.48 -39.03 -5.97
N ILE D 89 16.36 -38.09 -6.90
CA ILE D 89 16.80 -36.71 -6.69
C ILE D 89 15.56 -35.83 -6.66
N THR D 90 15.45 -35.01 -5.63
CA THR D 90 14.31 -34.10 -5.45
C THR D 90 14.84 -32.71 -5.14
N ALA D 91 13.97 -31.72 -5.31
CA ALA D 91 14.33 -30.33 -5.04
C ALA D 91 13.21 -29.64 -4.29
N ASP D 92 13.58 -28.81 -3.33
CA ASP D 92 12.64 -27.92 -2.63
C ASP D 92 13.13 -26.51 -2.87
N ASP D 93 12.36 -25.74 -3.64
CA ASP D 93 12.85 -24.51 -4.24
C ASP D 93 12.67 -23.28 -3.37
N PHE D 94 11.69 -23.28 -2.47
CA PHE D 94 11.48 -22.12 -1.62
C PHE D 94 12.47 -22.05 -0.46
N ALA D 95 13.23 -23.12 -0.23
CA ALA D 95 14.34 -23.09 0.70
C ALA D 95 15.70 -23.25 0.03
N GLY D 96 15.73 -23.54 -1.27
CA GLY D 96 16.98 -23.69 -1.97
C GLY D 96 17.73 -24.97 -1.72
N THR D 97 17.04 -26.08 -1.49
CA THR D 97 17.66 -27.33 -1.09
C THR D 97 17.45 -28.40 -2.15
N VAL D 98 18.44 -29.28 -2.32
CA VAL D 98 18.35 -30.41 -3.22
C VAL D 98 18.69 -31.67 -2.44
N TYR D 99 17.85 -32.69 -2.54
CA TYR D 99 18.01 -33.93 -1.81
C TYR D 99 18.33 -35.08 -2.76
N MET D 100 19.20 -35.97 -2.30
CA MET D 100 19.49 -37.22 -3.01
C MET D 100 19.28 -38.38 -2.05
N GLU D 101 18.50 -39.37 -2.49
CA GLU D 101 18.17 -40.55 -1.69
C GLU D 101 18.66 -41.79 -2.41
N LEU D 102 19.42 -42.62 -1.69
CA LEU D 102 19.98 -43.86 -2.21
C LEU D 102 19.52 -45.02 -1.35
N SER D 103 19.10 -46.10 -2.00
CA SER D 103 18.52 -47.26 -1.32
C SER D 103 19.30 -48.51 -1.65
N SER D 104 18.99 -49.59 -0.90
CA SER D 104 19.66 -50.88 -1.02
C SER D 104 21.17 -50.74 -0.88
N LEU D 105 21.57 -50.11 0.21
CA LEU D 105 22.97 -49.75 0.43
C LEU D 105 23.82 -51.01 0.55
N ARG D 106 24.68 -51.25 -0.44
CA ARG D 106 25.63 -52.35 -0.38
C ARG D 106 26.94 -51.86 0.23
N SER D 107 27.91 -52.77 0.33
CA SER D 107 29.17 -52.43 0.99
C SER D 107 30.00 -51.46 0.16
N GLU D 108 29.90 -51.53 -1.16
CA GLU D 108 30.72 -50.71 -2.05
C GLU D 108 30.27 -49.26 -2.11
N ASP D 109 29.14 -48.91 -1.51
CA ASP D 109 28.59 -47.57 -1.60
C ASP D 109 29.25 -46.57 -0.66
N THR D 110 30.30 -46.96 0.07
CA THR D 110 31.00 -46.05 0.95
C THR D 110 31.94 -45.19 0.12
N ALA D 111 31.78 -43.87 0.19
CA ALA D 111 32.52 -42.96 -0.68
C ALA D 111 32.28 -41.52 -0.23
N MET D 112 32.93 -40.59 -0.92
CA MET D 112 32.69 -39.17 -0.73
C MET D 112 31.71 -38.68 -1.78
N TYR D 113 30.81 -37.80 -1.36
CA TYR D 113 29.71 -37.32 -2.20
C TYR D 113 29.78 -35.80 -2.32
N TYR D 114 29.62 -35.30 -3.54
CA TYR D 114 29.64 -33.89 -3.87
C TYR D 114 28.36 -33.49 -4.60
N CYS D 115 27.91 -32.26 -4.35
CA CYS D 115 26.93 -31.60 -5.21
C CYS D 115 27.65 -30.53 -6.01
N ALA D 116 27.45 -30.53 -7.32
CA ALA D 116 28.14 -29.62 -8.22
C ALA D 116 27.14 -28.86 -9.07
N LYS D 117 27.47 -27.61 -9.38
CA LYS D 117 26.58 -26.77 -10.18
C LYS D 117 27.11 -26.63 -11.60
N HIS D 118 26.19 -26.45 -12.54
CA HIS D 118 26.52 -26.33 -13.96
C HIS D 118 26.54 -24.85 -14.36
N MET D 119 27.05 -24.61 -15.57
CA MET D 119 27.11 -23.24 -16.09
C MET D 119 25.74 -22.74 -16.52
N GLY D 120 24.89 -23.61 -17.04
CA GLY D 120 23.56 -23.21 -17.48
C GLY D 120 22.46 -24.07 -16.93
N TYR D 121 21.27 -24.01 -17.54
CA TYR D 121 20.12 -24.75 -17.05
C TYR D 121 20.11 -26.21 -17.50
N GLN D 122 21.06 -26.63 -18.32
CA GLN D 122 21.10 -27.97 -18.86
C GLN D 122 22.21 -28.78 -18.22
N VAL D 123 21.97 -30.08 -18.06
CA VAL D 123 22.96 -30.99 -17.51
C VAL D 123 23.95 -31.36 -18.60
N ARG D 124 25.21 -30.98 -18.41
CA ARG D 124 26.24 -31.17 -19.41
C ARG D 124 27.52 -31.62 -18.71
N GLU D 125 28.65 -31.54 -19.42
CA GLU D 125 29.90 -32.08 -18.91
C GLU D 125 30.68 -31.08 -18.05
N THR D 126 30.25 -29.82 -18.00
CA THR D 126 31.02 -28.74 -17.40
C THR D 126 30.39 -28.35 -16.07
N MET D 127 31.13 -28.59 -14.98
CA MET D 127 30.72 -28.19 -13.64
C MET D 127 31.78 -27.23 -13.10
N ASP D 128 31.37 -26.00 -12.78
CA ASP D 128 32.32 -24.96 -12.43
C ASP D 128 32.45 -24.73 -10.93
N VAL D 129 31.41 -25.05 -10.14
CA VAL D 129 31.45 -24.89 -8.70
C VAL D 129 31.14 -26.22 -8.05
N TRP D 130 31.97 -26.62 -7.08
CA TRP D 130 31.85 -27.87 -6.36
C TRP D 130 31.70 -27.60 -4.88
N GLY D 131 31.15 -28.58 -4.17
CA GLY D 131 31.07 -28.53 -2.72
C GLY D 131 32.35 -29.04 -2.08
N LYS D 132 32.24 -29.32 -0.78
CA LYS D 132 33.37 -29.82 -0.03
C LYS D 132 33.40 -31.34 0.08
N GLY D 133 32.27 -32.01 -0.11
CA GLY D 133 32.22 -33.47 -0.06
C GLY D 133 31.94 -34.00 1.33
N THR D 134 31.07 -35.01 1.43
CA THR D 134 30.78 -35.64 2.71
C THR D 134 30.85 -37.16 2.56
N THR D 135 31.21 -37.83 3.64
CA THR D 135 31.53 -39.25 3.61
C THR D 135 30.34 -40.09 4.03
N VAL D 136 30.11 -41.18 3.29
CA VAL D 136 29.10 -42.17 3.64
C VAL D 136 29.80 -43.51 3.76
N THR D 137 29.66 -44.14 4.92
CA THR D 137 30.26 -45.45 5.21
C THR D 137 29.17 -46.47 5.39
N VAL D 138 29.35 -47.65 4.80
CA VAL D 138 28.37 -48.74 4.88
C VAL D 138 29.12 -49.94 5.44
N SER D 139 29.03 -50.12 6.76
CA SER D 139 29.70 -51.25 7.41
C SER D 139 28.69 -52.21 8.02
N VAL E 21 4.04 29.61 -16.96
CA VAL E 21 5.32 29.55 -16.28
C VAL E 21 5.77 30.97 -15.93
N GLN E 22 6.16 31.17 -14.67
CA GLN E 22 6.66 32.45 -14.20
C GLN E 22 8.04 32.26 -13.60
N LEU E 23 8.94 33.20 -13.88
CA LEU E 23 10.32 33.16 -13.42
C LEU E 23 10.56 34.31 -12.45
N VAL E 24 11.13 34.01 -11.29
CA VAL E 24 11.36 35.00 -10.24
C VAL E 24 12.83 34.95 -9.83
N GLU E 25 13.46 36.12 -9.77
CA GLU E 25 14.87 36.23 -9.44
C GLU E 25 15.06 36.79 -8.03
N SER E 26 16.27 36.60 -7.51
CA SER E 26 16.62 37.07 -6.18
C SER E 26 16.84 38.59 -6.19
N GLY E 27 16.95 39.16 -4.99
CA GLY E 27 16.96 40.61 -4.84
C GLY E 27 18.20 41.27 -5.44
N ALA E 28 18.14 42.59 -5.49
CA ALA E 28 19.21 43.40 -6.08
C ALA E 28 20.45 43.38 -5.18
N GLU E 29 21.61 43.63 -5.80
CA GLU E 29 22.88 43.54 -5.10
C GLU E 29 23.72 44.79 -5.32
N VAL E 30 24.44 45.18 -4.26
CA VAL E 30 25.45 46.24 -4.32
C VAL E 30 26.74 45.62 -3.78
N LYS E 31 27.76 45.53 -4.63
CA LYS E 31 29.00 44.85 -4.27
C LYS E 31 30.20 45.70 -4.66
N LYS E 32 31.31 45.48 -3.94
CA LYS E 32 32.56 46.17 -4.20
C LYS E 32 33.33 45.51 -5.34
N PRO E 33 34.17 46.27 -6.05
CA PRO E 33 34.96 45.68 -7.14
C PRO E 33 35.87 44.57 -6.63
N GLY E 34 36.05 43.55 -7.46
CA GLY E 34 36.91 42.44 -7.16
C GLY E 34 36.25 41.28 -6.43
N SER E 35 35.00 41.42 -6.03
CA SER E 35 34.29 40.36 -5.32
C SER E 35 33.53 39.48 -6.31
N SER E 36 32.69 38.60 -5.79
CA SER E 36 31.87 37.71 -6.61
C SER E 36 30.43 37.77 -6.14
N VAL E 37 29.50 37.64 -7.09
CA VAL E 37 28.07 37.74 -6.80
C VAL E 37 27.37 36.54 -7.42
N LYS E 38 26.41 35.96 -6.68
CA LYS E 38 25.65 34.82 -7.14
C LYS E 38 24.16 35.15 -7.07
N VAL E 39 23.46 34.98 -8.18
CA VAL E 39 22.02 35.22 -8.25
C VAL E 39 21.32 33.90 -8.58
N SER E 40 20.01 33.86 -8.33
CA SER E 40 19.22 32.66 -8.53
C SER E 40 17.93 33.00 -9.23
N CYS E 41 17.40 32.02 -9.96
CA CYS E 41 16.13 32.11 -10.65
C CYS E 41 15.30 30.88 -10.28
N LYS E 42 14.02 31.11 -10.01
CA LYS E 42 13.09 30.08 -9.57
C LYS E 42 11.90 30.06 -10.51
N ALA E 43 11.52 28.87 -10.98
CA ALA E 43 10.44 28.70 -11.95
C ALA E 43 9.28 27.96 -11.31
N SER E 44 8.06 28.36 -11.68
CA SER E 44 6.86 27.70 -11.19
C SER E 44 6.62 26.39 -11.95
N GLY E 45 5.69 25.61 -11.42
CA GLY E 45 5.39 24.31 -11.98
C GLY E 45 6.20 23.21 -11.30
N GLY E 46 6.25 22.07 -11.97
CA GLY E 46 6.97 20.92 -11.46
C GLY E 46 8.44 21.21 -11.35
N PRO E 47 9.11 20.60 -10.36
CA PRO E 47 10.54 20.88 -10.16
C PRO E 47 11.41 20.57 -11.36
N PHE E 48 11.09 19.52 -12.12
CA PHE E 48 11.88 19.11 -13.26
C PHE E 48 11.30 19.71 -14.53
N ARG E 49 12.16 20.37 -15.31
CA ARG E 49 11.77 21.13 -16.48
C ARG E 49 12.18 20.38 -17.75
N SER E 50 11.50 20.67 -18.86
CA SER E 50 11.85 20.11 -20.15
C SER E 50 12.35 21.16 -21.14
N TYR E 51 12.85 22.29 -20.64
CA TYR E 51 13.35 23.37 -21.47
C TYR E 51 14.66 23.87 -20.90
N ALA E 52 15.48 24.47 -21.76
CA ALA E 52 16.74 25.07 -21.35
C ALA E 52 16.52 26.46 -20.76
N ILE E 53 17.50 26.93 -19.99
CA ILE E 53 17.39 28.23 -19.33
C ILE E 53 18.66 29.02 -19.57
N SER E 54 18.51 30.30 -19.92
CA SER E 54 19.63 31.18 -20.24
C SER E 54 19.63 32.40 -19.33
N TRP E 55 20.79 33.03 -19.22
CA TRP E 55 20.97 34.26 -18.47
C TRP E 55 21.38 35.38 -19.41
N VAL E 56 20.70 36.52 -19.31
CA VAL E 56 20.92 37.67 -20.17
C VAL E 56 21.15 38.88 -19.29
N ARG E 57 21.93 39.85 -19.79
CA ARG E 57 22.17 41.08 -19.06
C ARG E 57 22.07 42.28 -19.99
N GLN E 58 21.71 43.42 -19.41
CA GLN E 58 21.54 44.67 -20.14
C GLN E 58 22.12 45.80 -19.32
N ALA E 59 23.13 46.49 -19.85
CA ALA E 59 23.65 47.69 -19.24
C ALA E 59 22.83 48.89 -19.67
N PRO E 60 22.79 49.94 -18.85
CA PRO E 60 22.04 51.14 -19.23
C PRO E 60 22.51 51.71 -20.55
N GLY E 61 21.55 52.10 -21.39
CA GLY E 61 21.86 52.61 -22.71
C GLY E 61 22.52 51.61 -23.63
N GLN E 62 22.02 50.37 -23.65
CA GLN E 62 22.58 49.33 -24.50
C GLN E 62 21.53 48.25 -24.71
N GLY E 63 21.79 47.37 -25.68
CA GLY E 63 20.91 46.28 -25.98
C GLY E 63 21.18 45.06 -25.12
N PRO E 64 20.34 44.03 -25.26
CA PRO E 64 20.52 42.82 -24.45
C PRO E 64 21.79 42.08 -24.86
N GLU E 65 22.19 41.13 -24.01
CA GLU E 65 23.46 40.44 -24.20
C GLU E 65 23.40 39.06 -23.55
N TRP E 66 23.63 38.02 -24.36
CA TRP E 66 23.55 36.66 -23.88
C TRP E 66 24.83 36.27 -23.16
N MET E 67 24.68 35.62 -22.00
CA MET E 67 25.80 35.18 -21.19
C MET E 67 26.03 33.68 -21.26
N GLY E 68 25.01 32.88 -21.00
CA GLY E 68 25.18 31.44 -20.99
C GLY E 68 23.85 30.76 -20.77
N GLY E 69 23.88 29.43 -20.89
CA GLY E 69 22.67 28.63 -20.77
C GLY E 69 22.97 27.23 -20.29
N ILE E 70 21.92 26.58 -19.80
CA ILE E 70 22.00 25.23 -19.25
C ILE E 70 20.85 24.38 -19.79
N ILE E 71 21.14 23.11 -20.04
CA ILE E 71 20.28 22.19 -20.77
C ILE E 71 19.78 21.13 -19.80
N PRO E 72 18.49 20.75 -19.82
CA PRO E 72 17.98 19.78 -18.87
C PRO E 72 18.47 18.35 -19.14
N ILE E 73 18.51 17.55 -18.07
CA ILE E 73 18.83 16.12 -18.09
C ILE E 73 20.29 15.88 -18.48
N PHE E 74 20.70 16.38 -19.64
CA PHE E 74 22.09 16.23 -20.05
C PHE E 74 23.01 17.06 -19.16
N GLY E 75 22.55 18.23 -18.72
CA GLY E 75 23.29 19.04 -17.79
C GLY E 75 24.43 19.84 -18.37
N THR E 76 24.51 19.96 -19.69
CA THR E 76 25.60 20.66 -20.34
C THR E 76 25.37 22.17 -20.33
N THR E 77 26.45 22.93 -20.22
CA THR E 77 26.40 24.38 -20.08
C THR E 77 27.15 25.02 -21.24
N LYS E 78 26.62 26.14 -21.74
CA LYS E 78 27.28 26.90 -22.78
C LYS E 78 27.50 28.34 -22.30
N TYR E 79 28.63 28.91 -22.71
CA TYR E 79 29.02 30.25 -22.29
C TYR E 79 29.45 31.07 -23.49
N ALA E 80 29.32 32.39 -23.37
CA ALA E 80 29.79 33.29 -24.41
C ALA E 80 31.31 33.44 -24.34
N PRO E 81 31.98 33.69 -25.47
CA PRO E 81 33.45 33.80 -25.43
C PRO E 81 33.97 34.91 -24.54
N LYS E 82 33.23 36.01 -24.38
CA LYS E 82 33.69 37.09 -23.51
C LYS E 82 33.56 36.74 -22.04
N PHE E 83 32.45 36.13 -21.63
CA PHE E 83 32.23 35.75 -20.25
C PHE E 83 32.85 34.42 -19.88
N GLN E 84 33.50 33.75 -20.82
CA GLN E 84 34.12 32.46 -20.54
C GLN E 84 35.26 32.63 -19.54
N GLY E 85 35.31 31.73 -18.56
CA GLY E 85 36.36 31.72 -17.57
C GLY E 85 36.01 32.32 -16.23
N ARG E 86 34.94 33.12 -16.15
CA ARG E 86 34.57 33.77 -14.90
C ARG E 86 33.07 33.73 -14.63
N VAL E 87 32.32 32.91 -15.37
CA VAL E 87 30.89 32.72 -15.15
C VAL E 87 30.63 31.24 -14.94
N THR E 88 29.88 30.91 -13.89
CA THR E 88 29.51 29.52 -13.61
C THR E 88 28.01 29.43 -13.43
N ILE E 89 27.38 28.54 -14.20
CA ILE E 89 25.94 28.32 -14.13
C ILE E 89 25.69 26.92 -13.59
N THR E 90 24.86 26.82 -12.55
CA THR E 90 24.54 25.55 -11.92
C THR E 90 23.02 25.43 -11.78
N ALA E 91 22.55 24.21 -11.56
CA ALA E 91 21.13 23.94 -11.39
C ALA E 91 20.91 23.00 -10.23
N ASP E 92 19.86 23.26 -9.46
CA ASP E 92 19.39 22.35 -8.41
C ASP E 92 17.96 21.98 -8.81
N ASP E 93 17.77 20.71 -9.18
CA ASP E 93 16.56 20.30 -9.88
C ASP E 93 15.42 19.89 -8.96
N PHE E 94 15.71 19.43 -7.75
CA PHE E 94 14.63 19.03 -6.86
C PHE E 94 13.96 20.22 -6.18
N ALA E 95 14.53 21.42 -6.31
CA ALA E 95 13.87 22.65 -5.90
C ALA E 95 13.51 23.56 -7.05
N GLY E 96 13.95 23.25 -8.27
CA GLY E 96 13.62 24.06 -9.42
C GLY E 96 14.37 25.36 -9.53
N THR E 97 15.63 25.41 -9.08
CA THR E 97 16.37 26.65 -9.02
C THR E 97 17.59 26.60 -9.93
N VAL E 98 17.95 27.75 -10.51
CA VAL E 98 19.13 27.87 -11.35
C VAL E 98 19.96 29.03 -10.81
N TYR E 99 21.26 28.79 -10.61
CA TYR E 99 22.16 29.78 -10.04
C TYR E 99 23.18 30.23 -11.08
N MET E 100 23.52 31.51 -11.04
CA MET E 100 24.60 32.06 -11.84
C MET E 100 25.57 32.80 -10.94
N GLU E 101 26.85 32.48 -11.04
CA GLU E 101 27.91 33.07 -10.23
C GLU E 101 28.90 33.79 -11.12
N LEU E 102 29.16 35.06 -10.81
CA LEU E 102 30.09 35.90 -11.56
C LEU E 102 31.18 36.39 -10.62
N SER E 103 32.42 36.34 -11.09
CA SER E 103 33.59 36.65 -10.28
C SER E 103 34.41 37.76 -10.94
N SER E 104 35.36 38.29 -10.15
CA SER E 104 36.23 39.39 -10.58
C SER E 104 35.41 40.59 -11.05
N LEU E 105 34.50 41.03 -10.18
CA LEU E 105 33.53 42.06 -10.53
C LEU E 105 34.25 43.38 -10.81
N ARG E 106 34.24 43.81 -12.06
CA ARG E 106 34.77 45.11 -12.43
C ARG E 106 33.65 46.16 -12.39
N SER E 107 34.00 47.40 -12.69
CA SER E 107 33.02 48.49 -12.58
C SER E 107 31.95 48.42 -13.65
N GLU E 108 32.27 47.82 -14.80
CA GLU E 108 31.33 47.77 -15.91
C GLU E 108 30.26 46.69 -15.76
N ASP E 109 30.34 45.86 -14.73
CA ASP E 109 29.42 44.75 -14.55
C ASP E 109 28.10 45.15 -13.91
N THR E 110 27.87 46.44 -13.67
CA THR E 110 26.62 46.91 -13.12
C THR E 110 25.57 46.95 -14.22
N ALA E 111 24.46 46.23 -14.03
CA ALA E 111 23.48 46.07 -15.09
C ALA E 111 22.25 45.36 -14.53
N MET E 112 21.25 45.20 -15.41
CA MET E 112 20.08 44.40 -15.08
C MET E 112 20.24 42.98 -15.64
N TYR E 113 19.83 41.99 -14.85
CA TYR E 113 20.02 40.59 -15.18
C TYR E 113 18.67 39.89 -15.26
N TYR E 114 18.47 39.10 -16.32
CA TYR E 114 17.26 38.33 -16.55
C TYR E 114 17.60 36.86 -16.70
N CYS E 115 16.67 36.01 -16.26
CA CYS E 115 16.66 34.60 -16.61
C CYS E 115 15.53 34.38 -17.60
N ALA E 116 15.83 33.72 -18.72
CA ALA E 116 14.87 33.51 -19.79
C ALA E 116 14.77 32.04 -20.13
N LYS E 117 13.58 31.60 -20.53
CA LYS E 117 13.36 30.20 -20.88
C LYS E 117 13.23 30.04 -22.39
N HIS E 118 13.64 28.88 -22.89
CA HIS E 118 13.59 28.56 -24.30
C HIS E 118 12.36 27.72 -24.63
N MET E 119 12.09 27.60 -25.92
CA MET E 119 10.95 26.81 -26.37
C MET E 119 11.19 25.30 -26.18
N GLY E 120 12.42 24.84 -26.37
CA GLY E 120 12.73 23.44 -26.23
C GLY E 120 13.90 23.17 -25.32
N TYR E 121 14.47 21.96 -25.40
CA TYR E 121 15.56 21.56 -24.53
C TYR E 121 16.91 22.08 -24.97
N GLN E 122 17.00 22.72 -26.14
CA GLN E 122 18.26 23.19 -26.69
C GLN E 122 18.36 24.70 -26.56
N VAL E 123 19.59 25.17 -26.37
CA VAL E 123 19.87 26.60 -26.28
C VAL E 123 19.91 27.17 -27.70
N ARG E 124 18.99 28.06 -28.00
CA ARG E 124 18.85 28.62 -29.34
C ARG E 124 18.57 30.12 -29.21
N GLU E 125 18.14 30.74 -30.29
CA GLU E 125 17.96 32.18 -30.33
C GLU E 125 16.55 32.63 -29.96
N THR E 126 15.64 31.71 -29.64
CA THR E 126 14.25 32.03 -29.35
C THR E 126 13.98 31.83 -27.86
N MET E 127 13.70 32.94 -27.17
CA MET E 127 13.31 32.91 -25.76
C MET E 127 11.92 33.51 -25.64
N ASP E 128 10.97 32.74 -25.14
CA ASP E 128 9.57 33.15 -25.15
C ASP E 128 9.08 33.69 -23.82
N VAL E 129 9.68 33.30 -22.70
CA VAL E 129 9.30 33.77 -21.38
C VAL E 129 10.51 34.39 -20.70
N TRP E 130 10.34 35.59 -20.18
CA TRP E 130 11.38 36.35 -19.50
C TRP E 130 10.97 36.65 -18.07
N GLY E 131 11.95 36.89 -17.23
CA GLY E 131 11.70 37.33 -15.87
C GLY E 131 11.52 38.84 -15.80
N LYS E 132 11.55 39.34 -14.57
CA LYS E 132 11.42 40.78 -14.34
C LYS E 132 12.75 41.50 -14.30
N GLY E 133 13.85 40.80 -14.04
CA GLY E 133 15.17 41.40 -14.04
C GLY E 133 15.53 42.00 -12.70
N THR E 134 16.79 41.89 -12.29
CA THR E 134 17.27 42.44 -11.03
C THR E 134 18.59 43.16 -11.26
N THR E 135 18.85 44.16 -10.42
CA THR E 135 19.96 45.08 -10.62
C THR E 135 21.18 44.68 -9.80
N VAL E 136 22.34 44.76 -10.43
CA VAL E 136 23.62 44.55 -9.76
C VAL E 136 24.47 45.79 -9.95
N THR E 137 24.93 46.37 -8.85
CA THR E 137 25.75 47.58 -8.87
C THR E 137 27.13 47.26 -8.31
N VAL E 138 28.16 47.79 -8.97
CA VAL E 138 29.55 47.57 -8.56
C VAL E 138 30.17 48.94 -8.37
N SER E 139 30.18 49.44 -7.14
CA SER E 139 30.76 50.74 -6.84
C SER E 139 31.96 50.61 -5.92
N VAL F 21 -25.21 -16.95 -16.08
CA VAL F 21 -25.84 -15.64 -15.97
C VAL F 21 -27.34 -15.82 -15.78
N GLN F 22 -27.89 -15.14 -14.77
CA GLN F 22 -29.32 -15.16 -14.49
C GLN F 22 -29.86 -13.74 -14.50
N LEU F 23 -31.05 -13.57 -15.07
CA LEU F 23 -31.69 -12.27 -15.21
C LEU F 23 -32.96 -12.26 -14.38
N VAL F 24 -33.14 -11.23 -13.55
CA VAL F 24 -34.27 -11.13 -12.65
C VAL F 24 -34.96 -9.79 -12.86
N GLU F 25 -36.29 -9.81 -12.99
CA GLU F 25 -37.08 -8.62 -13.26
C GLU F 25 -37.88 -8.20 -12.03
N SER F 26 -38.30 -6.93 -12.03
CA SER F 26 -39.09 -6.39 -10.94
C SER F 26 -40.52 -6.92 -10.99
N GLY F 27 -41.26 -6.69 -9.92
CA GLY F 27 -42.56 -7.32 -9.74
C GLY F 27 -43.60 -6.83 -10.74
N ALA F 28 -44.74 -7.53 -10.72
CA ALA F 28 -45.83 -7.26 -11.65
C ALA F 28 -46.50 -5.93 -11.32
N GLU F 29 -47.15 -5.35 -12.33
CA GLU F 29 -47.75 -4.03 -12.21
C GLU F 29 -49.19 -4.03 -12.70
N VAL F 30 -50.03 -3.25 -12.00
CA VAL F 30 -51.39 -2.96 -12.43
C VAL F 30 -51.52 -1.44 -12.46
N LYS F 31 -51.75 -0.88 -13.64
CA LYS F 31 -51.76 0.57 -13.82
C LYS F 31 -52.98 0.99 -14.62
N LYS F 32 -53.39 2.24 -14.43
CA LYS F 32 -54.52 2.82 -15.14
C LYS F 32 -54.09 3.33 -16.51
N PRO F 33 -55.03 3.38 -17.47
CA PRO F 33 -54.68 3.90 -18.80
C PRO F 33 -54.19 5.34 -18.74
N GLY F 34 -53.24 5.65 -19.61
CA GLY F 34 -52.69 6.99 -19.71
C GLY F 34 -51.49 7.26 -18.83
N SER F 35 -51.12 6.33 -17.96
CA SER F 35 -49.99 6.54 -17.07
C SER F 35 -48.72 5.97 -17.71
N SER F 36 -47.63 5.92 -16.93
CA SER F 36 -46.35 5.39 -17.38
C SER F 36 -45.85 4.36 -16.37
N VAL F 37 -45.18 3.34 -16.87
CA VAL F 37 -44.67 2.25 -16.04
C VAL F 37 -43.21 2.01 -16.37
N LYS F 38 -42.40 1.79 -15.34
CA LYS F 38 -40.97 1.54 -15.49
C LYS F 38 -40.62 0.21 -14.84
N VAL F 39 -39.99 -0.67 -15.60
CA VAL F 39 -39.56 -1.97 -15.11
C VAL F 39 -38.03 -2.03 -15.16
N SER F 40 -37.46 -2.97 -14.40
CA SER F 40 -36.02 -3.10 -14.31
C SER F 40 -35.62 -4.56 -14.42
N CYS F 41 -34.39 -4.78 -14.89
CA CYS F 41 -33.78 -6.09 -15.02
C CYS F 41 -32.40 -6.05 -14.40
N LYS F 42 -32.08 -7.07 -13.62
CA LYS F 42 -30.82 -7.17 -12.89
C LYS F 42 -30.13 -8.47 -13.29
N ALA F 43 -28.84 -8.39 -13.60
CA ALA F 43 -28.06 -9.51 -14.06
C ALA F 43 -26.99 -9.88 -13.06
N SER F 44 -26.73 -11.18 -12.91
CA SER F 44 -25.70 -11.65 -12.00
C SER F 44 -24.32 -11.51 -12.64
N GLY F 45 -23.29 -11.69 -11.81
CA GLY F 45 -21.93 -11.51 -12.27
C GLY F 45 -21.42 -10.11 -12.00
N GLY F 46 -20.33 -9.78 -12.67
CA GLY F 46 -19.73 -8.47 -12.54
C GLY F 46 -20.65 -7.37 -13.00
N PRO F 47 -20.56 -6.19 -12.37
CA PRO F 47 -21.48 -5.10 -12.74
C PRO F 47 -21.38 -4.69 -14.20
N PHE F 48 -20.19 -4.73 -14.79
CA PHE F 48 -20.00 -4.32 -16.18
C PHE F 48 -20.07 -5.54 -17.09
N ARG F 49 -20.87 -5.45 -18.15
CA ARG F 49 -21.19 -6.56 -19.02
C ARG F 49 -20.59 -6.33 -20.41
N SER F 50 -20.29 -7.41 -21.11
CA SER F 50 -19.76 -7.34 -22.47
C SER F 50 -20.75 -7.83 -23.52
N TYR F 51 -22.05 -7.81 -23.20
CA TYR F 51 -23.08 -8.24 -24.12
C TYR F 51 -24.22 -7.23 -24.10
N ALA F 52 -25.04 -7.24 -25.15
CA ALA F 52 -26.18 -6.36 -25.25
C ALA F 52 -27.41 -6.99 -24.59
N ILE F 53 -28.37 -6.13 -24.25
CA ILE F 53 -29.60 -6.55 -23.57
C ILE F 53 -30.79 -5.93 -24.30
N SER F 54 -31.82 -6.75 -24.53
CA SER F 54 -33.03 -6.35 -25.23
C SER F 54 -34.26 -6.62 -24.37
N TRP F 55 -35.35 -5.94 -24.72
CA TRP F 55 -36.64 -6.10 -24.05
C TRP F 55 -37.65 -6.65 -25.04
N VAL F 56 -38.36 -7.70 -24.63
CA VAL F 56 -39.34 -8.38 -25.47
C VAL F 56 -40.65 -8.45 -24.70
N ARG F 57 -41.76 -8.46 -25.43
CA ARG F 57 -43.07 -8.60 -24.81
C ARG F 57 -43.93 -9.59 -25.58
N GLN F 58 -44.86 -10.20 -24.86
CA GLN F 58 -45.78 -11.19 -25.42
C GLN F 58 -47.17 -10.95 -24.86
N ALA F 59 -48.12 -10.68 -25.73
CA ALA F 59 -49.51 -10.59 -25.31
C ALA F 59 -50.15 -11.99 -25.33
N PRO F 60 -51.18 -12.20 -24.53
CA PRO F 60 -51.86 -13.50 -24.54
C PRO F 60 -52.35 -13.87 -25.94
N GLY F 61 -52.11 -15.12 -26.32
CA GLY F 61 -52.48 -15.60 -27.64
C GLY F 61 -51.74 -14.94 -28.79
N GLN F 62 -50.43 -14.74 -28.64
CA GLN F 62 -49.62 -14.10 -29.67
C GLN F 62 -48.17 -14.52 -29.48
N GLY F 63 -47.36 -14.25 -30.50
CA GLY F 63 -45.95 -14.56 -30.47
C GLY F 63 -45.13 -13.46 -29.81
N PRO F 64 -43.83 -13.71 -29.64
CA PRO F 64 -42.96 -12.70 -29.02
C PRO F 64 -42.82 -11.48 -29.90
N GLU F 65 -42.27 -10.41 -29.32
CA GLU F 65 -42.21 -9.15 -30.03
C GLU F 65 -41.08 -8.29 -29.47
N TRP F 66 -40.14 -7.90 -30.33
CA TRP F 66 -38.98 -7.14 -29.92
C TRP F 66 -39.32 -5.67 -29.78
N MET F 67 -38.84 -5.05 -28.70
CA MET F 67 -39.08 -3.64 -28.42
C MET F 67 -37.84 -2.78 -28.63
N GLY F 68 -36.71 -3.15 -28.03
CA GLY F 68 -35.51 -2.35 -28.19
C GLY F 68 -34.40 -2.92 -27.34
N GLY F 69 -33.19 -2.45 -27.63
CA GLY F 69 -32.00 -2.95 -26.98
C GLY F 69 -30.96 -1.85 -26.74
N ILE F 70 -29.99 -2.17 -25.89
CA ILE F 70 -28.94 -1.23 -25.51
C ILE F 70 -27.58 -1.92 -25.61
N ILE F 71 -26.57 -1.17 -26.03
CA ILE F 71 -25.25 -1.70 -26.36
C ILE F 71 -24.26 -1.25 -25.29
N PRO F 72 -23.38 -2.14 -24.81
CA PRO F 72 -22.45 -1.75 -23.75
C PRO F 72 -21.35 -0.82 -24.23
N ILE F 73 -20.82 -0.02 -23.29
CA ILE F 73 -19.71 0.90 -23.49
C ILE F 73 -20.08 2.03 -24.44
N PHE F 74 -20.52 1.70 -25.65
CA PHE F 74 -20.96 2.73 -26.58
C PHE F 74 -22.24 3.39 -26.09
N GLY F 75 -23.13 2.63 -25.48
CA GLY F 75 -24.33 3.16 -24.89
C GLY F 75 -25.44 3.52 -25.85
N THR F 76 -25.39 3.02 -27.08
CA THR F 76 -26.39 3.35 -28.08
C THR F 76 -27.61 2.45 -27.93
N THR F 77 -28.79 3.00 -28.23
CA THR F 77 -30.05 2.31 -28.04
C THR F 77 -30.77 2.19 -29.37
N LYS F 78 -31.43 1.05 -29.58
CA LYS F 78 -32.24 0.83 -30.77
C LYS F 78 -33.67 0.49 -30.37
N TYR F 79 -34.62 1.00 -31.15
CA TYR F 79 -36.04 0.83 -30.87
C TYR F 79 -36.76 0.34 -32.11
N ALA F 80 -37.89 -0.32 -31.91
CA ALA F 80 -38.73 -0.75 -33.01
C ALA F 80 -39.54 0.42 -33.55
N PRO F 81 -39.88 0.42 -34.85
CA PRO F 81 -40.62 1.56 -35.41
C PRO F 81 -41.99 1.79 -34.77
N LYS F 82 -42.67 0.75 -34.30
CA LYS F 82 -43.96 0.93 -33.67
C LYS F 82 -43.85 1.52 -32.26
N PHE F 83 -42.87 1.08 -31.48
CA PHE F 83 -42.68 1.58 -30.13
C PHE F 83 -41.83 2.85 -30.08
N GLN F 84 -41.35 3.33 -31.22
CA GLN F 84 -40.54 4.54 -31.24
C GLN F 84 -41.37 5.73 -30.77
N GLY F 85 -40.79 6.53 -29.88
CA GLY F 85 -41.40 7.74 -29.38
C GLY F 85 -41.97 7.65 -27.99
N ARG F 86 -42.21 6.44 -27.47
CA ARG F 86 -42.78 6.28 -26.14
C ARG F 86 -42.05 5.29 -25.26
N VAL F 87 -40.96 4.69 -25.73
CA VAL F 87 -40.16 3.74 -24.95
C VAL F 87 -38.79 4.34 -24.73
N THR F 88 -38.32 4.31 -23.49
CA THR F 88 -36.98 4.77 -23.14
C THR F 88 -36.25 3.67 -22.38
N ILE F 89 -35.07 3.30 -22.87
CA ILE F 89 -34.25 2.27 -22.24
C ILE F 89 -32.99 2.94 -21.70
N THR F 90 -32.69 2.68 -20.42
CA THR F 90 -31.53 3.26 -19.76
C THR F 90 -30.77 2.16 -19.03
N ALA F 91 -29.52 2.45 -18.70
CA ALA F 91 -28.69 1.49 -17.98
C ALA F 91 -27.94 2.19 -16.86
N ASP F 92 -27.83 1.51 -15.72
CA ASP F 92 -26.98 1.93 -14.60
C ASP F 92 -25.95 0.81 -14.42
N ASP F 93 -24.70 1.12 -14.73
CA ASP F 93 -23.69 0.09 -14.91
C ASP F 93 -22.97 -0.31 -13.63
N PHE F 94 -22.89 0.59 -12.65
CA PHE F 94 -22.21 0.24 -11.41
C PHE F 94 -23.07 -0.60 -10.48
N ALA F 95 -24.36 -0.74 -10.78
CA ALA F 95 -25.22 -1.70 -10.10
C ALA F 95 -25.66 -2.85 -10.98
N GLY F 96 -25.38 -2.79 -12.28
CA GLY F 96 -25.76 -3.86 -13.18
C GLY F 96 -27.23 -3.92 -13.52
N THR F 97 -27.90 -2.77 -13.63
CA THR F 97 -29.34 -2.74 -13.83
C THR F 97 -29.69 -2.06 -15.14
N VAL F 98 -30.76 -2.54 -15.78
CA VAL F 98 -31.28 -1.95 -17.02
C VAL F 98 -32.75 -1.63 -16.81
N TYR F 99 -33.14 -0.41 -17.15
CA TYR F 99 -34.51 0.06 -16.96
C TYR F 99 -35.20 0.30 -18.30
N MET F 100 -36.49 -0.03 -18.34
CA MET F 100 -37.33 0.27 -19.50
C MET F 100 -38.56 1.04 -19.02
N GLU F 101 -38.82 2.18 -19.64
CA GLU F 101 -39.94 3.04 -19.28
C GLU F 101 -40.87 3.18 -20.48
N LEU F 102 -42.15 2.91 -20.25
CA LEU F 102 -43.18 2.98 -21.28
C LEU F 102 -44.26 3.97 -20.84
N SER F 103 -44.69 4.83 -21.76
CA SER F 103 -45.62 5.91 -21.46
C SER F 103 -46.86 5.80 -22.35
N SER F 104 -47.87 6.61 -22.00
CA SER F 104 -49.16 6.63 -22.70
C SER F 104 -49.77 5.23 -22.76
N LEU F 105 -49.90 4.62 -21.58
CA LEU F 105 -50.34 3.24 -21.48
C LEU F 105 -51.76 3.09 -21.98
N ARG F 106 -51.94 2.41 -23.11
CA ARG F 106 -53.25 2.09 -23.62
C ARG F 106 -53.69 0.73 -23.09
N SER F 107 -54.91 0.30 -23.48
CA SER F 107 -55.46 -0.92 -22.94
C SER F 107 -54.75 -2.16 -23.49
N GLU F 108 -54.15 -2.06 -24.67
CA GLU F 108 -53.53 -3.20 -25.31
C GLU F 108 -52.13 -3.50 -24.80
N ASP F 109 -51.59 -2.66 -23.92
CA ASP F 109 -50.23 -2.82 -23.43
C ASP F 109 -50.09 -3.84 -22.31
N THR F 110 -51.17 -4.52 -21.92
CA THR F 110 -51.10 -5.55 -20.90
C THR F 110 -50.50 -6.81 -21.51
N ALA F 111 -49.40 -7.29 -20.94
CA ALA F 111 -48.66 -8.40 -21.53
C ALA F 111 -47.58 -8.85 -20.55
N MET F 112 -46.84 -9.88 -20.96
CA MET F 112 -45.69 -10.36 -20.22
C MET F 112 -44.41 -9.80 -20.84
N TYR F 113 -43.50 -9.35 -19.99
CA TYR F 113 -42.29 -8.65 -20.42
C TYR F 113 -41.06 -9.43 -19.97
N TYR F 114 -40.12 -9.60 -20.90
CA TYR F 114 -38.86 -10.29 -20.67
C TYR F 114 -37.69 -9.38 -20.99
N CYS F 115 -36.59 -9.56 -20.25
CA CYS F 115 -35.29 -9.02 -20.63
C CYS F 115 -34.42 -10.19 -21.07
N ALA F 116 -33.81 -10.06 -22.25
CA ALA F 116 -33.03 -11.13 -22.85
C ALA F 116 -31.64 -10.64 -23.20
N LYS F 117 -30.64 -11.52 -23.06
CA LYS F 117 -29.27 -11.17 -23.35
C LYS F 117 -28.84 -11.74 -24.69
N HIS F 118 -27.91 -11.05 -25.34
CA HIS F 118 -27.39 -11.46 -26.64
C HIS F 118 -26.05 -12.17 -26.48
N MET F 119 -25.61 -12.80 -27.57
CA MET F 119 -24.33 -13.51 -27.56
C MET F 119 -23.16 -12.56 -27.55
N GLY F 120 -23.27 -11.42 -28.23
CA GLY F 120 -22.18 -10.46 -28.27
C GLY F 120 -22.60 -9.05 -27.90
N TYR F 121 -21.78 -8.06 -28.26
CA TYR F 121 -22.05 -6.67 -27.90
C TYR F 121 -23.04 -6.00 -28.84
N GLN F 122 -23.47 -6.66 -29.91
CA GLN F 122 -24.35 -6.07 -30.89
C GLN F 122 -25.76 -6.65 -30.77
N VAL F 123 -26.75 -5.81 -31.05
CA VAL F 123 -28.13 -6.24 -31.04
C VAL F 123 -28.42 -6.99 -32.33
N ARG F 124 -28.76 -8.27 -32.21
CA ARG F 124 -28.97 -9.13 -33.37
C ARG F 124 -30.19 -10.01 -33.07
N GLU F 125 -30.37 -11.05 -33.88
CA GLU F 125 -31.56 -11.89 -33.79
C GLU F 125 -31.38 -13.09 -32.86
N THR F 126 -30.21 -13.25 -32.25
CA THR F 126 -29.93 -14.43 -31.42
C THR F 126 -29.87 -14.01 -29.96
N MET F 127 -30.82 -14.50 -29.17
CA MET F 127 -30.86 -14.29 -27.72
C MET F 127 -30.77 -15.65 -27.05
N ASP F 128 -29.74 -15.84 -26.23
CA ASP F 128 -29.48 -17.16 -25.68
C ASP F 128 -29.94 -17.33 -24.23
N VAL F 129 -30.05 -16.25 -23.47
CA VAL F 129 -30.50 -16.30 -22.08
C VAL F 129 -31.69 -15.37 -21.93
N TRP F 130 -32.76 -15.88 -21.33
CA TRP F 130 -33.99 -15.15 -21.10
C TRP F 130 -34.29 -15.10 -19.61
N GLY F 131 -35.09 -14.10 -19.22
CA GLY F 131 -35.58 -14.01 -17.87
C GLY F 131 -36.84 -14.82 -17.67
N LYS F 132 -37.49 -14.61 -16.53
CA LYS F 132 -38.73 -15.31 -16.22
C LYS F 132 -39.96 -14.56 -16.69
N GLY F 133 -39.86 -13.24 -16.89
CA GLY F 133 -40.98 -12.46 -17.39
C GLY F 133 -41.89 -11.97 -16.28
N THR F 134 -42.43 -10.76 -16.42
CA THR F 134 -43.34 -10.19 -15.44
C THR F 134 -44.52 -9.55 -16.14
N THR F 135 -45.66 -9.50 -15.44
CA THR F 135 -46.93 -9.12 -16.04
C THR F 135 -47.24 -7.66 -15.80
N VAL F 136 -47.73 -6.99 -16.83
CA VAL F 136 -48.22 -5.62 -16.73
C VAL F 136 -49.66 -5.59 -17.21
N THR F 137 -50.56 -5.09 -16.37
CA THR F 137 -51.98 -5.01 -16.66
C THR F 137 -52.40 -3.54 -16.72
N VAL F 138 -53.23 -3.21 -17.70
CA VAL F 138 -53.72 -1.84 -17.89
C VAL F 138 -55.24 -1.93 -17.92
N SER F 139 -55.87 -1.68 -16.78
CA SER F 139 -57.32 -1.73 -16.69
C SER F 139 -57.90 -0.37 -16.31
N VAL G 22 33.94 -45.50 -22.76
CA VAL G 22 34.73 -44.80 -21.76
C VAL G 22 35.89 -44.07 -22.43
N LEU G 23 36.48 -43.12 -21.71
CA LEU G 23 37.61 -42.35 -22.18
C LEU G 23 38.89 -42.92 -21.57
N THR G 24 39.96 -42.94 -22.36
CA THR G 24 41.22 -43.55 -21.96
C THR G 24 42.33 -42.51 -21.94
N GLN G 25 43.08 -42.46 -20.84
CA GLN G 25 44.23 -41.59 -20.67
C GLN G 25 45.44 -42.40 -20.26
N PRO G 26 46.65 -41.91 -20.51
CA PRO G 26 47.84 -42.55 -19.95
C PRO G 26 47.78 -42.54 -18.43
N PRO G 27 48.12 -43.66 -17.78
CA PRO G 27 48.01 -43.72 -16.32
C PRO G 27 48.88 -42.71 -15.59
N SER G 28 50.08 -42.43 -16.09
CA SER G 28 50.99 -41.54 -15.36
C SER G 28 51.95 -40.87 -16.32
N VAL G 29 52.22 -39.59 -16.09
CA VAL G 29 53.23 -38.83 -16.83
C VAL G 29 54.05 -38.04 -15.82
N SER G 30 55.35 -37.94 -16.11
CA SER G 30 56.27 -37.22 -15.22
C SER G 30 57.20 -36.35 -16.06
N ALA G 31 57.68 -35.27 -15.45
CA ALA G 31 58.48 -34.28 -16.15
C ALA G 31 59.21 -33.41 -15.12
N ALA G 32 60.13 -32.59 -15.63
CA ALA G 32 60.96 -31.72 -14.82
C ALA G 32 60.30 -30.36 -14.64
N PRO G 33 60.68 -29.61 -13.59
CA PRO G 33 60.15 -28.26 -13.45
C PRO G 33 60.68 -27.35 -14.55
N GLY G 34 59.78 -26.56 -15.14
CA GLY G 34 60.09 -25.76 -16.30
C GLY G 34 59.84 -26.43 -17.63
N GLN G 35 59.45 -27.70 -17.64
CA GLN G 35 59.10 -28.42 -18.86
C GLN G 35 57.63 -28.19 -19.21
N LYS G 36 57.28 -28.60 -20.43
CA LYS G 36 55.90 -28.63 -20.89
C LYS G 36 55.52 -30.06 -21.22
N VAL G 37 54.39 -30.51 -20.68
CA VAL G 37 53.96 -31.89 -20.84
C VAL G 37 52.50 -31.91 -21.28
N THR G 38 52.14 -32.96 -22.02
CA THR G 38 50.82 -33.09 -22.60
C THR G 38 50.19 -34.40 -22.14
N ILE G 39 48.89 -34.34 -21.84
CA ILE G 39 48.10 -35.50 -21.44
C ILE G 39 47.05 -35.74 -22.51
N SER G 40 46.96 -36.98 -22.98
CA SER G 40 46.02 -37.34 -24.03
C SER G 40 44.79 -38.02 -23.45
N CYS G 41 43.66 -37.86 -24.14
CA CYS G 41 42.39 -38.46 -23.76
C CYS G 41 41.75 -38.98 -25.04
N SER G 42 41.71 -40.30 -25.19
CA SER G 42 41.24 -40.96 -26.40
C SER G 42 40.03 -41.84 -26.08
N GLY G 43 39.07 -41.87 -26.99
CA GLY G 43 37.89 -42.71 -26.87
C GLY G 43 37.35 -43.10 -28.23
N SER G 44 36.04 -42.90 -28.40
CA SER G 44 35.36 -43.26 -29.63
C SER G 44 34.70 -42.05 -30.28
N SER G 45 33.92 -42.27 -31.33
CA SER G 45 33.23 -41.18 -32.01
C SER G 45 31.91 -40.83 -31.33
N SER G 46 31.54 -41.56 -30.27
CA SER G 46 30.29 -41.29 -29.56
C SER G 46 30.44 -40.23 -28.48
N ASN G 47 31.66 -40.04 -27.94
CA ASN G 47 31.84 -39.16 -26.80
C ASN G 47 32.69 -37.98 -27.25
N ILE G 48 33.88 -38.19 -27.80
CA ILE G 48 34.75 -37.08 -28.16
C ILE G 48 34.60 -36.73 -29.64
N GLY G 49 34.31 -37.73 -30.47
CA GLY G 49 34.12 -37.47 -31.88
C GLY G 49 32.94 -36.59 -32.23
N ASN G 50 32.01 -36.39 -31.29
CA ASN G 50 30.84 -35.57 -31.57
C ASN G 50 30.42 -34.68 -30.40
N ASP G 51 31.33 -34.33 -29.49
CA ASP G 51 30.97 -33.49 -28.35
C ASP G 51 32.22 -32.82 -27.81
N TYR G 52 32.00 -31.80 -26.99
CA TYR G 52 33.07 -31.01 -26.42
C TYR G 52 33.72 -31.77 -25.25
N VAL G 53 34.88 -31.28 -24.82
CA VAL G 53 35.68 -31.93 -23.78
C VAL G 53 36.06 -30.92 -22.72
N SER G 54 35.97 -31.32 -21.46
CA SER G 54 36.39 -30.50 -20.34
C SER G 54 37.51 -31.20 -19.56
N TRP G 55 38.36 -30.40 -18.94
CA TRP G 55 39.51 -30.89 -18.18
C TRP G 55 39.45 -30.34 -16.76
N TYR G 56 39.57 -31.26 -15.79
CA TYR G 56 39.53 -30.95 -14.36
C TYR G 56 40.85 -31.33 -13.70
N GLN G 57 41.22 -30.57 -12.67
CA GLN G 57 42.38 -30.84 -11.83
C GLN G 57 41.92 -31.13 -10.41
N GLN G 58 42.55 -32.14 -9.78
CA GLN G 58 42.22 -32.55 -8.42
C GLN G 58 43.51 -32.71 -7.62
N LEU G 59 43.59 -31.98 -6.50
CA LEU G 59 44.63 -32.02 -5.48
C LEU G 59 44.16 -32.86 -4.29
N PRO G 60 45.07 -33.50 -3.56
CA PRO G 60 44.66 -34.37 -2.45
C PRO G 60 43.84 -33.61 -1.42
N GLY G 61 42.69 -34.19 -1.07
CA GLY G 61 41.81 -33.61 -0.09
C GLY G 61 40.98 -32.43 -0.56
N THR G 62 40.88 -32.21 -1.87
CA THR G 62 40.08 -31.12 -2.41
C THR G 62 39.21 -31.63 -3.54
N ALA G 63 38.12 -30.90 -3.79
CA ALA G 63 37.24 -31.20 -4.90
C ALA G 63 37.93 -30.89 -6.22
N PRO G 64 37.51 -31.54 -7.30
CA PRO G 64 38.12 -31.25 -8.61
C PRO G 64 37.91 -29.80 -9.03
N LYS G 65 38.90 -29.25 -9.72
CA LYS G 65 38.88 -27.88 -10.21
C LYS G 65 38.81 -27.90 -11.72
N LEU G 66 37.84 -27.17 -12.28
CA LEU G 66 37.71 -27.09 -13.73
C LEU G 66 38.86 -26.26 -14.31
N LEU G 67 39.63 -26.87 -15.21
CA LEU G 67 40.70 -26.17 -15.92
C LEU G 67 40.27 -25.70 -17.29
N ILE G 68 39.69 -26.58 -18.12
CA ILE G 68 39.40 -26.27 -19.50
C ILE G 68 37.96 -26.65 -19.82
N TYR G 69 37.25 -25.80 -20.56
CA TYR G 69 35.92 -26.11 -21.05
C TYR G 69 35.79 -25.63 -22.50
N ASP G 70 34.82 -26.20 -23.20
CA ASP G 70 34.55 -25.88 -24.61
C ASP G 70 35.77 -26.17 -25.48
N ASN G 71 36.50 -27.21 -25.07
CA ASN G 71 37.55 -27.87 -25.81
C ASN G 71 38.85 -27.08 -25.93
N ASN G 72 38.80 -25.76 -25.72
CA ASN G 72 40.04 -25.00 -25.66
C ASN G 72 39.96 -23.74 -24.81
N LYS G 73 39.03 -23.62 -23.87
CA LYS G 73 38.79 -22.35 -23.21
C LYS G 73 38.94 -22.50 -21.69
N ARG G 74 39.32 -21.39 -21.06
CA ARG G 74 39.60 -21.43 -19.63
C ARG G 74 38.68 -20.50 -18.87
N PRO G 75 38.37 -20.80 -17.61
CA PRO G 75 37.62 -19.86 -16.78
C PRO G 75 38.52 -18.78 -16.22
N SER G 76 37.93 -17.89 -15.44
CA SER G 76 38.71 -16.86 -14.76
C SER G 76 39.53 -17.47 -13.63
N GLY G 77 40.81 -17.09 -13.58
CA GLY G 77 41.71 -17.56 -12.55
C GLY G 77 42.66 -18.66 -12.99
N ILE G 78 42.49 -19.19 -14.20
CA ILE G 78 43.37 -20.24 -14.72
C ILE G 78 44.50 -19.59 -15.50
N PRO G 79 45.76 -19.92 -15.20
CA PRO G 79 46.89 -19.24 -15.85
C PRO G 79 46.98 -19.58 -17.33
N ASP G 80 47.86 -18.84 -18.00
CA ASP G 80 48.07 -19.02 -19.44
C ASP G 80 48.69 -20.37 -19.75
N ARG G 81 49.50 -20.91 -18.85
CA ARG G 81 50.27 -22.12 -19.12
C ARG G 81 49.40 -23.35 -19.33
N PHE G 82 48.13 -23.32 -18.94
CA PHE G 82 47.23 -24.43 -19.21
C PHE G 82 46.53 -24.21 -20.53
N SER G 83 46.59 -25.20 -21.40
CA SER G 83 45.95 -25.06 -22.71
C SER G 83 45.37 -26.41 -23.13
N GLY G 84 44.37 -26.36 -24.00
CA GLY G 84 43.72 -27.57 -24.46
C GLY G 84 43.37 -27.49 -25.93
N SER G 85 43.17 -28.67 -26.51
CA SER G 85 42.74 -28.78 -27.90
C SER G 85 42.15 -30.16 -28.11
N LYS G 86 41.47 -30.34 -29.25
CA LYS G 86 40.85 -31.61 -29.58
C LYS G 86 40.90 -31.81 -31.09
N SER G 87 41.45 -32.94 -31.52
CA SER G 87 41.57 -33.29 -32.93
C SER G 87 40.86 -34.63 -33.13
N GLY G 88 39.83 -34.64 -33.97
CA GLY G 88 39.14 -35.86 -34.33
C GLY G 88 38.56 -36.57 -33.13
N THR G 89 39.20 -37.65 -32.70
CA THR G 89 38.76 -38.43 -31.57
C THR G 89 39.53 -38.10 -30.28
N SER G 90 40.75 -37.58 -30.37
CA SER G 90 41.61 -37.44 -29.21
C SER G 90 41.72 -35.98 -28.78
N ALA G 91 41.71 -35.75 -27.47
CA ALA G 91 41.82 -34.43 -26.89
C ALA G 91 43.09 -34.34 -26.04
N THR G 92 43.79 -33.22 -26.18
CA THR G 92 45.07 -33.04 -25.52
C THR G 92 45.03 -31.85 -24.57
N LEU G 93 45.51 -32.06 -23.35
CA LEU G 93 45.77 -31.00 -22.39
C LEU G 93 47.27 -30.76 -22.35
N GLY G 94 47.67 -29.52 -22.09
CA GLY G 94 49.08 -29.16 -22.08
C GLY G 94 49.41 -28.17 -20.99
N ILE G 95 50.45 -28.48 -20.23
CA ILE G 95 50.93 -27.64 -19.13
C ILE G 95 52.36 -27.23 -19.44
N THR G 96 52.60 -25.92 -19.52
CA THR G 96 53.92 -25.37 -19.69
C THR G 96 54.36 -24.67 -18.41
N GLY G 97 55.65 -24.41 -18.30
CA GLY G 97 56.20 -23.77 -17.11
C GLY G 97 55.84 -24.53 -15.84
N LEU G 98 56.10 -25.84 -15.85
CA LEU G 98 55.58 -26.74 -14.83
C LEU G 98 56.16 -26.38 -13.46
N GLN G 99 55.31 -26.45 -12.45
CA GLN G 99 55.66 -26.11 -11.08
C GLN G 99 55.42 -27.30 -10.15
N THR G 100 55.96 -27.20 -8.94
CA THR G 100 55.77 -28.26 -7.95
C THR G 100 54.32 -28.37 -7.53
N GLY G 101 53.59 -27.26 -7.52
CA GLY G 101 52.19 -27.27 -7.16
C GLY G 101 51.27 -27.86 -8.21
N ASP G 102 51.80 -28.21 -9.38
CA ASP G 102 51.01 -28.79 -10.46
C ASP G 102 50.92 -30.31 -10.37
N GLU G 103 51.48 -30.91 -9.33
CA GLU G 103 51.43 -32.36 -9.16
C GLU G 103 50.04 -32.70 -8.63
N ALA G 104 49.22 -33.31 -9.48
CA ALA G 104 47.82 -33.55 -9.15
C ALA G 104 47.28 -34.62 -10.09
N ASN G 105 46.00 -34.91 -9.97
CA ASN G 105 45.31 -35.83 -10.88
C ASN G 105 44.48 -35.03 -11.87
N TYR G 106 44.60 -35.35 -13.16
CA TYR G 106 43.90 -34.63 -14.21
C TYR G 106 42.92 -35.55 -14.89
N TYR G 107 41.69 -35.08 -15.09
CA TYR G 107 40.61 -35.88 -15.64
C TYR G 107 39.99 -35.18 -16.84
N CYS G 108 39.69 -35.96 -17.89
CA CYS G 108 38.91 -35.47 -19.00
C CYS G 108 37.47 -35.94 -18.87
N ALA G 109 36.53 -35.08 -19.28
CA ALA G 109 35.12 -35.36 -19.15
C ALA G 109 34.39 -34.93 -20.41
N THR G 110 33.33 -35.66 -20.74
CA THR G 110 32.56 -35.36 -21.94
C THR G 110 31.14 -35.87 -21.76
N TRP G 111 30.27 -35.46 -22.69
CA TRP G 111 28.84 -35.78 -22.62
C TRP G 111 28.51 -36.86 -23.65
N ASP G 112 28.72 -38.11 -23.24
CA ASP G 112 28.31 -39.24 -24.06
C ASP G 112 26.81 -39.20 -24.26
N ARG G 113 26.37 -39.31 -25.51
CA ARG G 113 24.95 -39.18 -25.84
C ARG G 113 24.58 -40.12 -26.97
N ARG G 114 24.13 -41.32 -26.62
CA ARG G 114 23.48 -42.17 -27.62
C ARG G 114 22.34 -42.96 -26.99
N PRO G 115 22.60 -44.02 -26.17
CA PRO G 115 21.46 -44.75 -25.60
C PRO G 115 20.69 -43.91 -24.59
N THR G 116 21.41 -43.45 -23.58
CA THR G 116 20.93 -42.54 -22.55
C THR G 116 22.12 -41.69 -22.14
N ALA G 117 22.08 -40.41 -22.46
CA ALA G 117 23.26 -39.56 -22.33
C ALA G 117 23.67 -39.43 -20.87
N TYR G 118 24.99 -39.48 -20.64
CA TYR G 118 25.53 -39.42 -19.30
C TYR G 118 26.98 -38.91 -19.31
N VAL G 119 27.33 -38.08 -18.32
CA VAL G 119 28.67 -37.52 -18.22
C VAL G 119 29.67 -38.64 -17.98
N VAL G 120 30.73 -38.69 -18.79
CA VAL G 120 31.78 -39.69 -18.66
C VAL G 120 33.09 -38.98 -18.33
N PHE G 121 33.76 -39.44 -17.28
CA PHE G 121 35.09 -38.99 -16.92
C PHE G 121 36.13 -39.97 -17.45
N GLY G 122 37.34 -39.47 -17.63
CA GLY G 122 38.43 -40.32 -18.04
C GLY G 122 38.96 -41.14 -16.88
N GLY G 123 39.83 -42.11 -17.21
CA GLY G 123 40.44 -42.94 -16.19
C GLY G 123 41.30 -42.18 -15.21
N GLY G 124 41.86 -41.06 -15.64
CA GLY G 124 42.70 -40.24 -14.79
C GLY G 124 44.17 -40.39 -15.12
N THR G 125 44.91 -39.29 -14.98
CA THR G 125 46.35 -39.27 -15.21
C THR G 125 47.02 -38.60 -14.03
N LYS G 126 47.96 -39.30 -13.41
CA LYS G 126 48.68 -38.78 -12.25
C LYS G 126 50.00 -38.19 -12.72
N LEU G 127 50.15 -36.88 -12.59
CA LEU G 127 51.35 -36.17 -13.01
C LEU G 127 52.28 -36.03 -11.81
N THR G 128 53.54 -36.38 -12.00
CA THR G 128 54.56 -36.30 -10.96
C THR G 128 55.67 -35.33 -11.39
N VAL G 129 56.13 -34.51 -10.44
CA VAL G 129 57.29 -33.66 -10.63
C VAL G 129 58.47 -34.29 -9.89
N LEU G 130 59.67 -34.15 -10.45
CA LEU G 130 60.86 -34.74 -9.83
C LEU G 130 61.73 -33.70 -9.15
N VAL H 22 28.36 40.20 -35.95
CA VAL H 22 27.36 41.07 -35.33
C VAL H 22 26.34 41.50 -36.38
N LEU H 23 25.08 41.54 -35.97
CA LEU H 23 24.00 41.97 -36.84
C LEU H 23 23.89 43.49 -36.81
N THR H 24 23.56 44.08 -37.96
CA THR H 24 23.49 45.52 -38.10
C THR H 24 22.08 45.95 -38.49
N GLN H 25 21.53 46.92 -37.78
CA GLN H 25 20.23 47.49 -38.05
C GLN H 25 20.34 49.01 -38.18
N PRO H 26 19.41 49.65 -38.87
CA PRO H 26 19.35 51.12 -38.85
C PRO H 26 19.13 51.62 -37.43
N PRO H 27 19.87 52.66 -37.02
CA PRO H 27 19.74 53.15 -35.63
C PRO H 27 18.34 53.64 -35.28
N SER H 28 17.62 54.28 -36.20
CA SER H 28 16.33 54.85 -35.86
C SER H 28 15.46 54.95 -37.11
N VAL H 29 14.17 54.68 -36.94
CA VAL H 29 13.17 54.86 -37.99
C VAL H 29 11.94 55.49 -37.37
N SER H 30 11.32 56.41 -38.13
CA SER H 30 10.15 57.14 -37.66
C SER H 30 9.10 57.16 -38.75
N ALA H 31 7.84 57.29 -38.34
CA ALA H 31 6.72 57.20 -39.28
C ALA H 31 5.48 57.77 -38.61
N ALA H 32 4.44 57.98 -39.42
CA ALA H 32 3.16 58.52 -39.02
C ALA H 32 2.24 57.41 -38.52
N PRO H 33 1.24 57.74 -37.69
CA PRO H 33 0.27 56.72 -37.29
C PRO H 33 -0.56 56.26 -38.47
N GLY H 34 -0.88 54.97 -38.49
CA GLY H 34 -1.58 54.37 -39.60
C GLY H 34 -0.70 53.96 -40.76
N GLN H 35 0.61 54.12 -40.64
CA GLN H 35 1.55 53.79 -41.70
C GLN H 35 2.21 52.44 -41.46
N LYS H 36 2.86 51.93 -42.51
CA LYS H 36 3.61 50.68 -42.45
C LYS H 36 5.09 50.99 -42.60
N VAL H 37 5.91 50.43 -41.71
CA VAL H 37 7.35 50.68 -41.72
C VAL H 37 8.07 49.36 -41.55
N THR H 38 9.28 49.31 -42.11
CA THR H 38 10.09 48.09 -42.13
C THR H 38 11.44 48.37 -41.49
N ILE H 39 11.92 47.41 -40.70
CA ILE H 39 13.23 47.47 -40.05
C ILE H 39 14.08 46.34 -40.62
N SER H 40 15.29 46.69 -41.06
CA SER H 40 16.19 45.72 -41.66
C SER H 40 17.25 45.26 -40.67
N CYS H 41 17.72 44.02 -40.85
CA CYS H 41 18.76 43.42 -40.02
C CYS H 41 19.70 42.68 -40.96
N SER H 42 20.91 43.22 -41.12
CA SER H 42 21.89 42.69 -42.07
C SER H 42 23.15 42.27 -41.34
N GLY H 43 23.77 41.18 -41.80
CA GLY H 43 25.02 40.70 -41.25
C GLY H 43 25.81 39.95 -42.30
N SER H 44 26.24 38.73 -41.92
CA SER H 44 27.04 37.90 -42.81
C SER H 44 26.36 36.56 -43.08
N SER H 45 27.07 35.65 -43.76
CA SER H 45 26.53 34.34 -44.06
C SER H 45 26.69 33.37 -42.90
N SER H 46 27.33 33.79 -41.81
CA SER H 46 27.54 32.93 -40.65
C SER H 46 26.37 32.96 -39.67
N ASN H 47 25.58 34.04 -39.66
CA ASN H 47 24.54 34.19 -38.68
C ASN H 47 23.19 34.15 -39.37
N ILE H 48 22.93 35.00 -40.36
CA ILE H 48 21.62 35.03 -40.99
C ILE H 48 21.61 34.19 -42.26
N GLY H 49 22.74 34.13 -42.96
CA GLY H 49 22.82 33.34 -44.17
C GLY H 49 22.63 31.86 -43.99
N ASN H 50 22.72 31.36 -42.74
CA ASN H 50 22.57 29.92 -42.51
C ASN H 50 21.79 29.60 -41.23
N ASP H 51 20.94 30.50 -40.75
CA ASP H 51 20.18 30.24 -39.53
C ASP H 51 18.96 31.13 -39.49
N TYR H 52 18.02 30.76 -38.62
CA TYR H 52 16.76 31.47 -38.48
C TYR H 52 16.96 32.76 -37.70
N VAL H 53 15.94 33.62 -37.74
CA VAL H 53 16.00 34.96 -37.14
C VAL H 53 14.76 35.16 -36.28
N SER H 54 14.96 35.76 -35.10
CA SER H 54 13.87 36.12 -34.20
C SER H 54 13.87 37.63 -33.97
N TRP H 55 12.70 38.17 -33.70
CA TRP H 55 12.49 39.60 -33.48
C TRP H 55 11.81 39.82 -32.15
N TYR H 56 12.41 40.69 -31.33
CA TYR H 56 11.93 41.04 -30.00
C TYR H 56 11.59 42.53 -29.93
N GLN H 57 10.59 42.84 -29.10
CA GLN H 57 10.18 44.20 -28.80
C GLN H 57 10.41 44.51 -27.33
N GLN H 58 10.92 45.70 -27.04
CA GLN H 58 11.21 46.13 -25.68
C GLN H 58 10.65 47.53 -25.46
N LEU H 59 9.80 47.67 -24.44
CA LEU H 59 9.21 48.89 -23.91
C LEU H 59 9.97 49.34 -22.67
N PRO H 60 10.00 50.65 -22.39
CA PRO H 60 10.79 51.14 -21.25
C PRO H 60 10.33 50.50 -19.94
N GLY H 61 11.30 49.98 -19.18
CA GLY H 61 11.03 49.35 -17.91
C GLY H 61 10.44 47.96 -17.97
N THR H 62 10.49 47.30 -19.12
CA THR H 62 9.96 45.95 -19.26
C THR H 62 10.97 45.07 -19.97
N ALA H 63 10.85 43.77 -19.74
CA ALA H 63 11.68 42.79 -20.42
C ALA H 63 11.31 42.72 -21.89
N PRO H 64 12.24 42.30 -22.75
CA PRO H 64 11.92 42.16 -24.18
C PRO H 64 10.80 41.16 -24.42
N LYS H 65 9.99 41.44 -25.43
CA LYS H 65 8.86 40.60 -25.82
C LYS H 65 9.15 39.99 -27.18
N LEU H 66 9.02 38.67 -27.27
CA LEU H 66 9.22 38.00 -28.55
C LEU H 66 8.07 38.30 -29.50
N LEU H 67 8.39 38.87 -30.66
CA LEU H 67 7.41 39.11 -31.71
C LEU H 67 7.42 38.06 -32.79
N ILE H 68 8.59 37.73 -33.34
CA ILE H 68 8.68 36.85 -34.49
C ILE H 68 9.71 35.76 -34.21
N TYR H 69 9.38 34.52 -34.59
CA TYR H 69 10.32 33.41 -34.52
C TYR H 69 10.18 32.55 -35.77
N ASP H 70 11.22 31.79 -36.06
CA ASP H 70 11.30 30.91 -37.24
C ASP H 70 11.13 31.72 -38.52
N ASN H 71 11.65 32.95 -38.46
CA ASN H 71 11.89 33.84 -39.59
C ASN H 71 10.63 34.46 -40.19
N ASN H 72 9.46 33.86 -39.94
CA ASN H 72 8.23 34.52 -40.35
C ASN H 72 7.02 34.17 -39.49
N LYS H 73 7.18 33.71 -38.26
CA LYS H 73 6.06 33.16 -37.49
C LYS H 73 5.89 33.91 -36.18
N ARG H 74 4.66 33.91 -35.69
CA ARG H 74 4.34 34.67 -34.50
C ARG H 74 3.81 33.77 -33.39
N PRO H 75 4.02 34.12 -32.14
CA PRO H 75 3.38 33.38 -31.04
C PRO H 75 1.94 33.83 -30.85
N SER H 76 1.29 33.22 -29.86
CA SER H 76 -0.06 33.61 -29.51
C SER H 76 -0.06 34.98 -28.83
N GLY H 77 -0.93 35.86 -29.30
CA GLY H 77 -1.06 37.19 -28.75
C GLY H 77 -0.42 38.29 -29.57
N ILE H 78 0.33 37.95 -30.62
CA ILE H 78 0.94 38.95 -31.47
C ILE H 78 -0.04 39.29 -32.60
N PRO H 79 -0.37 40.57 -32.80
CA PRO H 79 -1.37 40.92 -33.81
C PRO H 79 -0.90 40.59 -35.23
N ASP H 80 -1.86 40.68 -36.16
CA ASP H 80 -1.57 40.41 -37.56
C ASP H 80 -0.61 41.43 -38.16
N ARG H 81 -0.66 42.67 -37.68
CA ARG H 81 0.11 43.76 -38.29
C ARG H 81 1.61 43.58 -38.19
N PHE H 82 2.09 42.68 -37.33
CA PHE H 82 3.51 42.38 -37.25
C PHE H 82 3.84 41.22 -38.17
N SER H 83 4.83 41.41 -39.04
CA SER H 83 5.20 40.35 -39.97
C SER H 83 6.70 40.39 -40.19
N GLY H 84 7.26 39.26 -40.61
CA GLY H 84 8.68 39.16 -40.82
C GLY H 84 9.01 38.27 -41.99
N SER H 85 10.22 38.45 -42.51
CA SER H 85 10.73 37.60 -43.59
C SER H 85 12.24 37.74 -43.63
N LYS H 86 12.88 36.86 -44.41
CA LYS H 86 14.34 36.84 -44.52
C LYS H 86 14.72 36.41 -45.92
N SER H 87 15.54 37.23 -46.58
CA SER H 87 16.01 36.96 -47.93
C SER H 87 17.54 36.97 -47.88
N GLY H 88 18.14 35.85 -48.26
CA GLY H 88 19.59 35.75 -48.36
C GLY H 88 20.28 36.04 -47.05
N THR H 89 20.89 37.22 -46.95
CA THR H 89 21.58 37.66 -45.76
C THR H 89 20.76 38.57 -44.87
N SER H 90 19.77 39.28 -45.41
CA SER H 90 19.07 40.32 -44.67
C SER H 90 17.67 39.87 -44.28
N ALA H 91 17.26 40.24 -43.06
CA ALA H 91 15.94 39.92 -42.54
C ALA H 91 15.17 41.19 -42.24
N THR H 92 13.90 41.22 -42.63
CA THR H 92 13.09 42.41 -42.47
C THR H 92 11.91 42.14 -41.56
N LEU H 93 11.68 43.06 -40.63
CA LEU H 93 10.46 43.13 -39.82
C LEU H 93 9.58 44.23 -40.37
N GLY H 94 8.28 44.08 -40.23
CA GLY H 94 7.33 45.03 -40.78
C GLY H 94 6.13 45.23 -39.90
N ILE H 95 5.81 46.50 -39.64
CA ILE H 95 4.68 46.88 -38.79
C ILE H 95 3.72 47.73 -39.62
N THR H 96 2.49 47.27 -39.74
CA THR H 96 1.43 48.01 -40.41
C THR H 96 0.43 48.50 -39.37
N GLY H 97 -0.40 49.46 -39.78
CA GLY H 97 -1.38 50.04 -38.89
C GLY H 97 -0.75 50.57 -37.61
N LEU H 98 0.30 51.38 -37.76
CA LEU H 98 1.14 51.76 -36.64
C LEU H 98 0.36 52.55 -35.61
N GLN H 99 0.66 52.29 -34.33
CA GLN H 99 -0.02 52.92 -33.21
C GLN H 99 0.98 53.63 -32.31
N THR H 100 0.46 54.47 -31.41
CA THR H 100 1.33 55.17 -30.47
C THR H 100 2.01 54.20 -29.51
N GLY H 101 1.35 53.10 -29.17
CA GLY H 101 1.93 52.11 -28.28
C GLY H 101 3.02 51.27 -28.90
N ASP H 102 3.27 51.44 -30.21
CA ASP H 102 4.31 50.68 -30.90
C ASP H 102 5.66 51.35 -30.84
N GLU H 103 5.78 52.47 -30.13
CA GLU H 103 7.07 53.16 -30.00
C GLU H 103 7.90 52.42 -28.97
N ALA H 104 8.93 51.73 -29.45
CA ALA H 104 9.72 50.83 -28.61
C ALA H 104 11.06 50.57 -29.30
N ASN H 105 11.87 49.71 -28.70
CA ASN H 105 13.11 49.25 -29.29
C ASN H 105 12.93 47.85 -29.84
N TYR H 106 13.37 47.63 -31.07
CA TYR H 106 13.21 46.34 -31.73
C TYR H 106 14.58 45.73 -32.00
N TYR H 107 14.72 44.46 -31.67
CA TYR H 107 16.00 43.76 -31.77
C TYR H 107 15.85 42.49 -32.60
N CYS H 108 16.83 42.24 -33.47
CA CYS H 108 16.92 40.98 -34.17
C CYS H 108 17.97 40.09 -33.49
N ALA H 109 17.68 38.80 -33.43
CA ALA H 109 18.53 37.83 -32.77
C ALA H 109 18.68 36.59 -33.63
N THR H 110 19.85 35.97 -33.55
CA THR H 110 20.12 34.78 -34.35
C THR H 110 21.16 33.93 -33.65
N TRP H 111 21.28 32.68 -34.12
CA TRP H 111 22.18 31.70 -33.51
C TRP H 111 23.44 31.55 -34.35
N ASP H 112 24.39 32.46 -34.11
CA ASP H 112 25.70 32.36 -34.73
C ASP H 112 26.37 31.06 -34.31
N ARG H 113 26.88 30.32 -35.29
CA ARG H 113 27.46 29.01 -35.02
C ARG H 113 28.63 28.76 -35.95
N ARG H 114 29.84 29.09 -35.50
CA ARG H 114 31.02 28.60 -36.19
C ARG H 114 32.14 28.29 -35.19
N PRO H 115 32.83 29.28 -34.58
CA PRO H 115 33.90 28.93 -33.64
C PRO H 115 33.35 28.28 -32.38
N THR H 116 32.48 29.03 -31.71
CA THR H 116 31.72 28.58 -30.54
C THR H 116 30.38 29.29 -30.62
N ALA H 117 29.32 28.52 -30.84
CA ALA H 117 28.03 29.12 -31.15
C ALA H 117 27.51 29.94 -29.98
N TYR H 118 26.92 31.09 -30.30
CA TYR H 118 26.39 31.99 -29.28
C TYR H 118 25.31 32.89 -29.85
N VAL H 119 24.26 33.16 -29.05
CA VAL H 119 23.16 34.02 -29.47
C VAL H 119 23.67 35.43 -29.69
N VAL H 120 23.38 36.00 -30.86
CA VAL H 120 23.77 37.37 -31.18
C VAL H 120 22.51 38.21 -31.37
N PHE H 121 22.46 39.34 -30.70
CA PHE H 121 21.40 40.33 -30.87
C PHE H 121 21.88 41.44 -31.80
N GLY H 122 20.93 42.08 -32.46
CA GLY H 122 21.26 43.22 -33.30
C GLY H 122 21.58 44.45 -32.46
N GLY H 123 22.10 45.47 -33.15
CA GLY H 123 22.41 46.71 -32.48
C GLY H 123 21.20 47.43 -31.91
N GLY H 124 20.03 47.21 -32.48
CA GLY H 124 18.81 47.81 -32.00
C GLY H 124 18.32 48.92 -32.90
N THR H 125 17.00 49.06 -33.01
CA THR H 125 16.39 50.12 -33.79
C THR H 125 15.29 50.77 -32.97
N LYS H 126 15.42 52.07 -32.75
CA LYS H 126 14.46 52.82 -31.95
C LYS H 126 13.43 53.44 -32.90
N LEU H 127 12.18 53.01 -32.77
CA LEU H 127 11.09 53.49 -33.61
C LEU H 127 10.36 54.61 -32.88
N THR H 128 10.09 55.71 -33.59
CA THR H 128 9.40 56.87 -33.03
C THR H 128 8.14 57.15 -33.84
N VAL H 129 7.06 57.49 -33.13
CA VAL H 129 5.81 57.93 -33.75
C VAL H 129 5.72 59.45 -33.59
N LEU H 130 5.15 60.10 -34.60
CA LEU H 130 5.00 61.56 -34.54
C LEU H 130 3.55 61.96 -34.29
N VAL I 22 -42.39 -9.37 -42.83
CA VAL I 22 -42.79 -10.33 -41.82
C VAL I 22 -42.56 -11.75 -42.36
N LEU I 23 -42.10 -12.63 -41.47
CA LEU I 23 -41.83 -14.02 -41.82
C LEU I 23 -43.12 -14.83 -41.67
N THR I 24 -43.31 -15.80 -42.56
CA THR I 24 -44.53 -16.59 -42.61
C THR I 24 -44.21 -18.06 -42.39
N GLN I 25 -44.95 -18.70 -41.50
CA GLN I 25 -44.83 -20.12 -41.19
C GLN I 25 -46.21 -20.78 -41.31
N PRO I 26 -46.24 -22.09 -41.56
CA PRO I 26 -47.51 -22.82 -41.46
C PRO I 26 -48.08 -22.71 -40.06
N PRO I 27 -49.39 -22.46 -39.93
CA PRO I 27 -49.97 -22.28 -38.60
C PRO I 27 -49.85 -23.50 -37.70
N SER I 28 -49.95 -24.71 -38.24
CA SER I 28 -49.93 -25.89 -37.40
C SER I 28 -49.44 -27.10 -38.21
N VAL I 29 -48.64 -27.94 -37.56
CA VAL I 29 -48.18 -29.21 -38.12
C VAL I 29 -48.31 -30.28 -37.05
N SER I 30 -48.71 -31.48 -37.46
CA SER I 30 -48.93 -32.58 -36.53
C SER I 30 -48.31 -33.85 -37.10
N ALA I 31 -47.94 -34.77 -36.19
CA ALA I 31 -47.30 -36.02 -36.58
C ALA I 31 -47.35 -36.98 -35.40
N ALA I 32 -47.05 -38.25 -35.70
CA ALA I 32 -47.00 -39.35 -34.75
C ALA I 32 -45.64 -39.41 -34.07
N PRO I 33 -45.56 -40.02 -32.89
CA PRO I 33 -44.25 -40.13 -32.23
C PRO I 33 -43.30 -41.03 -33.01
N GLY I 34 -42.01 -40.69 -32.96
CA GLY I 34 -41.01 -41.41 -33.70
C GLY I 34 -40.81 -40.94 -35.13
N GLN I 35 -41.52 -39.89 -35.55
CA GLN I 35 -41.44 -39.41 -36.92
C GLN I 35 -40.59 -38.14 -37.01
N LYS I 36 -40.26 -37.76 -38.23
CA LYS I 36 -39.52 -36.54 -38.52
C LYS I 36 -40.43 -35.56 -39.25
N VAL I 37 -40.47 -34.32 -38.77
CA VAL I 37 -41.32 -33.29 -39.35
C VAL I 37 -40.51 -32.01 -39.53
N THR I 38 -40.91 -31.22 -40.52
CA THR I 38 -40.20 -30.01 -40.90
C THR I 38 -41.15 -28.82 -40.84
N ILE I 39 -40.65 -27.69 -40.33
CA ILE I 39 -41.38 -26.43 -40.27
C ILE I 39 -40.68 -25.43 -41.17
N SER I 40 -41.45 -24.79 -42.05
CA SER I 40 -40.89 -23.84 -43.00
C SER I 40 -41.12 -22.41 -42.53
N CYS I 41 -40.22 -21.52 -42.93
CA CYS I 41 -40.28 -20.09 -42.60
C CYS I 41 -39.90 -19.33 -43.86
N SER I 42 -40.88 -18.67 -44.47
CA SER I 42 -40.70 -17.99 -45.75
C SER I 42 -41.01 -16.50 -45.60
N GLY I 43 -40.25 -15.66 -46.29
CA GLY I 43 -40.46 -14.23 -46.31
C GLY I 43 -39.98 -13.63 -47.60
N SER I 44 -39.18 -12.57 -47.48
CA SER I 44 -38.67 -11.85 -48.65
C SER I 44 -37.14 -11.86 -48.68
N SER I 45 -36.56 -11.12 -49.62
CA SER I 45 -35.11 -11.03 -49.72
C SER I 45 -34.52 -10.02 -48.75
N SER I 46 -35.36 -9.29 -48.02
CA SER I 46 -34.87 -8.30 -47.07
C SER I 46 -34.52 -8.90 -45.72
N ASN I 47 -35.11 -10.04 -45.37
CA ASN I 47 -34.92 -10.61 -44.03
C ASN I 47 -34.14 -11.92 -44.08
N ILE I 48 -34.65 -12.90 -44.83
CA ILE I 48 -34.01 -14.20 -44.90
C ILE I 48 -33.08 -14.29 -46.09
N GLY I 49 -33.42 -13.61 -47.18
CA GLY I 49 -32.58 -13.62 -48.35
C GLY I 49 -31.21 -12.99 -48.17
N ASN I 50 -31.02 -12.22 -47.09
CA ASN I 50 -29.72 -11.59 -46.88
C ASN I 50 -29.28 -11.58 -45.41
N ASP I 51 -29.76 -12.51 -44.59
CA ASP I 51 -29.38 -12.54 -43.19
C ASP I 51 -29.62 -13.93 -42.63
N TYR I 52 -29.00 -14.19 -41.47
CA TYR I 52 -29.08 -15.49 -40.82
C TYR I 52 -30.45 -15.65 -40.14
N VAL I 53 -30.74 -16.89 -39.73
CA VAL I 53 -32.03 -17.24 -39.16
C VAL I 53 -31.81 -18.01 -37.88
N SER I 54 -32.62 -17.71 -36.85
CA SER I 54 -32.60 -18.43 -35.58
C SER I 54 -33.97 -19.05 -35.32
N TRP I 55 -33.96 -20.15 -34.58
CA TRP I 55 -35.15 -20.90 -34.24
C TRP I 55 -35.26 -21.07 -32.74
N TYR I 56 -36.42 -20.70 -32.20
CA TYR I 56 -36.73 -20.76 -30.77
C TYR I 56 -37.89 -21.71 -30.51
N GLN I 57 -37.85 -22.36 -29.35
CA GLN I 57 -38.92 -23.22 -28.86
C GLN I 57 -39.52 -22.64 -27.59
N GLN I 58 -40.84 -22.68 -27.49
CA GLN I 58 -41.57 -22.16 -26.34
C GLN I 58 -42.59 -23.18 -25.87
N LEU I 59 -42.50 -23.56 -24.59
CA LEU I 59 -43.39 -24.42 -23.83
C LEU I 59 -44.33 -23.57 -22.97
N PRO I 60 -45.54 -24.05 -22.68
CA PRO I 60 -46.49 -23.23 -21.92
C PRO I 60 -45.94 -22.81 -20.56
N GLY I 61 -46.02 -21.52 -20.28
CA GLY I 61 -45.56 -20.97 -19.02
C GLY I 61 -44.06 -20.82 -18.89
N THR I 62 -43.31 -20.88 -19.99
CA THR I 62 -41.86 -20.72 -19.97
C THR I 62 -41.43 -19.74 -21.05
N ALA I 63 -40.27 -19.14 -20.84
CA ALA I 63 -39.66 -18.26 -21.82
C ALA I 63 -39.20 -19.06 -23.03
N PRO I 64 -39.13 -18.44 -24.21
CA PRO I 64 -38.64 -19.15 -25.39
C PRO I 64 -37.22 -19.64 -25.21
N LYS I 65 -36.93 -20.80 -25.81
CA LYS I 65 -35.62 -21.44 -25.73
C LYS I 65 -35.00 -21.46 -27.12
N LEU I 66 -33.77 -20.97 -27.22
CA LEU I 66 -33.08 -20.97 -28.50
C LEU I 66 -32.69 -22.37 -28.91
N LEU I 67 -33.19 -22.82 -30.06
CA LEU I 67 -32.82 -24.10 -30.63
C LEU I 67 -31.70 -24.01 -31.65
N ILE I 68 -31.82 -23.10 -32.63
CA ILE I 68 -30.87 -23.05 -33.75
C ILE I 68 -30.42 -21.61 -33.94
N TYR I 69 -29.12 -21.42 -34.17
CA TYR I 69 -28.58 -20.12 -34.54
C TYR I 69 -27.56 -20.30 -35.66
N ASP I 70 -27.31 -19.20 -36.37
CA ASP I 70 -26.38 -19.16 -37.50
C ASP I 70 -26.81 -20.15 -38.59
N ASN I 71 -28.12 -20.29 -38.70
CA ASN I 71 -28.84 -20.91 -39.81
C ASN I 71 -28.72 -22.44 -39.83
N ASN I 72 -27.71 -23.00 -39.16
CA ASN I 72 -27.68 -24.45 -39.02
C ASN I 72 -26.97 -24.94 -37.76
N LYS I 73 -26.84 -24.14 -36.72
CA LYS I 73 -25.98 -24.49 -35.61
C LYS I 73 -26.76 -24.49 -34.30
N ARG I 74 -26.30 -25.32 -33.36
CA ARG I 74 -27.03 -25.50 -32.12
C ARG I 74 -26.17 -25.11 -30.93
N PRO I 75 -26.77 -24.64 -29.83
CA PRO I 75 -26.02 -24.39 -28.61
C PRO I 75 -25.78 -25.68 -27.84
N SER I 76 -25.11 -25.55 -26.70
CA SER I 76 -24.89 -26.69 -25.83
C SER I 76 -26.19 -27.10 -25.15
N GLY I 77 -26.48 -28.40 -25.17
CA GLY I 77 -27.67 -28.94 -24.54
C GLY I 77 -28.79 -29.26 -25.50
N ILE I 78 -28.67 -28.92 -26.77
CA ILE I 78 -29.70 -29.22 -27.76
C ILE I 78 -29.37 -30.55 -28.42
N PRO I 79 -30.32 -31.49 -28.48
CA PRO I 79 -30.02 -32.82 -29.00
C PRO I 79 -29.76 -32.80 -30.50
N ASP I 80 -29.28 -33.95 -30.99
CA ASP I 80 -28.96 -34.10 -32.40
C ASP I 80 -30.20 -34.03 -33.29
N ARG I 81 -31.35 -34.46 -32.76
CA ARG I 81 -32.56 -34.57 -33.58
C ARG I 81 -33.08 -33.23 -34.09
N PHE I 82 -32.63 -32.12 -33.53
CA PHE I 82 -33.01 -30.81 -34.03
C PHE I 82 -31.98 -30.33 -35.05
N SER I 83 -32.46 -29.96 -36.23
CA SER I 83 -31.54 -29.50 -37.27
C SER I 83 -32.21 -28.40 -38.06
N GLY I 84 -31.38 -27.56 -38.70
CA GLY I 84 -31.91 -26.45 -39.46
C GLY I 84 -31.08 -26.20 -40.71
N SER I 85 -31.70 -25.50 -41.66
CA SER I 85 -31.01 -25.08 -42.88
C SER I 85 -31.79 -23.95 -43.51
N LYS I 86 -31.18 -23.31 -44.50
CA LYS I 86 -31.81 -22.19 -45.20
C LYS I 86 -31.39 -22.19 -46.66
N SER I 87 -32.36 -22.18 -47.56
CA SER I 87 -32.13 -22.17 -49.00
C SER I 87 -32.81 -20.91 -49.56
N GLY I 88 -32.01 -20.03 -50.15
CA GLY I 88 -32.55 -18.86 -50.81
C GLY I 88 -33.33 -17.96 -49.88
N THR I 89 -34.65 -18.01 -50.00
CA THR I 89 -35.55 -17.21 -49.17
C THR I 89 -36.13 -17.98 -48.00
N SER I 90 -36.22 -19.30 -48.08
CA SER I 90 -36.96 -20.09 -47.10
C SER I 90 -36.00 -20.86 -46.19
N ALA I 91 -36.33 -20.91 -44.91
CA ALA I 91 -35.54 -21.63 -43.92
C ALA I 91 -36.38 -22.73 -43.28
N THR I 92 -35.76 -23.90 -43.12
CA THR I 92 -36.48 -25.07 -42.62
C THR I 92 -35.85 -25.55 -41.31
N LEU I 93 -36.71 -25.83 -40.34
CA LEU I 93 -36.34 -26.52 -39.11
C LEU I 93 -36.86 -27.96 -39.21
N GLY I 94 -36.16 -28.88 -38.58
CA GLY I 94 -36.50 -30.29 -38.68
C GLY I 94 -36.28 -31.02 -37.37
N ILE I 95 -37.28 -31.79 -36.96
CA ILE I 95 -37.25 -32.55 -35.73
C ILE I 95 -37.45 -34.02 -36.07
N THR I 96 -36.48 -34.86 -35.68
CA THR I 96 -36.56 -36.29 -35.83
C THR I 96 -36.72 -36.94 -34.45
N GLY I 97 -37.12 -38.21 -34.46
CA GLY I 97 -37.33 -38.92 -33.21
C GLY I 97 -38.33 -38.22 -32.31
N LEU I 98 -39.48 -37.86 -32.88
CA LEU I 98 -40.41 -36.97 -32.22
C LEU I 98 -40.93 -37.56 -30.92
N GLN I 99 -40.94 -36.75 -29.87
CA GLN I 99 -41.35 -37.15 -28.53
C GLN I 99 -42.57 -36.37 -28.08
N THR I 100 -43.19 -36.83 -26.99
CA THR I 100 -44.35 -36.14 -26.46
C THR I 100 -43.97 -34.78 -25.87
N GLY I 101 -42.75 -34.64 -25.39
CA GLY I 101 -42.30 -33.38 -24.84
C GLY I 101 -41.96 -32.33 -25.88
N ASP I 102 -41.99 -32.69 -27.16
CA ASP I 102 -41.66 -31.77 -28.25
C ASP I 102 -42.87 -30.98 -28.72
N GLU I 103 -44.03 -31.16 -28.11
CA GLU I 103 -45.22 -30.41 -28.47
C GLU I 103 -45.10 -29.01 -27.87
N ALA I 104 -44.86 -28.02 -28.74
CA ALA I 104 -44.57 -26.67 -28.30
C ALA I 104 -44.83 -25.71 -29.46
N ASN I 105 -44.54 -24.43 -29.25
CA ASN I 105 -44.59 -23.43 -30.29
C ASN I 105 -43.19 -23.10 -30.78
N TYR I 106 -43.00 -23.11 -32.08
CA TYR I 106 -41.68 -22.87 -32.68
C TYR I 106 -41.72 -21.59 -33.49
N TYR I 107 -40.71 -20.75 -33.30
CA TYR I 107 -40.66 -19.43 -33.92
C TYR I 107 -39.34 -19.26 -34.67
N CYS I 108 -39.41 -18.68 -35.87
CA CYS I 108 -38.23 -18.26 -36.59
C CYS I 108 -38.03 -16.76 -36.41
N ALA I 109 -36.77 -16.35 -36.30
CA ALA I 109 -36.43 -14.95 -36.08
C ALA I 109 -35.25 -14.58 -36.96
N THR I 110 -35.24 -13.32 -37.40
CA THR I 110 -34.16 -12.85 -38.25
C THR I 110 -34.01 -11.33 -38.09
N TRP I 111 -32.87 -10.83 -38.56
CA TRP I 111 -32.51 -9.43 -38.40
C TRP I 111 -32.82 -8.67 -39.68
N ASP I 112 -34.08 -8.27 -39.81
CA ASP I 112 -34.50 -7.41 -40.91
C ASP I 112 -33.73 -6.10 -40.85
N ARG I 113 -33.20 -5.68 -41.99
CA ARG I 113 -32.33 -4.50 -42.03
C ARG I 113 -32.48 -3.79 -43.36
N ARG I 114 -33.32 -2.75 -43.40
CA ARG I 114 -33.28 -1.82 -44.52
C ARG I 114 -33.68 -0.42 -44.06
N PRO I 115 -34.98 -0.14 -43.74
CA PRO I 115 -35.32 1.22 -43.30
C PRO I 115 -34.74 1.51 -41.92
N THR I 116 -35.11 0.65 -40.97
CA THR I 116 -34.62 0.68 -39.60
C THR I 116 -34.58 -0.76 -39.13
N ALA I 117 -33.37 -1.31 -38.99
CA ALA I 117 -33.21 -2.73 -38.71
C ALA I 117 -33.85 -3.09 -37.36
N TYR I 118 -34.52 -4.23 -37.33
CA TYR I 118 -35.22 -4.67 -36.13
C TYR I 118 -35.47 -6.17 -36.17
N VAL I 119 -35.31 -6.85 -35.03
CA VAL I 119 -35.54 -8.29 -34.93
C VAL I 119 -36.99 -8.59 -35.27
N VAL I 120 -37.21 -9.53 -36.19
CA VAL I 120 -38.56 -9.90 -36.59
C VAL I 120 -38.74 -11.40 -36.37
N PHE I 121 -39.81 -11.77 -35.68
CA PHE I 121 -40.17 -13.15 -35.41
C PHE I 121 -41.23 -13.62 -36.41
N GLY I 122 -41.25 -14.93 -36.64
CA GLY I 122 -42.27 -15.51 -37.48
C GLY I 122 -43.62 -15.54 -36.78
N GLY I 123 -44.66 -15.88 -37.55
CA GLY I 123 -46.00 -15.95 -37.00
C GLY I 123 -46.18 -17.04 -35.96
N GLY I 124 -45.36 -18.07 -36.01
CA GLY I 124 -45.44 -19.16 -35.06
C GLY I 124 -46.09 -20.40 -35.67
N THR I 125 -45.65 -21.56 -35.20
CA THR I 125 -46.17 -22.84 -35.68
C THR I 125 -46.37 -23.77 -34.48
N LYS I 126 -47.60 -24.20 -34.28
CA LYS I 126 -47.95 -25.09 -33.18
C LYS I 126 -47.79 -26.53 -33.64
N LEU I 127 -46.90 -27.27 -32.98
CA LEU I 127 -46.66 -28.67 -33.29
C LEU I 127 -47.47 -29.53 -32.32
N THR I 128 -48.19 -30.51 -32.85
CA THR I 128 -49.03 -31.40 -32.06
C THR I 128 -48.58 -32.84 -32.25
N VAL I 129 -48.54 -33.59 -31.15
CA VAL I 129 -48.22 -35.02 -31.16
C VAL I 129 -49.51 -35.80 -31.06
N LEU I 130 -49.53 -36.97 -31.69
CA LEU I 130 -50.69 -37.86 -31.63
C LEU I 130 -50.36 -39.13 -30.86
#